data_6DJM
#
_entry.id   6DJM
#
_cell.length_a   1.0
_cell.length_b   1.0
_cell.length_c   1.0
_cell.angle_alpha   90.00
_cell.angle_beta   90.00
_cell.angle_gamma   90.00
#
_symmetry.space_group_name_H-M   'P 1'
#
loop_
_entity.id
_entity.type
_entity.pdbx_description
1 polymer 'Actin, alpha skeletal muscle'
2 non-polymer 'MAGNESIUM ION'
3 non-polymer 'PHOSPHOAMINOPHOSPHONIC ACID-ADENYLATE ESTER'
4 water water
#
_entity_poly.entity_id   1
_entity_poly.type   'polypeptide(L)'
_entity_poly.pdbx_seq_one_letter_code
;DEDETTALVCDNGSGLVKAGFAGDDAPRAVFPSIVGRPRHQGVMVGMGQKDSYVGDEAQSKRGILTLKYPIE(HIC)GII
TNWDDMEKIWHHTFYNELRVAPEEHPTLLTEAPLNPKANREKMTQIMFETFNVPAMYVAIQAVLSLYASGRTTGIVLDSG
DGVTHNVPIYEGYALPHAIMRLDLAGRDLTDYLMKILTERGYSFVTTAEREIVRDIKEKLCYVALDFENEMATAASSSSL
EKSYELPDGQVITIGNERFRCPETLFQPSFIGMESAGIHETTYNSIMKCDIDIRKDLYANNVMSGGTTMYPGIADRMQKE
ITALAPSTMKIKIIAPPERKYSVWIGGSILASLSTFQQMWITKQEYDEAGPSIVHRKCF
;
_entity_poly.pdbx_strand_id   A,B,C,D
#
loop_
_chem_comp.id
_chem_comp.type
_chem_comp.name
_chem_comp.formula
ANP non-polymer 'PHOSPHOAMINOPHOSPHONIC ACID-ADENYLATE ESTER' 'C10 H17 N6 O12 P3'
MG non-polymer 'MAGNESIUM ION' 'Mg 2'
#
# COMPACT_ATOMS: atom_id res chain seq x y z
N GLU A 4 -23.94 -38.95 31.93
CA GLU A 4 -23.83 -39.05 30.47
C GLU A 4 -23.03 -40.27 30.06
N THR A 5 -23.53 -41.03 29.09
CA THR A 5 -22.80 -42.20 28.62
C THR A 5 -21.73 -41.79 27.60
N THR A 6 -22.16 -41.29 26.43
CA THR A 6 -21.28 -41.00 25.31
C THR A 6 -22.09 -40.23 24.26
N ALA A 7 -21.44 -39.90 23.15
CA ALA A 7 -22.04 -39.13 22.09
C ALA A 7 -22.09 -39.94 20.80
N LEU A 8 -23.04 -39.60 19.93
CA LEU A 8 -23.25 -40.26 18.66
C LEU A 8 -22.57 -39.50 17.54
N VAL A 9 -22.00 -40.23 16.60
CA VAL A 9 -21.36 -39.64 15.43
C VAL A 9 -22.06 -40.25 14.20
N CYS A 10 -22.96 -39.49 13.60
CA CYS A 10 -23.73 -39.96 12.45
C CYS A 10 -23.21 -39.30 11.19
N ASP A 11 -22.34 -39.98 10.47
CA ASP A 11 -21.82 -39.49 9.19
C ASP A 11 -22.82 -39.88 8.10
N ASN A 12 -23.71 -38.97 7.76
CA ASN A 12 -24.64 -39.22 6.67
C ASN A 12 -23.97 -38.83 5.36
N GLY A 13 -23.72 -39.81 4.51
CA GLY A 13 -23.18 -39.58 3.20
C GLY A 13 -24.21 -39.80 2.11
N SER A 14 -23.79 -39.50 0.89
CA SER A 14 -24.66 -39.71 -0.26
C SER A 14 -24.80 -41.19 -0.59
N GLY A 15 -23.85 -42.03 -0.18
CA GLY A 15 -23.91 -43.43 -0.53
C GLY A 15 -24.01 -44.36 0.65
N LEU A 16 -23.39 -44.01 1.76
CA LEU A 16 -23.41 -44.83 2.95
C LEU A 16 -23.73 -43.98 4.15
N VAL A 17 -24.36 -44.59 5.14
CA VAL A 17 -24.61 -43.96 6.42
C VAL A 17 -23.68 -44.64 7.42
N LYS A 18 -22.60 -43.96 7.77
CA LYS A 18 -21.69 -44.43 8.81
C LYS A 18 -22.19 -43.89 10.14
N ALA A 19 -22.33 -44.77 11.12
CA ALA A 19 -22.80 -44.33 12.42
C ALA A 19 -22.18 -45.17 13.51
N GLY A 20 -22.10 -44.59 14.70
CA GLY A 20 -21.48 -45.27 15.80
C GLY A 20 -21.43 -44.37 17.00
N PHE A 21 -20.53 -44.70 17.91
CA PHE A 21 -20.34 -43.92 19.13
C PHE A 21 -18.98 -43.26 19.10
N ALA A 22 -18.85 -42.16 19.83
CA ALA A 22 -17.57 -41.48 19.94
C ALA A 22 -16.60 -42.31 20.78
N GLY A 23 -15.32 -42.19 20.47
CA GLY A 23 -14.32 -42.95 21.16
C GLY A 23 -14.05 -44.32 20.59
N ASP A 24 -14.79 -44.73 19.58
CA ASP A 24 -14.55 -46.00 18.91
C ASP A 24 -13.60 -45.80 17.74
N ASP A 25 -13.11 -46.90 17.19
CA ASP A 25 -12.19 -46.87 16.07
C ASP A 25 -12.82 -47.36 14.77
N ALA A 26 -14.10 -47.72 14.78
CA ALA A 26 -14.81 -48.15 13.59
C ALA A 26 -16.29 -47.95 13.83
N PRO A 27 -17.05 -47.56 12.80
CA PRO A 27 -18.49 -47.39 12.99
C PRO A 27 -19.19 -48.72 13.13
N ARG A 28 -20.17 -48.76 14.03
CA ARG A 28 -20.96 -49.96 14.27
C ARG A 28 -22.09 -50.13 13.28
N ALA A 29 -22.27 -49.17 12.38
CA ALA A 29 -23.46 -49.10 11.53
C ALA A 29 -23.03 -48.57 10.17
N VAL A 30 -22.77 -49.47 9.23
CA VAL A 30 -22.45 -49.09 7.86
C VAL A 30 -23.47 -49.77 6.96
N PHE A 31 -24.39 -48.99 6.42
CA PHE A 31 -25.43 -49.48 5.54
C PHE A 31 -25.69 -48.41 4.51
N PRO A 32 -26.13 -48.78 3.30
CA PRO A 32 -26.33 -47.77 2.26
C PRO A 32 -27.53 -46.88 2.54
N SER A 33 -27.46 -45.68 1.97
CA SER A 33 -28.47 -44.65 2.20
C SER A 33 -29.56 -44.76 1.13
N ILE A 34 -30.28 -45.87 1.17
CA ILE A 34 -31.27 -46.21 0.16
C ILE A 34 -32.60 -46.44 0.85
N VAL A 35 -33.65 -45.81 0.34
CA VAL A 35 -35.03 -46.08 0.76
C VAL A 35 -35.78 -46.60 -0.43
N GLY A 36 -36.24 -47.85 -0.35
CA GLY A 36 -36.93 -48.50 -1.45
C GLY A 36 -38.40 -48.71 -1.14
N ARG A 37 -39.23 -48.39 -2.11
CA ARG A 37 -40.65 -48.70 -2.19
C ARG A 37 -40.88 -49.86 -3.14
N PRO A 38 -41.78 -50.78 -2.82
CA PRO A 38 -42.09 -51.86 -3.77
C PRO A 38 -42.91 -51.34 -4.93
N ARG A 39 -42.68 -51.92 -6.10
CA ARG A 39 -43.31 -51.43 -7.31
C ARG A 39 -44.22 -52.44 -8.00
N HIS A 40 -44.19 -53.70 -7.62
CA HIS A 40 -45.04 -54.70 -8.24
C HIS A 40 -46.33 -54.84 -7.45
N GLN A 41 -47.08 -55.90 -7.75
CA GLN A 41 -48.47 -56.00 -7.32
C GLN A 41 -48.60 -56.33 -5.84
N GLY A 42 -48.12 -57.49 -5.43
CA GLY A 42 -48.27 -57.90 -4.05
C GLY A 42 -49.48 -58.78 -3.89
N VAL A 43 -49.27 -60.09 -3.72
CA VAL A 43 -50.38 -61.02 -3.79
C VAL A 43 -50.43 -61.98 -2.60
N MET A 44 -49.36 -62.17 -1.85
CA MET A 44 -49.42 -62.98 -0.65
C MET A 44 -49.97 -62.15 0.50
N VAL A 45 -51.04 -62.64 1.12
CA VAL A 45 -51.73 -61.89 2.17
C VAL A 45 -50.94 -61.98 3.47
N GLY A 46 -50.68 -60.82 4.06
CA GLY A 46 -49.95 -60.78 5.32
C GLY A 46 -48.48 -61.07 5.11
N MET A 47 -47.94 -61.96 5.96
CA MET A 47 -46.57 -62.48 5.98
C MET A 47 -45.49 -61.41 5.80
N GLY A 48 -45.66 -60.30 6.50
CA GLY A 48 -44.60 -59.32 6.69
C GLY A 48 -44.22 -58.51 5.47
N GLN A 49 -45.12 -57.66 5.00
CA GLN A 49 -44.83 -56.72 3.91
C GLN A 49 -44.94 -55.31 4.46
N LYS A 50 -43.81 -54.61 4.50
CA LYS A 50 -43.81 -53.23 4.96
C LYS A 50 -44.04 -52.29 3.78
N ASP A 51 -44.36 -51.04 4.12
CA ASP A 51 -44.57 -50.02 3.09
C ASP A 51 -43.26 -49.53 2.51
N SER A 52 -42.17 -49.64 3.25
CA SER A 52 -40.88 -49.14 2.82
C SER A 52 -39.77 -50.00 3.37
N TYR A 53 -38.66 -50.05 2.67
CA TYR A 53 -37.49 -50.81 3.08
C TYR A 53 -36.27 -49.90 3.01
N VAL A 54 -35.48 -49.88 4.08
CA VAL A 54 -34.39 -48.92 4.23
C VAL A 54 -33.09 -49.68 4.43
N GLY A 55 -32.08 -49.31 3.64
CA GLY A 55 -30.72 -49.70 3.96
C GLY A 55 -30.31 -51.10 3.54
N ASP A 56 -29.91 -51.91 4.52
CA ASP A 56 -29.46 -53.26 4.23
C ASP A 56 -30.61 -54.17 3.83
N GLU A 57 -31.82 -53.86 4.29
CA GLU A 57 -32.98 -54.67 3.92
C GLU A 57 -33.39 -54.41 2.48
N ALA A 58 -33.40 -53.14 2.07
CA ALA A 58 -33.72 -52.82 0.69
C ALA A 58 -32.61 -53.23 -0.27
N GLN A 59 -31.39 -53.41 0.23
CA GLN A 59 -30.32 -53.91 -0.62
C GLN A 59 -30.50 -55.39 -0.92
N SER A 60 -31.14 -56.13 0.01
CA SER A 60 -31.36 -57.55 -0.21
C SER A 60 -32.58 -57.79 -1.09
N LYS A 61 -33.66 -57.05 -0.87
CA LYS A 61 -34.91 -57.21 -1.60
C LYS A 61 -35.00 -56.31 -2.82
N ARG A 62 -33.89 -55.96 -3.45
CA ARG A 62 -33.88 -54.86 -4.40
C ARG A 62 -34.45 -55.21 -5.76
N GLY A 63 -34.76 -56.48 -6.03
CA GLY A 63 -35.27 -56.84 -7.33
C GLY A 63 -36.70 -56.39 -7.58
N ILE A 64 -37.44 -56.10 -6.51
CA ILE A 64 -38.84 -55.75 -6.56
C ILE A 64 -39.10 -54.35 -6.03
N LEU A 65 -38.06 -53.54 -5.87
CA LEU A 65 -38.14 -52.24 -5.25
C LEU A 65 -37.67 -51.15 -6.18
N THR A 66 -38.28 -49.98 -6.05
CA THR A 66 -37.82 -48.77 -6.72
C THR A 66 -36.90 -48.05 -5.75
N LEU A 67 -35.61 -48.33 -5.85
CA LEU A 67 -34.65 -47.77 -4.93
C LEU A 67 -34.38 -46.33 -5.30
N LYS A 68 -34.22 -45.49 -4.28
CA LYS A 68 -33.83 -44.11 -4.54
C LYS A 68 -33.04 -43.59 -3.36
N TYR A 69 -32.20 -42.64 -3.64
CA TYR A 69 -31.33 -41.99 -2.68
C TYR A 69 -31.95 -40.68 -2.24
N PRO A 70 -32.11 -40.44 -0.94
CA PRO A 70 -32.62 -39.14 -0.51
C PRO A 70 -31.60 -38.03 -0.60
N ILE A 71 -30.32 -38.36 -0.67
CA ILE A 71 -29.25 -37.37 -0.74
C ILE A 71 -28.65 -37.42 -2.13
N GLU A 72 -28.79 -36.34 -2.87
CA GLU A 72 -28.13 -36.22 -4.16
C GLU A 72 -27.19 -35.02 -4.15
N HIC A 73 -25.91 -35.29 -4.38
CA HIC A 73 -24.84 -34.31 -4.41
C HIC A 73 -24.75 -33.52 -3.12
O HIC A 73 -24.56 -32.32 -3.08
CB HIC A 73 -24.92 -33.23 -5.51
CG HIC A 73 -25.08 -33.76 -6.87
ND1 HIC A 73 -24.33 -34.82 -7.40
CD2 HIC A 73 -26.00 -33.30 -7.82
CE1 HIC A 73 -24.78 -34.98 -8.66
NE2 HIC A 73 -25.80 -34.07 -8.96
CZ HIC A 73 -26.50 -33.97 -10.18
N GLY A 74 -24.90 -34.23 -2.01
CA GLY A 74 -24.82 -33.60 -0.71
C GLY A 74 -26.11 -32.99 -0.21
N ILE A 75 -26.89 -32.43 -1.12
CA ILE A 75 -28.16 -31.79 -0.76
C ILE A 75 -29.19 -32.87 -0.49
N ILE A 76 -29.80 -32.84 0.68
CA ILE A 76 -30.93 -33.73 0.99
C ILE A 76 -32.16 -33.19 0.28
N THR A 77 -32.72 -34.00 -0.62
CA THR A 77 -33.85 -33.55 -1.43
C THR A 77 -35.18 -34.16 -1.02
N ASN A 78 -35.19 -35.16 -0.14
CA ASN A 78 -36.37 -35.97 0.11
C ASN A 78 -36.55 -36.17 1.62
N TRP A 79 -36.71 -35.07 2.35
CA TRP A 79 -36.71 -35.03 3.82
C TRP A 79 -37.63 -36.03 4.51
N ASP A 80 -38.65 -36.55 3.82
CA ASP A 80 -39.41 -37.67 4.37
C ASP A 80 -38.55 -38.93 4.46
N ASP A 81 -37.81 -39.23 3.39
CA ASP A 81 -36.97 -40.42 3.39
C ASP A 81 -35.73 -40.26 4.26
N MET A 82 -35.27 -39.04 4.48
CA MET A 82 -34.08 -38.87 5.31
C MET A 82 -34.43 -39.01 6.78
N GLU A 83 -35.62 -38.61 7.17
CA GLU A 83 -36.12 -38.89 8.51
C GLU A 83 -36.39 -40.37 8.70
N LYS A 84 -36.57 -41.11 7.61
CA LYS A 84 -36.79 -42.55 7.66
C LYS A 84 -35.47 -43.32 7.82
N ILE A 85 -34.38 -42.78 7.29
CA ILE A 85 -33.07 -43.41 7.48
C ILE A 85 -32.56 -43.17 8.89
N TRP A 86 -32.68 -41.94 9.38
CA TRP A 86 -32.28 -41.61 10.75
C TRP A 86 -33.07 -42.39 11.77
N HIS A 87 -34.35 -42.64 11.50
CA HIS A 87 -35.14 -43.49 12.37
C HIS A 87 -34.65 -44.93 12.33
N HIS A 88 -34.22 -45.39 11.16
CA HIS A 88 -33.64 -46.72 11.04
C HIS A 88 -32.25 -46.77 11.65
N THR A 89 -31.53 -45.64 11.62
CA THR A 89 -30.14 -45.64 12.09
C THR A 89 -30.08 -45.73 13.60
N PHE A 90 -30.92 -44.97 14.30
CA PHE A 90 -30.85 -44.92 15.75
C PHE A 90 -31.54 -46.11 16.38
N TYR A 91 -32.78 -46.38 15.98
CA TYR A 91 -33.57 -47.42 16.64
C TYR A 91 -33.21 -48.80 16.13
N ASN A 92 -33.35 -49.02 14.82
CA ASN A 92 -33.19 -50.37 14.29
C ASN A 92 -31.74 -50.80 14.19
N GLU A 93 -30.80 -49.88 14.21
CA GLU A 93 -29.43 -50.25 13.88
C GLU A 93 -28.43 -49.99 14.99
N LEU A 94 -28.53 -48.86 15.69
CA LEU A 94 -27.70 -48.64 16.87
C LEU A 94 -28.37 -49.06 18.16
N ARG A 95 -29.71 -49.07 18.17
CA ARG A 95 -30.55 -49.41 19.33
C ARG A 95 -30.24 -48.51 20.52
N VAL A 96 -30.45 -47.22 20.31
CA VAL A 96 -30.21 -46.21 21.33
C VAL A 96 -31.52 -45.47 21.58
N ALA A 97 -31.47 -44.61 22.59
CA ALA A 97 -32.52 -43.61 22.80
C ALA A 97 -31.98 -42.27 22.37
N PRO A 98 -32.59 -41.61 21.38
CA PRO A 98 -32.02 -40.33 20.90
C PRO A 98 -32.14 -39.18 21.88
N GLU A 99 -32.95 -39.30 22.92
CA GLU A 99 -33.11 -38.25 23.91
C GLU A 99 -32.03 -38.27 24.98
N GLU A 100 -30.93 -39.00 24.78
CA GLU A 100 -29.93 -39.13 25.83
C GLU A 100 -28.54 -38.85 25.29
N HIS A 101 -28.34 -39.06 24.00
CA HIS A 101 -27.02 -38.91 23.41
C HIS A 101 -26.95 -37.69 22.51
N PRO A 102 -25.89 -36.89 22.63
CA PRO A 102 -25.70 -35.79 21.68
C PRO A 102 -25.12 -36.27 20.37
N THR A 103 -25.63 -35.72 19.28
CA THR A 103 -25.41 -36.27 17.94
C THR A 103 -24.51 -35.35 17.13
N LEU A 104 -23.41 -35.90 16.64
CA LEU A 104 -22.49 -35.17 15.77
C LEU A 104 -22.85 -35.49 14.32
N LEU A 105 -23.18 -34.46 13.55
CA LEU A 105 -23.54 -34.63 12.16
C LEU A 105 -22.46 -34.02 11.27
N THR A 106 -22.35 -34.54 10.05
CA THR A 106 -21.39 -34.05 9.08
C THR A 106 -22.13 -33.60 7.82
N GLU A 107 -21.58 -32.62 7.13
CA GLU A 107 -22.05 -32.28 5.81
C GLU A 107 -20.93 -31.62 5.01
N ALA A 108 -21.14 -31.52 3.73
CA ALA A 108 -20.16 -31.01 2.78
C ALA A 108 -20.05 -29.48 2.90
N PRO A 109 -18.90 -28.92 2.59
CA PRO A 109 -18.79 -27.46 2.52
C PRO A 109 -19.42 -26.91 1.26
N LEU A 110 -19.64 -25.59 1.28
CA LEU A 110 -20.36 -24.84 0.24
C LEU A 110 -21.71 -25.48 -0.05
N ASN A 111 -22.53 -25.56 0.98
CA ASN A 111 -23.78 -26.30 0.92
C ASN A 111 -24.89 -25.29 1.19
N PRO A 112 -26.15 -25.59 0.82
CA PRO A 112 -27.24 -24.66 1.11
C PRO A 112 -27.46 -24.41 2.59
N LYS A 113 -27.96 -23.20 2.89
CA LYS A 113 -28.23 -22.82 4.27
C LYS A 113 -29.41 -23.62 4.81
N ALA A 114 -30.40 -23.87 3.97
CA ALA A 114 -31.59 -24.59 4.38
C ALA A 114 -31.32 -26.07 4.59
N ASN A 115 -30.22 -26.59 4.07
CA ASN A 115 -29.88 -27.98 4.30
C ASN A 115 -29.42 -28.19 5.74
N ARG A 116 -28.75 -27.20 6.32
CA ARG A 116 -28.24 -27.33 7.67
C ARG A 116 -29.26 -26.93 8.71
N GLU A 117 -30.14 -25.98 8.39
CA GLU A 117 -31.23 -25.62 9.28
C GLU A 117 -32.23 -26.76 9.43
N LYS A 118 -32.46 -27.51 8.36
CA LYS A 118 -33.47 -28.55 8.40
C LYS A 118 -32.97 -29.81 9.08
N MET A 119 -31.65 -30.06 9.03
CA MET A 119 -31.09 -31.10 9.90
C MET A 119 -31.25 -30.72 11.37
N THR A 120 -31.04 -29.45 11.69
CA THR A 120 -31.13 -28.99 13.08
C THR A 120 -32.57 -29.04 13.57
N GLN A 121 -33.52 -28.72 12.70
CA GLN A 121 -34.92 -28.76 13.10
C GLN A 121 -35.40 -30.19 13.34
N ILE A 122 -34.89 -31.16 12.57
CA ILE A 122 -35.30 -32.54 12.76
C ILE A 122 -34.70 -33.14 14.03
N MET A 123 -33.44 -32.85 14.31
CA MET A 123 -32.79 -33.49 15.45
C MET A 123 -33.30 -32.97 16.78
N PHE A 124 -33.97 -31.82 16.82
CA PHE A 124 -34.58 -31.35 18.06
C PHE A 124 -36.09 -31.51 18.11
N GLU A 125 -36.80 -31.23 17.03
CA GLU A 125 -38.25 -31.29 17.11
C GLU A 125 -38.81 -32.69 16.91
N THR A 126 -38.02 -33.62 16.38
CA THR A 126 -38.47 -34.98 16.13
C THR A 126 -37.79 -36.00 17.01
N PHE A 127 -36.47 -35.93 17.13
CA PHE A 127 -35.74 -36.88 17.95
C PHE A 127 -35.46 -36.39 19.35
N ASN A 128 -35.44 -35.06 19.54
CA ASN A 128 -35.28 -34.39 20.83
C ASN A 128 -33.96 -34.78 21.50
N VAL A 129 -32.87 -34.55 20.76
CA VAL A 129 -31.53 -34.87 21.26
C VAL A 129 -31.14 -33.83 22.30
N PRO A 130 -30.21 -34.12 23.21
CA PRO A 130 -29.79 -33.07 24.16
C PRO A 130 -28.97 -31.99 23.50
N ALA A 131 -28.17 -32.33 22.49
CA ALA A 131 -27.25 -31.40 21.88
C ALA A 131 -26.88 -31.93 20.50
N MET A 132 -26.42 -31.04 19.65
CA MET A 132 -25.94 -31.45 18.34
C MET A 132 -24.88 -30.49 17.87
N TYR A 133 -24.21 -30.89 16.79
CA TYR A 133 -23.17 -30.06 16.17
C TYR A 133 -22.98 -30.57 14.75
N VAL A 134 -22.99 -29.66 13.78
CA VAL A 134 -22.75 -30.00 12.39
C VAL A 134 -21.33 -29.63 12.05
N ALA A 135 -20.54 -30.60 11.61
CA ALA A 135 -19.15 -30.37 11.27
C ALA A 135 -18.93 -30.52 9.77
N ILE A 136 -17.86 -29.93 9.29
CA ILE A 136 -17.50 -30.03 7.89
C ILE A 136 -16.63 -31.26 7.72
N GLN A 137 -16.89 -32.02 6.64
CA GLN A 137 -16.30 -33.35 6.49
C GLN A 137 -14.81 -33.30 6.28
N ALA A 138 -14.32 -32.32 5.54
CA ALA A 138 -12.89 -32.25 5.29
C ALA A 138 -12.10 -31.68 6.45
N VAL A 139 -12.77 -31.06 7.43
CA VAL A 139 -12.12 -30.79 8.70
C VAL A 139 -11.92 -32.08 9.47
N LEU A 140 -12.95 -32.92 9.49
CA LEU A 140 -12.89 -34.18 10.23
C LEU A 140 -12.00 -35.20 9.58
N SER A 141 -11.71 -35.07 8.28
CA SER A 141 -10.78 -35.98 7.65
C SER A 141 -9.34 -35.73 8.07
N LEU A 142 -9.08 -34.62 8.76
CA LEU A 142 -7.73 -34.25 9.13
C LEU A 142 -7.45 -34.52 10.61
N TYR A 143 -8.49 -34.63 11.44
CA TYR A 143 -8.32 -35.21 12.77
C TYR A 143 -7.94 -36.68 12.68
N ALA A 144 -8.44 -37.39 11.67
CA ALA A 144 -8.22 -38.82 11.57
C ALA A 144 -6.77 -39.14 11.26
N SER A 145 -6.10 -38.29 10.51
CA SER A 145 -4.66 -38.40 10.32
C SER A 145 -3.88 -37.71 11.42
N GLY A 146 -4.57 -37.06 12.36
CA GLY A 146 -3.96 -36.44 13.52
C GLY A 146 -3.07 -35.26 13.17
N ARG A 147 -3.60 -34.30 12.43
CA ARG A 147 -2.79 -33.21 11.90
C ARG A 147 -3.48 -31.87 12.08
N THR A 148 -2.75 -30.84 11.68
CA THR A 148 -3.24 -29.49 11.61
C THR A 148 -3.11 -28.89 10.22
N THR A 149 -2.17 -29.36 9.41
CA THR A 149 -1.84 -28.75 8.14
C THR A 149 -2.10 -29.73 7.02
N GLY A 150 -2.80 -29.29 5.98
CA GLY A 150 -2.95 -30.09 4.79
C GLY A 150 -4.17 -29.74 3.99
N ILE A 151 -4.10 -29.92 2.70
CA ILE A 151 -5.29 -29.82 1.86
C ILE A 151 -5.91 -31.21 1.80
N VAL A 152 -7.23 -31.27 1.84
CA VAL A 152 -7.97 -32.51 1.97
C VAL A 152 -8.77 -32.74 0.71
N LEU A 153 -8.46 -33.80 -0.01
CA LEU A 153 -9.26 -34.20 -1.18
C LEU A 153 -10.26 -35.24 -0.70
N ASP A 154 -11.48 -34.81 -0.38
CA ASP A 154 -12.52 -35.70 0.13
C ASP A 154 -13.48 -35.97 -1.00
N SER A 155 -13.31 -37.11 -1.66
CA SER A 155 -14.15 -37.51 -2.78
C SER A 155 -15.00 -38.68 -2.31
N GLY A 156 -16.31 -38.44 -2.21
CA GLY A 156 -17.20 -39.49 -1.77
C GLY A 156 -18.13 -39.97 -2.87
N ASP A 157 -19.41 -40.11 -2.57
CA ASP A 157 -20.37 -40.59 -3.54
C ASP A 157 -21.25 -39.48 -4.10
N GLY A 158 -21.21 -38.29 -3.53
CA GLY A 158 -22.02 -37.22 -4.06
C GLY A 158 -21.27 -35.96 -4.43
N VAL A 159 -20.08 -35.78 -3.84
CA VAL A 159 -19.40 -34.50 -3.93
C VAL A 159 -17.91 -34.73 -3.69
N THR A 160 -17.09 -34.03 -4.48
CA THR A 160 -15.64 -34.00 -4.31
C THR A 160 -15.25 -32.59 -3.96
N HIS A 161 -14.53 -32.41 -2.86
CA HIS A 161 -14.22 -31.05 -2.43
C HIS A 161 -12.86 -30.98 -1.77
N ASN A 162 -12.11 -29.94 -2.15
CA ASN A 162 -10.84 -29.60 -1.53
C ASN A 162 -11.05 -28.55 -0.45
N VAL A 163 -10.47 -28.76 0.71
CA VAL A 163 -10.46 -27.74 1.75
C VAL A 163 -9.03 -27.56 2.24
N PRO A 164 -8.37 -26.44 1.92
CA PRO A 164 -7.03 -26.20 2.45
C PRO A 164 -7.10 -25.74 3.90
N ILE A 165 -6.34 -26.41 4.76
CA ILE A 165 -6.32 -26.11 6.17
C ILE A 165 -4.86 -25.97 6.56
N TYR A 166 -4.45 -24.75 6.90
CA TYR A 166 -3.14 -24.51 7.48
C TYR A 166 -3.32 -24.65 9.00
N GLU A 167 -2.38 -24.15 9.82
CA GLU A 167 -2.17 -24.66 11.17
C GLU A 167 -3.36 -24.30 12.08
N GLY A 168 -4.43 -25.06 11.90
CA GLY A 168 -5.67 -24.85 12.60
C GLY A 168 -6.65 -23.93 11.91
N TYR A 169 -6.22 -23.20 10.89
CA TYR A 169 -7.02 -22.13 10.31
C TYR A 169 -7.44 -22.54 8.91
N ALA A 170 -8.75 -22.60 8.68
CA ALA A 170 -9.29 -22.93 7.38
C ALA A 170 -9.32 -21.70 6.50
N LEU A 171 -9.13 -21.91 5.20
CA LEU A 171 -9.09 -20.84 4.22
C LEU A 171 -10.34 -20.97 3.36
N PRO A 172 -11.44 -20.32 3.72
CA PRO A 172 -12.72 -20.61 3.06
C PRO A 172 -12.86 -20.07 1.67
N HIS A 173 -11.92 -19.24 1.22
CA HIS A 173 -11.96 -18.72 -0.14
C HIS A 173 -11.29 -19.65 -1.14
N ALA A 174 -10.57 -20.67 -0.68
CA ALA A 174 -9.90 -21.62 -1.54
C ALA A 174 -10.60 -22.97 -1.57
N ILE A 175 -11.77 -23.07 -0.95
CA ILE A 175 -12.51 -24.33 -0.92
C ILE A 175 -13.16 -24.53 -2.28
N MET A 176 -12.70 -25.54 -3.01
CA MET A 176 -13.32 -25.97 -4.24
C MET A 176 -14.38 -27.01 -3.93
N ARG A 177 -15.42 -27.05 -4.75
CA ARG A 177 -16.47 -28.06 -4.63
C ARG A 177 -16.81 -28.55 -6.03
N LEU A 178 -16.55 -29.81 -6.29
CA LEU A 178 -16.78 -30.42 -7.59
C LEU A 178 -17.78 -31.56 -7.41
N ASP A 179 -18.91 -31.49 -8.13
CA ASP A 179 -19.99 -32.45 -7.96
C ASP A 179 -19.82 -33.69 -8.82
N LEU A 180 -18.59 -34.03 -9.21
CA LEU A 180 -18.29 -35.31 -9.80
C LEU A 180 -17.86 -36.23 -8.67
N ALA A 181 -18.48 -37.39 -8.57
CA ALA A 181 -18.16 -38.29 -7.48
C ALA A 181 -18.42 -39.72 -7.94
N GLY A 182 -18.57 -40.63 -6.98
CA GLY A 182 -18.74 -42.03 -7.31
C GLY A 182 -20.04 -42.37 -7.97
N ARG A 183 -21.11 -41.61 -7.68
CA ARG A 183 -22.38 -41.87 -8.34
C ARG A 183 -22.35 -41.44 -9.80
N ASP A 184 -21.51 -40.48 -10.15
CA ASP A 184 -21.31 -40.12 -11.55
C ASP A 184 -20.29 -41.00 -12.24
N LEU A 185 -19.52 -41.80 -11.50
CA LEU A 185 -18.66 -42.78 -12.15
C LEU A 185 -19.42 -44.06 -12.43
N THR A 186 -20.43 -44.37 -11.62
CA THR A 186 -21.28 -45.50 -11.92
C THR A 186 -22.12 -45.24 -13.15
N ASP A 187 -22.68 -44.04 -13.27
CA ASP A 187 -23.54 -43.70 -14.38
C ASP A 187 -22.78 -43.56 -15.69
N TYR A 188 -21.49 -43.25 -15.62
CA TYR A 188 -20.67 -43.34 -16.82
C TYR A 188 -20.28 -44.78 -17.10
N LEU A 189 -20.21 -45.61 -16.08
CA LEU A 189 -19.86 -47.00 -16.31
C LEU A 189 -21.03 -47.77 -16.90
N MET A 190 -22.27 -47.44 -16.51
CA MET A 190 -23.42 -48.03 -17.17
C MET A 190 -23.55 -47.62 -18.62
N LYS A 191 -22.98 -46.48 -19.00
CA LYS A 191 -23.04 -46.04 -20.38
C LYS A 191 -21.98 -46.71 -21.24
N ILE A 192 -20.82 -47.02 -20.68
CA ILE A 192 -19.76 -47.64 -21.47
C ILE A 192 -19.69 -49.15 -21.29
N LEU A 193 -20.53 -49.73 -20.44
CA LEU A 193 -20.74 -51.16 -20.52
C LEU A 193 -21.74 -51.53 -21.61
N THR A 194 -22.50 -50.54 -22.09
CA THR A 194 -23.43 -50.77 -23.18
C THR A 194 -22.69 -51.11 -24.47
N GLU A 195 -21.50 -50.54 -24.66
CA GLU A 195 -20.76 -50.79 -25.88
C GLU A 195 -20.12 -52.18 -25.91
N ARG A 196 -20.05 -52.87 -24.77
CA ARG A 196 -19.78 -54.30 -24.80
C ARG A 196 -21.03 -55.11 -25.12
N GLY A 197 -22.20 -54.54 -24.87
CA GLY A 197 -23.45 -55.22 -25.15
C GLY A 197 -24.34 -55.30 -23.93
N TYR A 198 -23.76 -55.16 -22.75
CA TYR A 198 -24.49 -55.40 -21.52
C TYR A 198 -25.26 -54.16 -21.13
N SER A 199 -26.57 -54.29 -20.99
CA SER A 199 -27.46 -53.16 -20.76
C SER A 199 -27.99 -53.22 -19.33
N PHE A 200 -27.38 -52.43 -18.45
CA PHE A 200 -27.87 -52.25 -17.10
C PHE A 200 -28.62 -50.93 -17.06
N VAL A 201 -29.93 -50.98 -16.80
CA VAL A 201 -30.80 -49.82 -16.93
C VAL A 201 -31.53 -49.49 -15.63
N THR A 202 -32.22 -50.46 -15.05
CA THR A 202 -33.11 -50.16 -13.94
C THR A 202 -32.30 -50.00 -12.66
N THR A 203 -32.95 -49.54 -11.59
CA THR A 203 -32.19 -49.06 -10.44
C THR A 203 -31.58 -50.20 -9.64
N ALA A 204 -32.12 -51.41 -9.80
CA ALA A 204 -31.51 -52.56 -9.14
C ALA A 204 -30.23 -53.00 -9.83
N GLU A 205 -30.05 -52.66 -11.11
CA GLU A 205 -28.76 -52.92 -11.75
C GLU A 205 -27.77 -51.81 -11.51
N ARG A 206 -28.24 -50.65 -11.05
CA ARG A 206 -27.33 -49.57 -10.66
C ARG A 206 -26.50 -49.97 -9.46
N GLU A 207 -27.04 -50.83 -8.60
CA GLU A 207 -26.31 -51.38 -7.46
C GLU A 207 -25.44 -52.57 -7.82
N ILE A 208 -25.49 -53.02 -9.06
CA ILE A 208 -24.58 -54.05 -9.53
C ILE A 208 -23.36 -53.43 -10.20
N VAL A 209 -23.58 -52.40 -11.01
CA VAL A 209 -22.49 -51.68 -11.65
C VAL A 209 -21.67 -50.93 -10.62
N ARG A 210 -22.29 -50.53 -9.52
CA ARG A 210 -21.53 -50.00 -8.39
C ARG A 210 -20.62 -51.07 -7.81
N ASP A 211 -21.06 -52.32 -7.79
CA ASP A 211 -20.26 -53.40 -7.27
C ASP A 211 -19.22 -53.91 -8.27
N ILE A 212 -19.47 -53.71 -9.58
CA ILE A 212 -18.43 -53.96 -10.57
C ILE A 212 -17.30 -52.96 -10.41
N LYS A 213 -17.65 -51.70 -10.13
CA LYS A 213 -16.69 -50.62 -10.03
C LYS A 213 -15.80 -50.76 -8.80
N GLU A 214 -16.34 -51.27 -7.71
CA GLU A 214 -15.57 -51.45 -6.49
C GLU A 214 -14.67 -52.67 -6.51
N LYS A 215 -14.69 -53.47 -7.57
CA LYS A 215 -13.92 -54.70 -7.62
C LYS A 215 -12.99 -54.80 -8.79
N LEU A 216 -13.31 -54.17 -9.92
CA LEU A 216 -12.54 -54.37 -11.13
C LEU A 216 -11.95 -53.11 -11.72
N CYS A 217 -12.26 -51.94 -11.18
CA CYS A 217 -11.79 -50.69 -11.74
C CYS A 217 -10.57 -50.21 -10.98
N TYR A 218 -9.59 -49.69 -11.73
CA TYR A 218 -8.37 -49.13 -11.18
C TYR A 218 -8.08 -47.85 -11.93
N VAL A 219 -7.01 -47.16 -11.55
CA VAL A 219 -6.63 -45.91 -12.19
C VAL A 219 -5.36 -46.15 -12.99
N ALA A 220 -5.43 -45.86 -14.28
CA ALA A 220 -4.27 -45.99 -15.14
C ALA A 220 -3.25 -44.91 -14.84
N LEU A 221 -1.98 -45.30 -14.75
CA LEU A 221 -0.94 -44.31 -14.46
C LEU A 221 -0.65 -43.44 -15.68
N ASP A 222 -0.80 -43.98 -16.89
CA ASP A 222 -0.76 -43.17 -18.10
C ASP A 222 -1.87 -43.67 -19.01
N PHE A 223 -2.88 -42.82 -19.22
CA PHE A 223 -4.11 -43.28 -19.87
C PHE A 223 -3.91 -43.57 -21.35
N GLU A 224 -3.00 -42.87 -22.01
CA GLU A 224 -2.78 -43.11 -23.44
C GLU A 224 -1.95 -44.36 -23.70
N ASN A 225 -1.35 -44.95 -22.68
CA ASN A 225 -0.59 -46.18 -22.85
C ASN A 225 -1.38 -47.42 -22.47
N GLU A 226 -2.32 -47.32 -21.55
CA GLU A 226 -3.21 -48.44 -21.27
C GLU A 226 -4.21 -48.65 -22.39
N MET A 227 -4.55 -47.58 -23.12
CA MET A 227 -5.37 -47.74 -24.32
C MET A 227 -4.60 -48.40 -25.44
N ALA A 228 -3.27 -48.32 -25.43
CA ALA A 228 -2.47 -49.11 -26.36
C ALA A 228 -2.36 -50.55 -25.90
N THR A 229 -2.48 -50.80 -24.60
CA THR A 229 -2.47 -52.17 -24.08
C THR A 229 -3.78 -52.89 -24.40
N ALA A 230 -4.84 -52.15 -24.69
CA ALA A 230 -6.10 -52.74 -25.13
C ALA A 230 -6.02 -53.37 -26.51
N ALA A 231 -4.94 -53.14 -27.25
CA ALA A 231 -4.70 -53.91 -28.46
C ALA A 231 -4.43 -55.38 -28.14
N SER A 232 -3.52 -55.64 -27.21
CA SER A 232 -3.27 -57.00 -26.72
C SER A 232 -3.99 -57.19 -25.38
N SER A 233 -5.31 -57.33 -25.46
CA SER A 233 -6.15 -57.43 -24.26
C SER A 233 -6.02 -58.85 -23.69
N SER A 234 -4.92 -59.05 -22.97
CA SER A 234 -4.63 -60.35 -22.37
C SER A 234 -4.67 -60.28 -20.85
N SER A 235 -3.88 -59.42 -20.24
CA SER A 235 -3.94 -59.21 -18.80
C SER A 235 -4.88 -58.08 -18.44
N LEU A 236 -5.45 -57.40 -19.44
CA LEU A 236 -6.31 -56.27 -19.18
C LEU A 236 -7.70 -56.72 -18.79
N GLU A 237 -8.25 -57.71 -19.50
CA GLU A 237 -9.64 -58.09 -19.32
C GLU A 237 -9.81 -58.97 -18.10
N LYS A 238 -10.83 -58.68 -17.30
CA LYS A 238 -11.24 -59.50 -16.18
C LYS A 238 -12.69 -59.91 -16.35
N SER A 239 -13.13 -60.82 -15.50
CA SER A 239 -14.49 -61.32 -15.54
C SER A 239 -15.20 -61.01 -14.23
N TYR A 240 -16.53 -61.05 -14.28
CA TYR A 240 -17.33 -60.76 -13.11
C TYR A 240 -18.61 -61.57 -13.18
N GLU A 241 -18.93 -62.30 -12.11
CA GLU A 241 -20.12 -63.13 -12.06
C GLU A 241 -21.29 -62.29 -11.55
N LEU A 242 -22.28 -62.08 -12.40
CA LEU A 242 -23.48 -61.35 -12.05
C LEU A 242 -24.37 -62.19 -11.13
N PRO A 243 -25.32 -61.56 -10.43
CA PRO A 243 -26.23 -62.34 -9.56
C PRO A 243 -27.24 -63.21 -10.30
N ASP A 244 -27.26 -63.27 -11.63
CA ASP A 244 -28.04 -64.27 -12.33
C ASP A 244 -27.19 -65.42 -12.83
N GLY A 245 -25.87 -65.38 -12.59
CA GLY A 245 -24.98 -66.41 -13.05
C GLY A 245 -24.21 -66.06 -14.31
N GLN A 246 -24.59 -64.99 -14.98
CA GLN A 246 -23.89 -64.60 -16.20
C GLN A 246 -22.52 -64.03 -15.88
N VAL A 247 -21.65 -64.05 -16.86
CA VAL A 247 -20.34 -63.43 -16.72
C VAL A 247 -20.20 -62.34 -17.77
N ILE A 248 -19.46 -61.29 -17.41
CA ILE A 248 -19.15 -60.21 -18.32
C ILE A 248 -17.63 -60.07 -18.38
N THR A 249 -17.11 -59.80 -19.56
CA THR A 249 -15.68 -59.66 -19.76
C THR A 249 -15.41 -58.18 -20.00
N ILE A 250 -15.19 -57.46 -18.91
CA ILE A 250 -14.93 -56.03 -18.98
C ILE A 250 -13.46 -55.82 -19.33
N GLY A 251 -13.20 -54.92 -20.27
CA GLY A 251 -11.86 -54.79 -20.82
C GLY A 251 -11.18 -53.49 -20.49
N ASN A 252 -11.14 -52.55 -21.43
CA ASN A 252 -10.57 -51.24 -21.13
C ASN A 252 -11.49 -50.39 -20.26
N GLU A 253 -12.73 -50.81 -20.05
CA GLU A 253 -13.65 -50.10 -19.17
C GLU A 253 -13.28 -50.22 -17.70
N ARG A 254 -12.24 -50.96 -17.35
CA ARG A 254 -11.75 -51.00 -15.99
C ARG A 254 -11.09 -49.69 -15.62
N PHE A 255 -10.08 -49.29 -16.38
CA PHE A 255 -9.36 -48.07 -16.06
C PHE A 255 -9.99 -46.82 -16.64
N ARG A 256 -11.02 -46.97 -17.46
CA ARG A 256 -11.48 -45.81 -18.21
C ARG A 256 -12.52 -45.01 -17.45
N CYS A 257 -13.31 -45.64 -16.61
CA CYS A 257 -14.22 -44.81 -15.82
C CYS A 257 -13.57 -44.03 -14.66
N PRO A 258 -12.51 -44.46 -13.97
CA PRO A 258 -11.87 -43.53 -13.03
C PRO A 258 -11.04 -42.43 -13.68
N GLU A 259 -10.80 -42.49 -14.98
CA GLU A 259 -10.19 -41.39 -15.70
C GLU A 259 -11.12 -40.18 -15.78
N THR A 260 -12.42 -40.39 -15.55
CA THR A 260 -13.37 -39.28 -15.47
C THR A 260 -13.08 -38.38 -14.28
N LEU A 261 -12.47 -38.92 -13.22
CA LEU A 261 -11.98 -38.09 -12.13
C LEU A 261 -10.88 -37.15 -12.59
N PHE A 262 -10.11 -37.54 -13.60
CA PHE A 262 -9.00 -36.75 -14.10
C PHE A 262 -9.29 -36.06 -15.41
N GLN A 263 -10.30 -36.50 -16.16
CA GLN A 263 -10.80 -35.78 -17.33
C GLN A 263 -12.31 -35.76 -17.27
N PRO A 264 -12.90 -34.77 -16.61
CA PRO A 264 -14.36 -34.73 -16.50
C PRO A 264 -15.10 -34.40 -17.78
N SER A 265 -14.42 -34.18 -18.90
CA SER A 265 -15.08 -33.98 -20.17
C SER A 265 -15.68 -35.26 -20.74
N PHE A 266 -15.36 -36.42 -20.15
CA PHE A 266 -15.98 -37.67 -20.56
C PHE A 266 -17.46 -37.70 -20.23
N ILE A 267 -17.87 -37.05 -19.16
CA ILE A 267 -19.27 -36.93 -18.84
C ILE A 267 -19.81 -35.53 -19.14
N GLY A 268 -19.10 -34.78 -19.99
CA GLY A 268 -19.60 -33.50 -20.44
C GLY A 268 -19.54 -32.37 -19.45
N MET A 269 -18.67 -32.45 -18.45
CA MET A 269 -18.46 -31.34 -17.53
C MET A 269 -17.32 -30.48 -18.04
N GLU A 270 -17.51 -29.16 -17.98
CA GLU A 270 -16.49 -28.23 -18.44
C GLU A 270 -15.33 -28.13 -17.46
N SER A 271 -15.55 -28.51 -16.20
CA SER A 271 -14.59 -28.26 -15.13
C SER A 271 -13.36 -29.16 -15.26
N ALA A 272 -12.44 -28.99 -14.32
CA ALA A 272 -11.16 -29.67 -14.36
C ALA A 272 -11.16 -30.89 -13.46
N GLY A 273 -10.14 -31.73 -13.63
CA GLY A 273 -10.02 -32.94 -12.86
C GLY A 273 -9.63 -32.68 -11.43
N ILE A 274 -9.52 -33.76 -10.66
CA ILE A 274 -9.17 -33.62 -9.25
C ILE A 274 -7.71 -33.31 -9.04
N HIS A 275 -6.86 -33.46 -10.05
CA HIS A 275 -5.48 -33.02 -9.93
C HIS A 275 -5.33 -31.54 -10.20
N GLU A 276 -6.26 -30.93 -10.96
CA GLU A 276 -6.22 -29.50 -11.20
C GLU A 276 -7.17 -28.71 -10.32
N THR A 277 -8.07 -29.35 -9.60
CA THR A 277 -8.78 -28.64 -8.55
C THR A 277 -8.04 -28.67 -7.24
N THR A 278 -7.08 -29.57 -7.08
CA THR A 278 -6.16 -29.49 -5.95
C THR A 278 -5.15 -28.39 -6.18
N TYR A 279 -4.61 -28.32 -7.40
CA TYR A 279 -3.58 -27.34 -7.71
C TYR A 279 -4.13 -25.93 -7.77
N ASN A 280 -5.35 -25.76 -8.28
CA ASN A 280 -5.93 -24.43 -8.30
C ASN A 280 -6.41 -23.98 -6.94
N SER A 281 -6.57 -24.91 -6.01
CA SER A 281 -6.94 -24.53 -4.66
C SER A 281 -5.73 -24.24 -3.79
N ILE A 282 -4.57 -24.79 -4.13
CA ILE A 282 -3.32 -24.39 -3.48
C ILE A 282 -2.88 -23.04 -4.01
N MET A 283 -3.01 -22.81 -5.32
CA MET A 283 -2.65 -21.55 -5.92
C MET A 283 -3.62 -20.42 -5.60
N LYS A 284 -4.70 -20.65 -4.88
CA LYS A 284 -5.49 -19.57 -4.31
C LYS A 284 -5.17 -19.32 -2.85
N CYS A 285 -4.18 -20.00 -2.30
CA CYS A 285 -3.75 -19.77 -0.94
C CYS A 285 -2.61 -18.76 -0.92
N ASP A 286 -2.13 -18.45 0.27
CA ASP A 286 -1.01 -17.54 0.40
C ASP A 286 0.28 -18.25 0.00
N ILE A 287 1.24 -17.47 -0.49
CA ILE A 287 2.45 -18.05 -1.07
C ILE A 287 3.39 -18.62 -0.03
N ASP A 288 3.18 -18.31 1.25
CA ASP A 288 4.03 -18.82 2.31
C ASP A 288 3.56 -20.15 2.86
N ILE A 289 2.36 -20.59 2.52
CA ILE A 289 1.86 -21.87 3.00
C ILE A 289 1.75 -22.90 1.91
N ARG A 290 2.12 -22.57 0.67
CA ARG A 290 2.02 -23.52 -0.42
C ARG A 290 3.04 -24.64 -0.32
N LYS A 291 4.13 -24.44 0.43
CA LYS A 291 5.09 -25.51 0.62
C LYS A 291 4.55 -26.57 1.57
N ASP A 292 3.77 -26.15 2.58
CA ASP A 292 3.22 -27.10 3.52
C ASP A 292 1.96 -27.79 3.01
N LEU A 293 1.30 -27.21 2.01
CA LEU A 293 0.13 -27.87 1.45
C LEU A 293 0.53 -28.90 0.40
N TYR A 294 1.68 -28.71 -0.24
CA TYR A 294 2.20 -29.73 -1.14
C TYR A 294 2.58 -30.98 -0.39
N ALA A 295 3.19 -30.83 0.77
CA ALA A 295 3.71 -31.98 1.51
C ALA A 295 2.65 -32.68 2.34
N ASN A 296 1.39 -32.25 2.27
CA ASN A 296 0.29 -32.86 3.02
C ASN A 296 -0.95 -32.84 2.14
N ASN A 297 -1.14 -33.91 1.37
CA ASN A 297 -2.29 -34.05 0.47
C ASN A 297 -3.12 -35.22 0.97
N VAL A 298 -3.99 -34.96 1.93
CA VAL A 298 -4.75 -36.03 2.58
C VAL A 298 -5.93 -36.41 1.70
N MET A 299 -5.94 -37.65 1.23
CA MET A 299 -7.11 -38.16 0.55
C MET A 299 -8.02 -38.86 1.53
N SER A 300 -9.31 -38.81 1.25
CA SER A 300 -10.31 -39.46 2.07
C SER A 300 -11.51 -39.79 1.19
N GLY A 301 -12.50 -40.42 1.78
CA GLY A 301 -13.66 -40.85 1.04
C GLY A 301 -13.41 -42.12 0.25
N GLY A 302 -14.50 -42.74 -0.18
CA GLY A 302 -14.39 -44.04 -0.82
C GLY A 302 -14.04 -43.99 -2.29
N THR A 303 -14.20 -42.84 -2.93
CA THR A 303 -13.83 -42.73 -4.33
C THR A 303 -12.31 -42.65 -4.49
N THR A 304 -11.60 -42.34 -3.42
CA THR A 304 -10.14 -42.38 -3.41
C THR A 304 -9.59 -43.73 -3.00
N MET A 305 -10.37 -44.80 -3.19
CA MET A 305 -9.96 -46.15 -2.84
C MET A 305 -9.59 -46.99 -4.06
N TYR A 306 -9.46 -46.40 -5.24
CA TYR A 306 -9.06 -47.17 -6.39
C TYR A 306 -7.59 -47.55 -6.29
N PRO A 307 -7.23 -48.71 -6.81
CA PRO A 307 -5.80 -49.06 -6.92
C PRO A 307 -5.06 -48.15 -7.90
N GLY A 308 -4.15 -47.35 -7.37
CA GLY A 308 -3.33 -46.49 -8.20
C GLY A 308 -3.77 -45.05 -8.29
N ILE A 309 -4.59 -44.57 -7.37
CA ILE A 309 -5.01 -43.17 -7.44
C ILE A 309 -4.03 -42.27 -6.68
N ALA A 310 -3.32 -42.81 -5.68
CA ALA A 310 -2.27 -42.03 -5.04
C ALA A 310 -1.04 -41.93 -5.93
N ASP A 311 -0.84 -42.91 -6.80
CA ASP A 311 0.31 -42.89 -7.68
C ASP A 311 0.12 -41.94 -8.86
N ARG A 312 -1.12 -41.67 -9.24
CA ARG A 312 -1.36 -40.72 -10.32
C ARG A 312 -1.51 -39.29 -9.82
N MET A 313 -2.06 -39.12 -8.62
CA MET A 313 -2.09 -37.79 -8.02
C MET A 313 -0.68 -37.28 -7.72
N GLN A 314 0.22 -38.18 -7.30
CA GLN A 314 1.60 -37.77 -7.08
C GLN A 314 2.31 -37.53 -8.39
N LYS A 315 1.87 -38.18 -9.47
CA LYS A 315 2.49 -37.99 -10.76
C LYS A 315 2.05 -36.69 -11.41
N GLU A 316 0.79 -36.31 -11.23
CA GLU A 316 0.18 -35.31 -12.08
C GLU A 316 0.06 -33.95 -11.41
N ILE A 317 0.18 -33.88 -10.08
CA ILE A 317 0.42 -32.60 -9.45
C ILE A 317 1.86 -32.17 -9.67
N THR A 318 2.78 -33.13 -9.68
CA THR A 318 4.20 -32.87 -9.91
C THR A 318 4.44 -32.26 -11.28
N ALA A 319 3.65 -32.63 -12.27
CA ALA A 319 3.73 -32.00 -13.58
C ALA A 319 3.18 -30.58 -13.59
N LEU A 320 2.41 -30.19 -12.58
CA LEU A 320 1.90 -28.83 -12.45
C LEU A 320 2.72 -27.98 -11.49
N ALA A 321 3.13 -28.55 -10.36
CA ALA A 321 3.90 -27.84 -9.37
C ALA A 321 5.30 -27.54 -9.90
N PRO A 322 5.98 -26.52 -9.35
CA PRO A 322 7.39 -26.32 -9.70
C PRO A 322 8.25 -27.46 -9.20
N SER A 323 9.31 -27.74 -9.96
CA SER A 323 10.04 -28.99 -9.86
C SER A 323 10.86 -29.13 -8.58
N THR A 324 11.03 -28.07 -7.81
CA THR A 324 11.79 -28.12 -6.58
C THR A 324 10.94 -28.33 -5.34
N MET A 325 9.62 -28.40 -5.49
CA MET A 325 8.72 -28.70 -4.39
C MET A 325 8.38 -30.18 -4.38
N LYS A 326 8.47 -30.80 -3.20
CA LYS A 326 8.11 -32.19 -3.06
C LYS A 326 6.62 -32.33 -2.88
N ILE A 327 6.05 -33.38 -3.47
CA ILE A 327 4.63 -33.67 -3.39
C ILE A 327 4.50 -34.99 -2.65
N LYS A 328 3.61 -35.04 -1.66
CA LYS A 328 3.44 -36.26 -0.90
C LYS A 328 1.94 -36.49 -0.69
N ILE A 329 1.34 -37.26 -1.61
CA ILE A 329 -0.04 -37.69 -1.45
C ILE A 329 -0.11 -38.70 -0.31
N ILE A 330 -1.00 -38.47 0.64
CA ILE A 330 -1.02 -39.23 1.88
C ILE A 330 -2.35 -39.96 1.96
N ALA A 331 -2.31 -41.25 1.68
CA ALA A 331 -3.49 -42.09 1.68
C ALA A 331 -3.39 -43.11 2.80
N PRO A 332 -4.13 -42.93 3.89
CA PRO A 332 -4.23 -44.01 4.87
C PRO A 332 -5.00 -45.17 4.29
N PRO A 333 -4.76 -46.40 4.77
CA PRO A 333 -5.56 -47.52 4.30
C PRO A 333 -6.99 -47.49 4.81
N GLU A 334 -7.25 -46.86 5.95
CA GLU A 334 -8.60 -46.74 6.50
C GLU A 334 -9.32 -45.49 6.02
N ARG A 335 -8.93 -44.94 4.87
CA ARG A 335 -9.38 -43.62 4.45
C ARG A 335 -10.84 -43.57 4.04
N LYS A 336 -11.51 -44.72 3.92
CA LYS A 336 -12.93 -44.74 3.64
C LYS A 336 -13.74 -44.16 4.80
N TYR A 337 -13.38 -44.51 6.02
CA TYR A 337 -14.16 -44.11 7.18
C TYR A 337 -13.59 -42.91 7.90
N SER A 338 -12.61 -42.23 7.31
CA SER A 338 -11.83 -41.23 8.04
C SER A 338 -12.63 -39.99 8.39
N VAL A 339 -13.77 -39.75 7.72
CA VAL A 339 -14.65 -38.71 8.18
C VAL A 339 -15.33 -39.13 9.47
N TRP A 340 -15.60 -40.42 9.62
CA TRP A 340 -16.14 -40.88 10.89
C TRP A 340 -15.06 -41.00 11.95
N ILE A 341 -13.83 -41.36 11.53
CA ILE A 341 -12.75 -41.53 12.49
C ILE A 341 -12.39 -40.20 13.14
N GLY A 342 -12.37 -39.13 12.35
CA GLY A 342 -12.15 -37.82 12.92
C GLY A 342 -13.32 -37.30 13.70
N GLY A 343 -14.53 -37.73 13.35
CA GLY A 343 -15.68 -37.35 14.14
C GLY A 343 -15.72 -38.07 15.48
N SER A 344 -15.13 -39.25 15.55
CA SER A 344 -14.99 -39.94 16.83
C SER A 344 -13.95 -39.26 17.70
N ILE A 345 -12.95 -38.64 17.10
CA ILE A 345 -11.92 -37.95 17.86
C ILE A 345 -12.45 -36.62 18.38
N LEU A 346 -13.09 -35.84 17.50
CA LEU A 346 -13.57 -34.52 17.86
C LEU A 346 -14.69 -34.56 18.88
N ALA A 347 -15.53 -35.58 18.87
CA ALA A 347 -16.59 -35.65 19.86
C ALA A 347 -16.10 -36.14 21.21
N SER A 348 -14.90 -36.70 21.28
CA SER A 348 -14.33 -37.18 22.53
C SER A 348 -13.26 -36.25 23.09
N LEU A 349 -12.97 -35.14 22.42
CA LEU A 349 -12.04 -34.17 22.97
C LEU A 349 -12.67 -33.44 24.15
N SER A 350 -11.82 -33.08 25.11
CA SER A 350 -12.29 -32.40 26.32
C SER A 350 -12.56 -30.93 26.09
N THR A 351 -11.96 -30.34 25.06
CA THR A 351 -12.11 -28.93 24.75
C THR A 351 -13.33 -28.64 23.89
N PHE A 352 -14.22 -29.61 23.71
CA PHE A 352 -15.27 -29.53 22.72
C PHE A 352 -16.66 -29.35 23.32
N GLN A 353 -16.84 -29.71 24.60
CA GLN A 353 -18.17 -29.80 25.20
C GLN A 353 -18.85 -28.45 25.42
N GLN A 354 -18.25 -27.34 25.04
CA GLN A 354 -18.96 -26.07 25.01
C GLN A 354 -19.31 -25.64 23.60
N MET A 355 -19.02 -26.46 22.60
CA MET A 355 -19.35 -26.17 21.22
C MET A 355 -20.63 -26.83 20.75
N TRP A 356 -21.27 -27.63 21.59
CA TRP A 356 -22.53 -28.25 21.23
C TRP A 356 -23.64 -27.20 21.19
N ILE A 357 -24.62 -27.43 20.34
CA ILE A 357 -25.83 -26.62 20.31
C ILE A 357 -26.85 -27.32 21.20
N THR A 358 -27.02 -26.84 22.42
CA THR A 358 -27.92 -27.54 23.31
C THR A 358 -29.37 -27.20 22.99
N LYS A 359 -30.27 -27.96 23.62
CA LYS A 359 -31.70 -27.78 23.39
C LYS A 359 -32.20 -26.44 23.90
N GLN A 360 -31.60 -25.93 24.98
CA GLN A 360 -31.97 -24.63 25.50
C GLN A 360 -31.52 -23.52 24.56
N GLU A 361 -30.32 -23.64 24.01
CA GLU A 361 -29.79 -22.64 23.08
C GLU A 361 -30.56 -22.64 21.77
N TYR A 362 -31.15 -23.77 21.40
CA TYR A 362 -31.94 -23.83 20.17
C TYR A 362 -33.27 -23.13 20.33
N ASP A 363 -33.93 -23.28 21.48
CA ASP A 363 -35.32 -22.86 21.63
C ASP A 363 -35.47 -21.35 21.63
N GLU A 364 -34.49 -20.64 22.16
CA GLU A 364 -34.54 -19.18 22.18
C GLU A 364 -33.89 -18.55 20.96
N ALA A 365 -33.53 -19.35 19.96
CA ALA A 365 -32.84 -18.84 18.79
C ALA A 365 -33.38 -19.35 17.46
N GLY A 366 -34.25 -20.37 17.47
CA GLY A 366 -34.79 -20.91 16.24
C GLY A 366 -33.77 -21.75 15.52
N PRO A 367 -34.07 -22.12 14.26
CA PRO A 367 -33.15 -22.97 13.50
C PRO A 367 -31.95 -22.23 12.92
N SER A 368 -31.91 -20.90 13.01
CA SER A 368 -30.79 -20.14 12.47
C SER A 368 -29.61 -20.04 13.42
N ILE A 369 -29.65 -20.76 14.55
CA ILE A 369 -28.53 -20.77 15.48
C ILE A 369 -27.34 -21.49 14.89
N VAL A 370 -27.58 -22.42 13.96
CA VAL A 370 -26.56 -23.35 13.52
C VAL A 370 -25.52 -22.67 12.62
N HIS A 371 -25.83 -21.49 12.08
CA HIS A 371 -24.86 -20.81 11.23
C HIS A 371 -23.88 -19.98 12.03
N ARG A 372 -24.34 -19.32 13.08
CA ARG A 372 -23.48 -18.50 13.93
C ARG A 372 -22.93 -19.28 15.12
N LYS A 373 -22.99 -20.59 15.10
CA LYS A 373 -22.43 -21.39 16.16
C LYS A 373 -21.48 -22.47 15.66
N CYS A 374 -21.80 -23.11 14.53
CA CYS A 374 -20.96 -24.19 14.00
C CYS A 374 -19.85 -23.64 13.11
N PHE A 375 -20.22 -22.96 12.03
CA PHE A 375 -19.24 -22.45 11.09
C PHE A 375 -19.79 -21.21 10.39
N GLU B 4 -5.37 11.90 -44.65
CA GLU B 4 -5.72 11.13 -43.45
C GLU B 4 -7.19 11.29 -43.11
N THR B 5 -7.86 10.17 -42.82
CA THR B 5 -9.27 10.24 -42.44
C THR B 5 -9.42 10.59 -40.96
N THR B 6 -8.98 9.69 -40.08
CA THR B 6 -9.17 9.80 -38.64
C THR B 6 -8.34 8.72 -37.95
N ALA B 7 -8.42 8.67 -36.62
CA ALA B 7 -7.65 7.74 -35.82
C ALA B 7 -8.58 6.79 -35.07
N LEU B 8 -8.06 5.62 -34.73
CA LEU B 8 -8.79 4.58 -34.03
C LEU B 8 -8.50 4.64 -32.55
N VAL B 9 -9.51 4.41 -31.72
CA VAL B 9 -9.36 4.35 -30.28
C VAL B 9 -9.86 2.98 -29.84
N CYS B 10 -8.94 2.08 -29.55
CA CYS B 10 -9.28 0.71 -29.16
C CYS B 10 -9.02 0.53 -27.68
N ASP B 11 -10.07 0.68 -26.88
CA ASP B 11 -9.99 0.46 -25.43
C ASP B 11 -10.17 -1.03 -25.18
N ASN B 12 -9.07 -1.75 -25.06
CA ASN B 12 -9.13 -3.17 -24.71
C ASN B 12 -9.20 -3.30 -23.20
N GLY B 13 -10.33 -3.80 -22.71
CA GLY B 13 -10.49 -4.07 -21.30
C GLY B 13 -10.49 -5.55 -21.01
N SER B 14 -10.54 -5.86 -19.72
CA SER B 14 -10.63 -7.25 -19.30
C SER B 14 -11.99 -7.86 -19.58
N GLY B 15 -13.03 -7.04 -19.68
CA GLY B 15 -14.36 -7.58 -19.88
C GLY B 15 -15.01 -7.17 -21.18
N LEU B 16 -14.74 -5.97 -21.65
CA LEU B 16 -15.31 -5.48 -22.88
C LEU B 16 -14.23 -4.87 -23.75
N VAL B 17 -14.44 -4.92 -25.06
CA VAL B 17 -13.57 -4.26 -26.00
C VAL B 17 -14.37 -3.10 -26.56
N LYS B 18 -14.07 -1.89 -26.09
CA LYS B 18 -14.66 -0.67 -26.63
C LYS B 18 -13.80 -0.20 -27.78
N ALA B 19 -14.41 0.07 -28.92
CA ALA B 19 -13.65 0.52 -30.06
C ALA B 19 -14.48 1.47 -30.89
N GLY B 20 -13.80 2.34 -31.62
CA GLY B 20 -14.48 3.32 -32.43
C GLY B 20 -13.48 4.24 -33.09
N PHE B 21 -13.96 5.41 -33.47
CA PHE B 21 -13.12 6.41 -34.10
C PHE B 21 -12.99 7.62 -33.19
N ALA B 22 -11.91 8.36 -33.37
CA ALA B 22 -11.71 9.57 -32.62
C ALA B 22 -12.69 10.64 -33.07
N GLY B 23 -13.06 11.51 -32.15
CA GLY B 23 -14.02 12.55 -32.44
C GLY B 23 -15.46 12.16 -32.27
N ASP B 24 -15.74 10.90 -31.96
CA ASP B 24 -17.09 10.46 -31.70
C ASP B 24 -17.41 10.58 -30.21
N ASP B 25 -18.68 10.43 -29.89
CA ASP B 25 -19.14 10.52 -28.51
C ASP B 25 -19.57 9.19 -27.92
N ALA B 26 -19.45 8.10 -28.70
CA ALA B 26 -19.78 6.76 -28.22
C ALA B 26 -19.04 5.76 -29.09
N PRO B 27 -18.58 4.66 -28.53
CA PRO B 27 -17.89 3.65 -29.34
C PRO B 27 -18.86 2.90 -30.23
N ARG B 28 -18.43 2.63 -31.46
CA ARG B 28 -19.23 1.90 -32.42
C ARG B 28 -19.14 0.40 -32.23
N ALA B 29 -18.32 -0.07 -31.29
CA ALA B 29 -17.96 -1.48 -31.18
C ALA B 29 -17.84 -1.80 -29.70
N VAL B 30 -18.89 -2.32 -29.09
CA VAL B 30 -18.86 -2.77 -27.71
C VAL B 30 -19.27 -4.24 -27.71
N PHE B 31 -18.31 -5.11 -27.49
CA PHE B 31 -18.53 -6.55 -27.45
C PHE B 31 -17.60 -7.13 -26.40
N PRO B 32 -17.98 -8.24 -25.77
CA PRO B 32 -17.12 -8.79 -24.71
C PRO B 32 -15.84 -9.39 -25.26
N SER B 33 -14.84 -9.42 -24.39
CA SER B 33 -13.50 -9.88 -24.74
C SER B 33 -13.38 -11.38 -24.46
N ILE B 34 -14.16 -12.16 -25.21
CA ILE B 34 -14.28 -13.59 -24.99
C ILE B 34 -13.93 -14.31 -26.29
N VAL B 35 -13.05 -15.30 -26.21
CA VAL B 35 -12.76 -16.19 -27.32
C VAL B 35 -13.17 -17.60 -26.89
N GLY B 36 -14.14 -18.17 -27.59
CA GLY B 36 -14.67 -19.47 -27.24
C GLY B 36 -14.31 -20.51 -28.30
N ARG B 37 -13.87 -21.66 -27.83
CA ARG B 37 -13.68 -22.89 -28.58
C ARG B 37 -14.82 -23.86 -28.28
N PRO B 38 -15.31 -24.58 -29.28
CA PRO B 38 -16.34 -25.59 -29.02
C PRO B 38 -15.74 -26.79 -28.32
N ARG B 39 -16.54 -27.41 -27.44
CA ARG B 39 -16.04 -28.50 -26.63
C ARG B 39 -16.77 -29.82 -26.85
N HIS B 40 -17.89 -29.84 -27.55
CA HIS B 40 -18.60 -31.07 -27.78
C HIS B 40 -18.17 -31.68 -29.12
N GLN B 41 -18.93 -32.66 -29.58
CA GLN B 41 -18.49 -33.55 -30.65
C GLN B 41 -18.53 -32.87 -32.02
N GLY B 42 -19.70 -32.49 -32.48
CA GLY B 42 -19.82 -31.90 -33.79
C GLY B 42 -20.20 -32.95 -34.80
N VAL B 43 -21.45 -32.96 -35.24
CA VAL B 43 -21.95 -34.06 -36.05
C VAL B 43 -22.64 -33.62 -37.33
N MET B 44 -23.07 -32.37 -37.46
CA MET B 44 -23.62 -31.90 -38.72
C MET B 44 -22.49 -31.52 -39.66
N VAL B 45 -22.48 -32.11 -40.84
CA VAL B 45 -21.40 -31.90 -41.79
C VAL B 45 -21.55 -30.56 -42.48
N GLY B 46 -20.49 -29.76 -42.47
CA GLY B 46 -20.52 -28.46 -43.10
C GLY B 46 -21.33 -27.47 -42.29
N MET B 47 -22.21 -26.74 -42.99
CA MET B 47 -23.17 -25.75 -42.49
C MET B 47 -22.58 -24.78 -41.46
N GLY B 48 -21.38 -24.29 -41.76
CA GLY B 48 -20.81 -23.14 -41.06
C GLY B 48 -20.38 -23.36 -39.63
N GLN B 49 -19.35 -24.18 -39.43
CA GLN B 49 -18.75 -24.37 -38.12
C GLN B 49 -17.32 -23.85 -38.17
N LYS B 50 -17.06 -22.79 -37.42
CA LYS B 50 -15.71 -22.25 -37.34
C LYS B 50 -14.93 -22.91 -36.22
N ASP B 51 -13.61 -22.71 -36.25
CA ASP B 51 -12.75 -23.26 -35.21
C ASP B 51 -12.84 -22.45 -33.92
N SER B 52 -13.21 -21.18 -34.02
CA SER B 52 -13.26 -20.31 -32.87
C SER B 52 -14.36 -19.28 -33.04
N TYR B 53 -14.89 -18.81 -31.92
CA TYR B 53 -15.94 -17.80 -31.90
C TYR B 53 -15.53 -16.70 -30.96
N VAL B 54 -15.64 -15.45 -31.42
CA VAL B 54 -15.10 -14.30 -30.70
C VAL B 54 -16.21 -13.31 -30.44
N GLY B 55 -16.35 -12.88 -29.20
CA GLY B 55 -17.13 -11.70 -28.89
C GLY B 55 -18.63 -11.90 -28.80
N ASP B 56 -19.39 -11.18 -29.63
CA ASP B 56 -20.84 -11.27 -29.60
C ASP B 56 -21.34 -12.60 -30.15
N GLU B 57 -20.55 -13.24 -31.02
CA GLU B 57 -20.96 -14.52 -31.56
C GLU B 57 -20.79 -15.62 -30.52
N ALA B 58 -19.68 -15.61 -29.79
CA ALA B 58 -19.47 -16.59 -28.74
C ALA B 58 -20.37 -16.34 -27.54
N GLN B 59 -20.89 -15.13 -27.39
CA GLN B 59 -21.85 -14.87 -26.32
C GLN B 59 -23.20 -15.49 -26.65
N SER B 60 -23.53 -15.61 -27.94
CA SER B 60 -24.80 -16.21 -28.34
C SER B 60 -24.73 -17.73 -28.30
N LYS B 61 -23.64 -18.31 -28.78
CA LYS B 61 -23.46 -19.75 -28.87
C LYS B 61 -22.79 -20.34 -27.65
N ARG B 62 -22.94 -19.74 -26.48
CA ARG B 62 -22.06 -20.06 -25.36
C ARG B 62 -22.39 -21.36 -24.66
N GLY B 63 -23.50 -22.01 -25.00
CA GLY B 63 -23.84 -23.24 -24.31
C GLY B 63 -22.97 -24.42 -24.69
N ILE B 64 -22.29 -24.33 -25.83
CA ILE B 64 -21.48 -25.41 -26.38
C ILE B 64 -20.01 -25.03 -26.49
N LEU B 65 -19.61 -23.94 -25.84
CA LEU B 65 -18.28 -23.38 -25.98
C LEU B 65 -17.57 -23.32 -24.63
N THR B 66 -16.25 -23.49 -24.68
CA THR B 66 -15.39 -23.26 -23.53
C THR B 66 -14.91 -21.83 -23.62
N LEU B 67 -15.64 -20.92 -22.98
CA LEU B 67 -15.31 -19.51 -23.07
C LEU B 67 -14.12 -19.21 -22.18
N LYS B 68 -13.24 -18.32 -22.66
CA LYS B 68 -12.14 -17.89 -21.82
C LYS B 68 -11.76 -16.47 -22.21
N TYR B 69 -11.22 -15.77 -21.27
CA TYR B 69 -10.78 -14.40 -21.40
C TYR B 69 -9.28 -14.37 -21.65
N PRO B 70 -8.80 -13.71 -22.70
CA PRO B 70 -7.36 -13.60 -22.90
C PRO B 70 -6.70 -12.62 -21.95
N ILE B 71 -7.46 -11.70 -21.36
CA ILE B 71 -6.93 -10.68 -20.46
C ILE B 71 -7.39 -11.02 -19.05
N GLU B 72 -6.43 -11.33 -18.18
CA GLU B 72 -6.75 -11.51 -16.78
C GLU B 72 -5.97 -10.53 -15.93
N HIC B 73 -6.70 -9.69 -15.19
CA HIC B 73 -6.17 -8.66 -14.33
C HIC B 73 -5.28 -7.68 -15.08
O HIC B 73 -4.23 -7.27 -14.63
CB HIC B 73 -5.30 -9.13 -13.14
CG HIC B 73 -5.94 -10.14 -12.29
ND1 HIC B 73 -7.26 -10.06 -11.82
CD2 HIC B 73 -5.33 -11.31 -11.83
CE1 HIC B 73 -7.45 -11.17 -11.09
NE2 HIC B 73 -6.29 -11.98 -11.07
CZ HIC B 73 -6.13 -13.21 -10.40
N GLY B 74 -5.72 -7.31 -16.28
CA GLY B 74 -4.97 -6.37 -17.08
C GLY B 74 -3.88 -6.98 -17.94
N ILE B 75 -3.22 -8.01 -17.41
CA ILE B 75 -2.14 -8.68 -18.14
C ILE B 75 -2.75 -9.58 -19.21
N ILE B 76 -2.33 -9.38 -20.45
CA ILE B 76 -2.71 -10.28 -21.54
C ILE B 76 -1.90 -11.56 -21.42
N THR B 77 -2.58 -12.68 -21.22
CA THR B 77 -1.90 -13.95 -20.99
C THR B 77 -1.93 -14.90 -22.18
N ASN B 78 -2.72 -14.61 -23.20
CA ASN B 78 -3.03 -15.56 -24.25
C ASN B 78 -2.94 -14.88 -25.62
N TRP B 79 -1.75 -14.36 -25.95
CA TRP B 79 -1.50 -13.52 -27.12
C TRP B 79 -1.99 -14.07 -28.46
N ASP B 80 -2.24 -15.37 -28.57
CA ASP B 80 -2.92 -15.88 -29.74
C ASP B 80 -4.36 -15.42 -29.79
N ASP B 81 -5.07 -15.50 -28.65
CA ASP B 81 -6.46 -15.07 -28.62
C ASP B 81 -6.61 -13.56 -28.65
N MET B 82 -5.61 -12.82 -28.20
CA MET B 82 -5.74 -11.38 -28.22
C MET B 82 -5.53 -10.82 -29.62
N GLU B 83 -4.68 -11.47 -30.41
CA GLU B 83 -4.57 -11.16 -31.83
C GLU B 83 -5.82 -11.57 -32.59
N LYS B 84 -6.61 -12.49 -32.03
CA LYS B 84 -7.86 -12.92 -32.63
C LYS B 84 -9.00 -11.96 -32.36
N ILE B 85 -8.97 -11.28 -31.21
CA ILE B 85 -9.97 -10.25 -30.91
C ILE B 85 -9.72 -8.99 -31.72
N TRP B 86 -8.46 -8.56 -31.79
CA TRP B 86 -8.09 -7.39 -32.57
C TRP B 86 -8.38 -7.59 -34.05
N HIS B 87 -8.22 -8.81 -34.54
CA HIS B 87 -8.60 -9.11 -35.91
C HIS B 87 -10.10 -9.05 -36.09
N HIS B 88 -10.86 -9.47 -35.07
CA HIS B 88 -12.31 -9.35 -35.11
C HIS B 88 -12.74 -7.91 -34.93
N THR B 89 -11.96 -7.12 -34.19
CA THR B 89 -12.37 -5.75 -33.88
C THR B 89 -12.25 -4.85 -35.09
N PHE B 90 -11.15 -4.97 -35.82
CA PHE B 90 -10.90 -4.08 -36.95
C PHE B 90 -11.68 -4.51 -38.17
N TYR B 91 -11.55 -5.77 -38.57
CA TYR B 91 -12.14 -6.23 -39.82
C TYR B 91 -13.62 -6.53 -39.66
N ASN B 92 -13.97 -7.43 -38.75
CA ASN B 92 -15.36 -7.89 -38.67
C ASN B 92 -16.28 -6.88 -38.00
N GLU B 93 -15.75 -5.93 -37.25
CA GLU B 93 -16.61 -5.11 -36.41
C GLU B 93 -16.55 -3.62 -36.74
N LEU B 94 -15.37 -3.07 -37.00
CA LEU B 94 -15.28 -1.69 -37.45
C LEU B 94 -15.24 -1.58 -38.97
N ARG B 95 -14.79 -2.64 -39.65
CA ARG B 95 -14.64 -2.71 -41.11
C ARG B 95 -13.73 -1.59 -41.62
N VAL B 96 -12.50 -1.61 -41.15
CA VAL B 96 -11.49 -0.64 -41.54
C VAL B 96 -10.31 -1.37 -42.16
N ALA B 97 -9.37 -0.59 -42.68
CA ALA B 97 -8.08 -1.10 -43.05
C ALA B 97 -7.07 -0.63 -42.01
N PRO B 98 -6.39 -1.55 -41.30
CA PRO B 98 -5.48 -1.13 -40.23
C PRO B 98 -4.23 -0.41 -40.72
N GLU B 99 -3.91 -0.48 -42.01
CA GLU B 99 -2.73 0.18 -42.54
C GLU B 99 -2.96 1.64 -42.88
N GLU B 100 -4.05 2.25 -42.40
CA GLU B 100 -4.35 3.62 -42.78
C GLU B 100 -4.67 4.47 -41.56
N HIS B 101 -5.12 3.85 -40.49
CA HIS B 101 -5.54 4.58 -39.31
C HIS B 101 -4.56 4.39 -38.17
N PRO B 102 -4.17 5.45 -37.48
CA PRO B 102 -3.35 5.30 -36.27
C PRO B 102 -4.20 4.90 -35.07
N THR B 103 -3.68 3.98 -34.27
CA THR B 103 -4.46 3.28 -33.27
C THR B 103 -4.05 3.71 -31.86
N LEU B 104 -5.00 4.20 -31.09
CA LEU B 104 -4.77 4.58 -29.70
C LEU B 104 -5.16 3.41 -28.81
N LEU B 105 -4.22 2.91 -28.03
CA LEU B 105 -4.45 1.79 -27.14
C LEU B 105 -4.40 2.26 -25.69
N THR B 106 -5.10 1.55 -24.82
CA THR B 106 -5.11 1.85 -23.40
C THR B 106 -4.63 0.64 -22.62
N GLU B 107 -4.01 0.89 -21.47
CA GLU B 107 -3.74 -0.18 -20.53
C GLU B 107 -3.63 0.39 -19.12
N ALA B 108 -3.66 -0.50 -18.16
CA ALA B 108 -3.66 -0.14 -16.75
C ALA B 108 -2.27 0.31 -16.30
N PRO B 109 -2.20 1.18 -15.29
CA PRO B 109 -0.89 1.52 -14.72
C PRO B 109 -0.36 0.41 -13.84
N LEU B 110 0.95 0.52 -13.56
CA LEU B 110 1.74 -0.49 -12.84
C LEU B 110 1.58 -1.87 -13.48
N ASN B 111 1.94 -1.94 -14.75
CA ASN B 111 1.67 -3.12 -15.56
C ASN B 111 3.03 -3.64 -16.01
N PRO B 112 3.14 -4.90 -16.44
CA PRO B 112 4.42 -5.42 -16.93
C PRO B 112 4.95 -4.69 -18.15
N LYS B 113 6.28 -4.67 -18.25
CA LYS B 113 6.95 -4.03 -19.39
C LYS B 113 6.69 -4.81 -20.67
N ALA B 114 6.68 -6.14 -20.56
CA ALA B 114 6.48 -6.99 -21.72
C ALA B 114 5.05 -6.96 -22.22
N ASN B 115 4.11 -6.49 -21.41
CA ASN B 115 2.74 -6.37 -21.88
C ASN B 115 2.60 -5.22 -22.86
N ARG B 116 3.36 -4.17 -22.68
CA ARG B 116 3.27 -3.01 -23.56
C ARG B 116 4.16 -3.14 -24.79
N GLU B 117 5.29 -3.84 -24.65
CA GLU B 117 6.13 -4.11 -25.82
C GLU B 117 5.45 -5.05 -26.79
N LYS B 118 4.67 -6.00 -26.28
CA LYS B 118 4.07 -7.00 -27.14
C LYS B 118 2.82 -6.47 -27.84
N MET B 119 2.13 -5.50 -27.23
CA MET B 119 1.10 -4.77 -27.98
C MET B 119 1.73 -3.98 -29.12
N THR B 120 2.88 -3.36 -28.87
CA THR B 120 3.54 -2.55 -29.89
C THR B 120 4.07 -3.42 -31.02
N GLN B 121 4.56 -4.61 -30.69
CA GLN B 121 5.07 -5.50 -31.72
C GLN B 121 3.95 -6.04 -32.61
N ILE B 122 2.77 -6.27 -32.04
CA ILE B 122 1.65 -6.78 -32.84
C ILE B 122 1.09 -5.69 -33.75
N MET B 123 0.96 -4.47 -33.26
CA MET B 123 0.32 -3.43 -34.06
C MET B 123 1.16 -2.96 -35.23
N PHE B 124 2.47 -3.26 -35.23
CA PHE B 124 3.29 -2.92 -36.38
C PHE B 124 3.67 -4.12 -37.22
N GLU B 125 4.03 -5.25 -36.62
CA GLU B 125 4.48 -6.37 -37.42
C GLU B 125 3.35 -7.21 -37.98
N THR B 126 2.14 -7.07 -37.46
CA THR B 126 1.01 -7.87 -37.91
C THR B 126 -0.05 -7.03 -38.60
N PHE B 127 -0.43 -5.90 -38.02
CA PHE B 127 -1.44 -5.04 -38.62
C PHE B 127 -0.86 -3.92 -39.45
N ASN B 128 0.38 -3.52 -39.18
CA ASN B 128 1.14 -2.52 -39.93
C ASN B 128 0.42 -1.17 -39.93
N VAL B 129 0.14 -0.67 -38.72
CA VAL B 129 -0.55 0.60 -38.55
C VAL B 129 0.44 1.72 -38.86
N PRO B 130 -0.02 2.93 -39.23
CA PRO B 130 0.94 4.01 -39.44
C PRO B 130 1.57 4.51 -38.16
N ALA B 131 0.82 4.49 -37.07
CA ALA B 131 1.27 5.08 -35.82
C ALA B 131 0.45 4.46 -34.69
N MET B 132 0.99 4.53 -33.48
CA MET B 132 0.24 4.07 -32.32
C MET B 132 0.70 4.85 -31.10
N TYR B 133 -0.06 4.68 -30.02
CA TYR B 133 0.25 5.31 -28.75
C TYR B 133 -0.50 4.56 -27.67
N VAL B 134 0.20 4.18 -26.61
CA VAL B 134 -0.41 3.49 -25.47
C VAL B 134 -0.60 4.51 -24.36
N ALA B 135 -1.84 4.68 -23.93
CA ALA B 135 -2.15 5.65 -22.88
C ALA B 135 -2.60 4.92 -21.61
N ILE B 136 -2.50 5.62 -20.51
CA ILE B 136 -2.92 5.09 -19.22
C ILE B 136 -4.39 5.43 -19.05
N GLN B 137 -5.16 4.46 -18.55
CA GLN B 137 -6.61 4.56 -18.56
C GLN B 137 -7.12 5.64 -17.62
N ALA B 138 -6.49 5.80 -16.47
CA ALA B 138 -6.96 6.81 -15.53
C ALA B 138 -6.53 8.21 -15.90
N VAL B 139 -5.59 8.37 -16.82
CA VAL B 139 -5.37 9.67 -17.42
C VAL B 139 -6.52 10.01 -18.36
N LEU B 140 -6.94 9.02 -19.17
CA LEU B 140 -8.01 9.23 -20.13
C LEU B 140 -9.36 9.36 -19.48
N SER B 141 -9.54 8.87 -18.25
CA SER B 141 -10.79 9.06 -17.55
C SER B 141 -10.99 10.50 -17.10
N LEU B 142 -9.96 11.33 -17.18
CA LEU B 142 -10.04 12.68 -16.69
C LEU B 142 -10.15 13.70 -17.82
N TYR B 143 -9.78 13.33 -19.05
CA TYR B 143 -10.18 14.10 -20.22
C TYR B 143 -11.68 14.05 -20.43
N ALA B 144 -12.31 12.93 -20.08
CA ALA B 144 -13.74 12.75 -20.35
C ALA B 144 -14.58 13.66 -19.48
N SER B 145 -14.14 13.94 -18.26
CA SER B 145 -14.76 14.95 -17.42
C SER B 145 -14.23 16.34 -17.71
N GLY B 146 -13.25 16.46 -18.59
CA GLY B 146 -12.72 17.74 -19.03
C GLY B 146 -11.98 18.49 -17.94
N ARG B 147 -11.02 17.84 -17.30
CA ARG B 147 -10.37 18.40 -16.12
C ARG B 147 -8.87 18.24 -16.19
N THR B 148 -8.22 18.81 -15.18
CA THR B 148 -6.81 18.65 -14.93
C THR B 148 -6.51 18.08 -13.56
N THR B 149 -7.40 18.26 -12.60
CA THR B 149 -7.13 17.93 -11.21
C THR B 149 -8.12 16.88 -10.74
N GLY B 150 -7.61 15.83 -10.11
CA GLY B 150 -8.48 14.85 -9.48
C GLY B 150 -7.87 13.50 -9.34
N ILE B 151 -8.24 12.78 -8.32
CA ILE B 151 -7.87 11.39 -8.20
C ILE B 151 -8.95 10.56 -8.90
N VAL B 152 -8.53 9.52 -9.61
CA VAL B 152 -9.41 8.77 -10.48
C VAL B 152 -9.52 7.36 -9.93
N LEU B 153 -10.72 6.96 -9.54
CA LEU B 153 -10.99 5.59 -9.13
C LEU B 153 -11.54 4.84 -10.34
N ASP B 154 -10.67 4.16 -11.07
CA ASP B 154 -11.06 3.45 -12.28
C ASP B 154 -11.15 1.97 -11.94
N SER B 155 -12.36 1.50 -11.68
CA SER B 155 -12.60 0.11 -11.33
C SER B 155 -13.31 -0.55 -12.49
N GLY B 156 -12.63 -1.47 -13.15
CA GLY B 156 -13.22 -2.16 -14.28
C GLY B 156 -13.50 -3.60 -14.01
N ASP B 157 -13.15 -4.48 -14.95
CA ASP B 157 -13.40 -5.91 -14.80
C ASP B 157 -12.16 -6.69 -14.42
N GLY B 158 -10.98 -6.08 -14.49
CA GLY B 158 -9.79 -6.81 -14.13
C GLY B 158 -8.95 -6.17 -13.06
N VAL B 159 -9.09 -4.86 -12.88
CA VAL B 159 -8.16 -4.10 -12.06
C VAL B 159 -8.85 -2.83 -11.58
N THR B 160 -8.62 -2.50 -10.31
CA THR B 160 -9.06 -1.24 -9.72
C THR B 160 -7.83 -0.43 -9.35
N HIS B 161 -7.75 0.81 -9.83
CA HIS B 161 -6.55 1.57 -9.59
C HIS B 161 -6.85 3.05 -9.42
N ASN B 162 -6.21 3.64 -8.41
CA ASN B 162 -6.24 5.07 -8.17
C ASN B 162 -5.03 5.73 -8.80
N VAL B 163 -5.25 6.82 -9.54
CA VAL B 163 -4.15 7.64 -10.04
C VAL B 163 -4.41 9.08 -9.65
N PRO B 164 -3.64 9.66 -8.73
CA PRO B 164 -3.81 11.07 -8.40
C PRO B 164 -3.15 11.94 -9.47
N ILE B 165 -3.90 12.90 -9.98
CA ILE B 165 -3.43 13.79 -11.02
C ILE B 165 -3.74 15.20 -10.56
N TYR B 166 -2.71 15.97 -10.23
CA TYR B 166 -2.86 17.39 -9.99
C TYR B 166 -2.69 18.09 -11.33
N GLU B 167 -2.44 19.39 -11.37
CA GLU B 167 -2.77 20.24 -12.52
C GLU B 167 -1.90 19.90 -13.73
N GLY B 168 -2.26 18.78 -14.36
CA GLY B 168 -1.52 18.24 -15.48
C GLY B 168 -0.44 17.26 -15.12
N TYR B 169 -0.06 17.17 -13.85
CA TYR B 169 1.11 16.41 -13.44
C TYR B 169 0.67 15.19 -12.65
N ALA B 170 1.04 14.01 -13.15
CA ALA B 170 0.72 12.78 -12.46
C ALA B 170 1.74 12.50 -11.39
N LEU B 171 1.29 11.86 -10.31
CA LEU B 171 2.13 11.55 -9.16
C LEU B 171 2.32 10.04 -9.13
N PRO B 172 3.36 9.51 -9.77
CA PRO B 172 3.42 8.05 -9.97
C PRO B 172 3.77 7.26 -8.73
N HIS B 173 4.14 7.91 -7.64
CA HIS B 173 4.43 7.21 -6.40
C HIS B 173 3.20 6.99 -5.55
N ALA B 174 2.07 7.61 -5.90
CA ALA B 174 0.83 7.45 -5.16
C ALA B 174 -0.18 6.60 -5.92
N ILE B 175 0.21 6.01 -7.04
CA ILE B 175 -0.68 5.18 -7.83
C ILE B 175 -0.85 3.84 -7.11
N MET B 176 -2.05 3.59 -6.62
CA MET B 176 -2.41 2.30 -6.07
C MET B 176 -2.97 1.43 -7.18
N ARG B 177 -2.77 0.12 -7.05
CA ARG B 177 -3.32 -0.85 -7.99
C ARG B 177 -3.86 -2.02 -7.19
N LEU B 178 -5.16 -2.23 -7.25
CA LEU B 178 -5.84 -3.29 -6.51
C LEU B 178 -6.52 -4.21 -7.51
N ASP B 179 -6.17 -5.49 -7.47
CA ASP B 179 -6.66 -6.45 -8.45
C ASP B 179 -8.00 -7.06 -8.07
N LEU B 180 -8.78 -6.39 -7.25
CA LEU B 180 -10.17 -6.74 -7.03
C LEU B 180 -11.01 -5.94 -8.01
N ALA B 181 -11.85 -6.63 -8.77
CA ALA B 181 -12.63 -5.94 -9.79
C ALA B 181 -13.93 -6.70 -9.99
N GLY B 182 -14.58 -6.45 -11.13
CA GLY B 182 -15.87 -7.05 -11.39
C GLY B 182 -15.82 -8.55 -11.62
N ARG B 183 -14.71 -9.06 -12.13
CA ARG B 183 -14.62 -10.51 -12.32
C ARG B 183 -14.44 -11.23 -11.00
N ASP B 184 -13.89 -10.57 -10.00
CA ASP B 184 -13.84 -11.14 -8.66
C ASP B 184 -15.12 -10.90 -7.86
N LEU B 185 -16.00 -10.03 -8.33
CA LEU B 185 -17.30 -9.92 -7.69
C LEU B 185 -18.28 -10.95 -8.24
N THR B 186 -18.09 -11.35 -9.49
CA THR B 186 -18.89 -12.44 -10.04
C THR B 186 -18.53 -13.75 -9.38
N ASP B 187 -17.24 -14.01 -9.19
CA ASP B 187 -16.80 -15.27 -8.61
C ASP B 187 -17.13 -15.37 -7.14
N TYR B 188 -17.28 -14.25 -6.44
CA TYR B 188 -17.83 -14.30 -5.10
C TYR B 188 -19.33 -14.45 -5.13
N LEU B 189 -19.98 -13.99 -6.19
CA LEU B 189 -21.42 -14.12 -6.26
C LEU B 189 -21.81 -15.55 -6.63
N MET B 190 -21.02 -16.24 -7.44
CA MET B 190 -21.27 -17.66 -7.68
C MET B 190 -21.06 -18.50 -6.44
N LYS B 191 -20.26 -18.03 -5.49
CA LYS B 191 -20.03 -18.78 -4.27
C LYS B 191 -21.15 -18.57 -3.26
N ILE B 192 -21.76 -17.39 -3.22
CA ILE B 192 -22.82 -17.12 -2.25
C ILE B 192 -24.20 -17.27 -2.84
N LEU B 193 -24.33 -17.58 -4.13
CA LEU B 193 -25.60 -18.09 -4.63
C LEU B 193 -25.74 -19.57 -4.38
N THR B 194 -24.65 -20.25 -4.05
CA THR B 194 -24.70 -21.66 -3.70
C THR B 194 -25.45 -21.89 -2.40
N GLU B 195 -25.37 -20.94 -1.47
CA GLU B 195 -26.05 -21.09 -0.20
C GLU B 195 -27.56 -20.88 -0.30
N ARG B 196 -28.05 -20.33 -1.40
CA ARG B 196 -29.48 -20.42 -1.69
C ARG B 196 -29.83 -21.76 -2.32
N GLY B 197 -28.86 -22.44 -2.92
CA GLY B 197 -29.11 -23.72 -3.53
C GLY B 197 -28.69 -23.75 -4.98
N TYR B 198 -28.58 -22.58 -5.60
CA TYR B 198 -28.36 -22.50 -7.04
C TYR B 198 -26.89 -22.63 -7.35
N SER B 199 -26.53 -23.63 -8.15
CA SER B 199 -25.14 -23.96 -8.42
C SER B 199 -24.81 -23.58 -9.85
N PHE B 200 -24.16 -22.44 -10.01
CA PHE B 200 -23.62 -22.01 -11.30
C PHE B 200 -22.13 -22.31 -11.28
N VAL B 201 -21.68 -23.20 -12.16
CA VAL B 201 -20.33 -23.73 -12.12
C VAL B 201 -19.58 -23.50 -13.43
N THR B 202 -20.14 -23.92 -14.55
CA THR B 202 -19.39 -23.94 -15.79
C THR B 202 -19.34 -22.53 -16.38
N THR B 203 -18.52 -22.33 -17.42
CA THR B 203 -18.16 -20.97 -17.81
C THR B 203 -19.33 -20.27 -18.51
N ALA B 204 -20.28 -21.03 -19.04
CA ALA B 204 -21.46 -20.42 -19.63
C ALA B 204 -22.41 -19.87 -18.57
N GLU B 205 -22.36 -20.40 -17.34
CA GLU B 205 -23.13 -19.80 -16.26
C GLU B 205 -22.41 -18.64 -15.61
N ARG B 206 -21.11 -18.50 -15.85
CA ARG B 206 -20.37 -17.35 -15.37
C ARG B 206 -20.84 -16.07 -16.05
N GLU B 207 -21.33 -16.19 -17.28
CA GLU B 207 -21.92 -15.08 -18.02
C GLU B 207 -23.37 -14.84 -17.66
N ILE B 208 -23.96 -15.69 -16.83
CA ILE B 208 -25.30 -15.44 -16.32
C ILE B 208 -25.25 -14.72 -14.98
N VAL B 209 -24.33 -15.15 -14.11
CA VAL B 209 -24.15 -14.51 -12.82
C VAL B 209 -23.59 -13.11 -13.00
N ARG B 210 -22.83 -12.89 -14.07
CA ARG B 210 -22.43 -11.53 -14.44
C ARG B 210 -23.65 -10.69 -14.79
N ASP B 211 -24.65 -11.30 -15.42
CA ASP B 211 -25.87 -10.57 -15.79
C ASP B 211 -26.83 -10.44 -14.61
N ILE B 212 -26.76 -11.33 -13.63
CA ILE B 212 -27.50 -11.13 -12.38
C ILE B 212 -26.94 -9.93 -11.63
N LYS B 213 -25.62 -9.80 -11.63
CA LYS B 213 -24.94 -8.76 -10.89
C LYS B 213 -25.20 -7.38 -11.48
N GLU B 214 -25.32 -7.28 -12.80
CA GLU B 214 -25.56 -6.01 -13.45
C GLU B 214 -27.01 -5.56 -13.37
N LYS B 215 -27.90 -6.35 -12.79
CA LYS B 215 -29.31 -6.02 -12.75
C LYS B 215 -29.90 -5.96 -11.37
N LEU B 216 -29.38 -6.73 -10.42
CA LEU B 216 -30.02 -6.86 -9.12
C LEU B 216 -29.13 -6.47 -7.95
N CYS B 217 -27.87 -6.18 -8.17
CA CYS B 217 -26.95 -5.86 -7.09
C CYS B 217 -26.82 -4.35 -6.94
N TYR B 218 -26.79 -3.90 -5.69
CA TYR B 218 -26.62 -2.50 -5.34
C TYR B 218 -25.64 -2.44 -4.18
N VAL B 219 -25.31 -1.23 -3.74
CA VAL B 219 -24.39 -1.03 -2.64
C VAL B 219 -25.16 -0.53 -1.44
N ALA B 220 -25.07 -1.26 -0.34
CA ALA B 220 -25.71 -0.87 0.90
C ALA B 220 -25.02 0.34 1.50
N LEU B 221 -25.81 1.32 1.94
CA LEU B 221 -25.23 2.51 2.54
C LEU B 221 -24.69 2.22 3.95
N ASP B 222 -25.32 1.30 4.66
CA ASP B 222 -24.77 0.81 5.93
C ASP B 222 -24.98 -0.70 5.95
N PHE B 223 -23.89 -1.45 5.88
CA PHE B 223 -23.96 -2.89 5.65
C PHE B 223 -24.52 -3.64 6.84
N GLU B 224 -24.30 -3.15 8.05
CA GLU B 224 -24.80 -3.84 9.24
C GLU B 224 -26.29 -3.59 9.48
N ASN B 225 -26.90 -2.64 8.77
CA ASN B 225 -28.32 -2.40 8.89
C ASN B 225 -29.14 -3.06 7.80
N GLU B 226 -28.58 -3.26 6.62
CA GLU B 226 -29.27 -4.03 5.59
C GLU B 226 -29.28 -5.52 5.94
N MET B 227 -28.28 -5.98 6.68
CA MET B 227 -28.32 -7.35 7.19
C MET B 227 -29.37 -7.52 8.27
N ALA B 228 -29.75 -6.44 8.96
CA ALA B 228 -30.90 -6.51 9.85
C ALA B 228 -32.21 -6.45 9.09
N THR B 229 -32.21 -5.85 7.90
CA THR B 229 -33.39 -5.82 7.05
C THR B 229 -33.66 -7.19 6.43
N ALA B 230 -32.64 -8.05 6.35
CA ALA B 230 -32.82 -9.43 5.89
C ALA B 230 -33.64 -10.29 6.85
N ALA B 231 -33.92 -9.80 8.07
CA ALA B 231 -34.90 -10.46 8.92
C ALA B 231 -36.29 -10.37 8.32
N SER B 232 -36.71 -9.16 7.95
CA SER B 232 -37.97 -8.97 7.24
C SER B 232 -37.71 -8.81 5.75
N SER B 233 -37.39 -9.93 5.11
CA SER B 233 -37.02 -9.94 3.69
C SER B 233 -38.28 -9.79 2.84
N SER B 234 -38.75 -8.55 2.74
CA SER B 234 -39.97 -8.24 2.00
C SER B 234 -39.67 -7.40 0.76
N SER B 235 -39.06 -6.23 0.95
CA SER B 235 -38.62 -5.42 -0.18
C SER B 235 -37.19 -5.73 -0.57
N LEU B 236 -36.52 -6.61 0.16
CA LEU B 236 -35.13 -6.91 -0.12
C LEU B 236 -35.01 -7.90 -1.28
N GLU B 237 -35.84 -8.93 -1.29
CA GLU B 237 -35.68 -10.01 -2.25
C GLU B 237 -36.26 -9.63 -3.60
N LYS B 238 -35.51 -9.92 -4.66
CA LYS B 238 -35.97 -9.77 -6.02
C LYS B 238 -35.86 -11.11 -6.74
N SER B 239 -36.43 -11.16 -7.94
CA SER B 239 -36.42 -12.36 -8.74
C SER B 239 -35.70 -12.11 -10.06
N TYR B 240 -35.28 -13.20 -10.69
CA TYR B 240 -34.56 -13.11 -11.95
C TYR B 240 -34.88 -14.34 -12.78
N GLU B 241 -35.27 -14.12 -14.03
CA GLU B 241 -35.63 -15.21 -14.94
C GLU B 241 -34.38 -15.67 -15.66
N LEU B 242 -33.96 -16.91 -15.40
CA LEU B 242 -32.82 -17.51 -16.05
C LEU B 242 -33.15 -17.85 -17.50
N PRO B 243 -32.13 -18.08 -18.35
CA PRO B 243 -32.41 -18.47 -19.73
C PRO B 243 -32.98 -19.87 -19.93
N ASP B 244 -33.22 -20.66 -18.89
CA ASP B 244 -33.98 -21.89 -19.03
C ASP B 244 -35.42 -21.73 -18.57
N GLY B 245 -35.79 -20.56 -18.09
CA GLY B 245 -37.12 -20.31 -17.60
C GLY B 245 -37.26 -20.35 -16.09
N GLN B 246 -36.24 -20.82 -15.39
CA GLN B 246 -36.30 -20.87 -13.94
C GLN B 246 -36.19 -19.49 -13.35
N VAL B 247 -36.67 -19.35 -12.12
CA VAL B 247 -36.53 -18.11 -11.39
C VAL B 247 -35.72 -18.38 -10.12
N ILE B 248 -34.95 -17.37 -9.71
CA ILE B 248 -34.20 -17.42 -8.48
C ILE B 248 -34.60 -16.23 -7.62
N THR B 249 -34.71 -16.43 -6.32
CA THR B 249 -35.10 -15.37 -5.41
C THR B 249 -33.86 -15.00 -4.61
N ILE B 250 -33.10 -14.06 -5.15
CA ILE B 250 -31.89 -13.58 -4.51
C ILE B 250 -32.26 -12.58 -3.43
N GLY B 251 -31.66 -12.72 -2.25
CA GLY B 251 -32.08 -11.95 -1.11
C GLY B 251 -31.06 -10.95 -0.62
N ASN B 252 -30.35 -11.27 0.45
CA ASN B 252 -29.29 -10.38 0.91
C ASN B 252 -28.05 -10.44 0.03
N GLU B 253 -27.98 -11.39 -0.90
CA GLU B 253 -26.87 -11.47 -1.84
C GLU B 253 -26.88 -10.36 -2.88
N ARG B 254 -27.89 -9.49 -2.87
CA ARG B 254 -27.89 -8.33 -3.74
C ARG B 254 -26.85 -7.31 -3.30
N PHE B 255 -26.94 -6.86 -2.05
CA PHE B 255 -26.02 -5.86 -1.56
C PHE B 255 -24.73 -6.44 -1.02
N ARG B 256 -24.62 -7.75 -0.92
CA ARG B 256 -23.51 -8.30 -0.17
C ARG B 256 -22.29 -8.54 -1.04
N CYS B 257 -22.47 -8.82 -2.33
CA CYS B 257 -21.28 -8.91 -3.15
C CYS B 257 -20.61 -7.58 -3.52
N PRO B 258 -21.27 -6.42 -3.66
CA PRO B 258 -20.49 -5.19 -3.82
C PRO B 258 -19.86 -4.68 -2.54
N GLU B 259 -20.19 -5.25 -1.38
CA GLU B 259 -19.49 -4.94 -0.15
C GLU B 259 -18.06 -5.47 -0.17
N THR B 260 -17.76 -6.42 -1.06
CA THR B 260 -16.40 -6.90 -1.26
C THR B 260 -15.49 -5.81 -1.79
N LEU B 261 -16.04 -4.83 -2.51
CA LEU B 261 -15.27 -3.64 -2.89
C LEU B 261 -14.86 -2.84 -1.66
N PHE B 262 -15.64 -2.89 -0.59
CA PHE B 262 -15.36 -2.13 0.62
C PHE B 262 -14.81 -2.97 1.76
N GLN B 263 -14.99 -4.28 1.71
CA GLN B 263 -14.32 -5.20 2.64
C GLN B 263 -13.78 -6.37 1.84
N PRO B 264 -12.55 -6.26 1.33
CA PRO B 264 -11.99 -7.34 0.51
C PRO B 264 -11.62 -8.60 1.28
N SER B 265 -11.82 -8.64 2.60
CA SER B 265 -11.60 -9.87 3.36
C SER B 265 -12.66 -10.92 3.11
N PHE B 266 -13.76 -10.57 2.43
CA PHE B 266 -14.76 -11.54 2.05
C PHE B 266 -14.22 -12.55 1.05
N ILE B 267 -13.31 -12.13 0.18
CA ILE B 267 -12.67 -13.04 -0.74
C ILE B 267 -11.24 -13.34 -0.32
N GLY B 268 -10.91 -13.11 0.94
CA GLY B 268 -9.62 -13.51 1.47
C GLY B 268 -8.45 -12.66 1.07
N MET B 269 -8.68 -11.42 0.67
CA MET B 269 -7.60 -10.49 0.38
C MET B 269 -7.26 -9.70 1.63
N GLU B 270 -5.96 -9.54 1.90
CA GLU B 270 -5.53 -8.81 3.08
C GLU B 270 -5.69 -7.31 2.91
N SER B 271 -5.77 -6.83 1.66
CA SER B 271 -5.72 -5.42 1.35
C SER B 271 -6.99 -4.69 1.79
N ALA B 272 -7.02 -3.39 1.55
CA ALA B 272 -8.10 -2.53 2.00
C ALA B 272 -9.09 -2.27 0.88
N GLY B 273 -10.24 -1.73 1.27
CA GLY B 273 -11.30 -1.45 0.32
C GLY B 273 -10.97 -0.26 -0.55
N ILE B 274 -11.91 0.04 -1.46
CA ILE B 274 -11.69 1.15 -2.38
C ILE B 274 -11.88 2.50 -1.72
N HIS B 275 -12.46 2.56 -0.53
CA HIS B 275 -12.51 3.81 0.19
C HIS B 275 -11.23 4.09 0.96
N GLU B 276 -10.46 3.05 1.30
CA GLU B 276 -9.19 3.22 1.97
C GLU B 276 -8.00 3.15 1.03
N THR B 277 -8.17 2.70 -0.21
CA THR B 277 -7.10 2.89 -1.18
C THR B 277 -7.20 4.22 -1.88
N THR B 278 -8.34 4.88 -1.81
CA THR B 278 -8.41 6.27 -2.24
C THR B 278 -7.78 7.18 -1.19
N TYR B 279 -8.08 6.92 0.07
CA TYR B 279 -7.58 7.77 1.16
C TYR B 279 -6.09 7.58 1.37
N ASN B 280 -5.59 6.35 1.23
CA ASN B 280 -4.16 6.15 1.38
C ASN B 280 -3.38 6.64 0.19
N SER B 281 -4.04 6.86 -0.94
CA SER B 281 -3.36 7.42 -2.09
C SER B 281 -3.38 8.94 -2.10
N ILE B 282 -4.35 9.55 -1.42
CA ILE B 282 -4.31 10.99 -1.19
C ILE B 282 -3.29 11.33 -0.11
N MET B 283 -3.23 10.51 0.94
CA MET B 283 -2.28 10.72 2.01
C MET B 283 -0.84 10.37 1.63
N LYS B 284 -0.58 9.88 0.43
CA LYS B 284 0.78 9.79 -0.08
C LYS B 284 1.12 10.93 -1.02
N CYS B 285 0.22 11.89 -1.18
CA CYS B 285 0.50 13.06 -2.00
C CYS B 285 1.03 14.19 -1.12
N ASP B 286 1.34 15.31 -1.74
CA ASP B 286 1.80 16.47 -1.00
C ASP B 286 0.64 17.11 -0.25
N ILE B 287 0.95 17.76 0.86
CA ILE B 287 -0.08 18.26 1.75
C ILE B 287 -0.78 19.48 1.20
N ASP B 288 -0.23 20.10 0.17
CA ASP B 288 -0.84 21.29 -0.42
C ASP B 288 -1.83 20.97 -1.53
N ILE B 289 -1.88 19.72 -1.99
CA ILE B 289 -2.81 19.33 -3.04
C ILE B 289 -3.89 18.41 -2.53
N ARG B 290 -3.89 18.07 -1.24
CA ARG B 290 -4.91 17.17 -0.71
C ARG B 290 -6.28 17.81 -0.65
N LYS B 291 -6.36 19.14 -0.64
CA LYS B 291 -7.65 19.79 -0.66
C LYS B 291 -8.30 19.69 -2.03
N ASP B 292 -7.51 19.73 -3.09
CA ASP B 292 -8.05 19.64 -4.43
C ASP B 292 -8.32 18.21 -4.86
N LEU B 293 -7.70 17.23 -4.20
CA LEU B 293 -8.00 15.84 -4.55
C LEU B 293 -9.25 15.35 -3.82
N TYR B 294 -9.56 15.93 -2.68
CA TYR B 294 -10.83 15.62 -2.01
C TYR B 294 -12.01 16.09 -2.83
N ALA B 295 -11.90 17.28 -3.42
CA ALA B 295 -13.03 17.88 -4.11
C ALA B 295 -13.19 17.36 -5.53
N ASN B 296 -12.37 16.41 -5.96
CA ASN B 296 -12.44 15.84 -7.32
C ASN B 296 -12.13 14.36 -7.22
N ASN B 297 -13.16 13.54 -7.04
CA ASN B 297 -13.02 12.09 -6.92
C ASN B 297 -13.75 11.47 -8.11
N VAL B 298 -13.06 11.38 -9.24
CA VAL B 298 -13.69 10.94 -10.48
C VAL B 298 -13.77 9.42 -10.47
N MET B 299 -14.98 8.89 -10.50
CA MET B 299 -15.14 7.46 -10.69
C MET B 299 -15.33 7.16 -12.16
N SER B 300 -14.87 5.98 -12.57
CA SER B 300 -15.01 5.53 -13.93
C SER B 300 -15.04 4.01 -13.93
N GLY B 301 -15.17 3.43 -15.11
CA GLY B 301 -15.29 1.99 -15.22
C GLY B 301 -16.67 1.49 -14.85
N GLY B 302 -16.94 0.24 -15.25
CA GLY B 302 -18.27 -0.31 -15.09
C GLY B 302 -18.56 -0.86 -13.71
N THR B 303 -17.54 -1.11 -12.90
CA THR B 303 -17.77 -1.59 -11.56
C THR B 303 -18.25 -0.47 -10.65
N THR B 304 -18.05 0.77 -11.06
CA THR B 304 -18.59 1.93 -10.35
C THR B 304 -19.98 2.32 -10.84
N MET B 305 -20.72 1.38 -11.41
CA MET B 305 -22.07 1.62 -11.91
C MET B 305 -23.15 1.05 -11.02
N TYR B 306 -22.81 0.61 -9.81
CA TYR B 306 -23.84 0.09 -8.93
C TYR B 306 -24.70 1.25 -8.40
N PRO B 307 -25.98 1.00 -8.16
CA PRO B 307 -26.80 1.99 -7.46
C PRO B 307 -26.36 2.21 -6.04
N GLY B 308 -25.85 3.39 -5.74
CA GLY B 308 -25.48 3.75 -4.40
C GLY B 308 -24.01 3.65 -4.08
N ILE B 309 -23.13 3.62 -5.08
CA ILE B 309 -21.71 3.54 -4.79
C ILE B 309 -21.10 4.93 -4.63
N ALA B 310 -21.69 5.95 -5.25
CA ALA B 310 -21.25 7.32 -5.00
C ALA B 310 -21.71 7.81 -3.64
N ASP B 311 -22.81 7.26 -3.14
CA ASP B 311 -23.33 7.67 -1.84
C ASP B 311 -22.55 7.05 -0.70
N ARG B 312 -21.93 5.90 -0.92
CA ARG B 312 -21.13 5.29 0.14
C ARG B 312 -19.69 5.75 0.10
N MET B 313 -19.15 6.03 -1.08
CA MET B 313 -17.82 6.63 -1.16
C MET B 313 -17.80 8.02 -0.54
N GLN B 314 -18.87 8.78 -0.71
CA GLN B 314 -18.94 10.09 -0.07
C GLN B 314 -19.16 9.96 1.42
N LYS B 315 -19.77 8.86 1.86
CA LYS B 315 -20.00 8.64 3.28
C LYS B 315 -18.74 8.19 3.98
N GLU B 316 -17.93 7.38 3.33
CA GLU B 316 -16.91 6.61 4.04
C GLU B 316 -15.51 7.17 3.86
N ILE B 317 -15.30 8.05 2.88
CA ILE B 317 -14.09 8.87 2.89
C ILE B 317 -14.23 9.98 3.92
N THR B 318 -15.45 10.50 4.08
CA THR B 318 -15.73 11.55 5.06
C THR B 318 -15.45 11.08 6.49
N ALA B 319 -15.66 9.80 6.76
CA ALA B 319 -15.30 9.25 8.06
C ALA B 319 -13.80 9.11 8.25
N LEU B 320 -13.02 9.16 7.17
CA LEU B 320 -11.57 9.10 7.24
C LEU B 320 -10.92 10.47 7.16
N ALA B 321 -11.42 11.33 6.26
CA ALA B 321 -10.89 12.66 6.07
C ALA B 321 -11.17 13.53 7.29
N PRO B 322 -10.39 14.59 7.51
CA PRO B 322 -10.74 15.55 8.56
C PRO B 322 -12.03 16.27 8.23
N SER B 323 -12.76 16.63 9.28
CA SER B 323 -14.16 17.01 9.16
C SER B 323 -14.38 18.36 8.50
N THR B 324 -13.34 19.16 8.30
CA THR B 324 -13.47 20.46 7.68
C THR B 324 -13.19 20.44 6.18
N MET B 325 -12.82 19.30 5.62
CA MET B 325 -12.61 19.15 4.19
C MET B 325 -13.86 18.58 3.53
N LYS B 326 -14.29 19.20 2.45
CA LYS B 326 -15.44 18.71 1.71
C LYS B 326 -15.02 17.60 0.76
N ILE B 327 -15.88 16.59 0.64
CA ILE B 327 -15.65 15.46 -0.24
C ILE B 327 -16.72 15.50 -1.31
N LYS B 328 -16.31 15.35 -2.57
CA LYS B 328 -17.26 15.40 -3.66
C LYS B 328 -16.93 14.29 -4.65
N ILE B 329 -17.57 13.13 -4.45
CA ILE B 329 -17.46 12.03 -5.41
C ILE B 329 -18.20 12.42 -6.67
N ILE B 330 -17.54 12.30 -7.82
CA ILE B 330 -18.04 12.84 -9.06
C ILE B 330 -18.25 11.69 -10.03
N ALA B 331 -19.51 11.29 -10.19
CA ALA B 331 -19.88 10.18 -11.04
C ALA B 331 -20.68 10.69 -12.23
N PRO B 332 -20.11 10.76 -13.42
CA PRO B 332 -20.92 11.02 -14.60
C PRO B 332 -21.81 9.84 -14.88
N PRO B 333 -22.96 10.05 -15.53
CA PRO B 333 -23.80 8.92 -15.91
C PRO B 333 -23.19 8.07 -17.02
N GLU B 334 -22.35 8.66 -17.88
CA GLU B 334 -21.69 7.93 -18.96
C GLU B 334 -20.35 7.34 -18.53
N ARG B 335 -20.15 7.09 -17.24
CA ARG B 335 -18.83 6.78 -16.70
C ARG B 335 -18.34 5.39 -17.09
N LYS B 336 -19.20 4.55 -17.69
CA LYS B 336 -18.76 3.26 -18.19
C LYS B 336 -17.77 3.40 -19.32
N TYR B 337 -18.04 4.32 -20.26
CA TYR B 337 -17.23 4.44 -21.45
C TYR B 337 -16.20 5.55 -21.37
N SER B 338 -16.00 6.12 -20.18
CA SER B 338 -15.24 7.37 -20.07
C SER B 338 -13.76 7.19 -20.35
N VAL B 339 -13.25 5.96 -20.30
CA VAL B 339 -11.89 5.74 -20.79
C VAL B 339 -11.87 5.85 -22.30
N TRP B 340 -12.94 5.45 -22.97
CA TRP B 340 -13.00 5.65 -24.41
C TRP B 340 -13.32 7.09 -24.75
N ILE B 341 -14.14 7.76 -23.93
CA ILE B 341 -14.53 9.13 -24.21
C ILE B 341 -13.33 10.06 -24.13
N GLY B 342 -12.46 9.84 -23.15
CA GLY B 342 -11.24 10.63 -23.08
C GLY B 342 -10.23 10.24 -24.13
N GLY B 343 -10.27 9.00 -24.59
CA GLY B 343 -9.41 8.61 -25.69
C GLY B 343 -9.85 9.20 -27.00
N SER B 344 -11.15 9.45 -27.14
CA SER B 344 -11.64 10.16 -28.32
C SER B 344 -11.24 11.62 -28.30
N ILE B 345 -11.11 12.20 -27.10
CA ILE B 345 -10.71 13.60 -27.00
C ILE B 345 -9.22 13.74 -27.26
N LEU B 346 -8.41 12.90 -26.61
CA LEU B 346 -6.96 12.98 -26.72
C LEU B 346 -6.46 12.68 -28.12
N ALA B 347 -7.12 11.80 -28.86
CA ALA B 347 -6.66 11.51 -30.20
C ALA B 347 -7.08 12.57 -31.21
N SER B 348 -8.00 13.45 -30.84
CA SER B 348 -8.46 14.51 -31.71
C SER B 348 -7.89 15.87 -31.34
N LEU B 349 -7.06 15.95 -30.31
CA LEU B 349 -6.40 17.20 -29.98
C LEU B 349 -5.33 17.53 -31.01
N SER B 350 -5.15 18.83 -31.25
CA SER B 350 -4.19 19.28 -32.24
C SER B 350 -2.76 19.24 -31.73
N THR B 351 -2.58 19.24 -30.41
CA THR B 351 -1.25 19.24 -29.79
C THR B 351 -0.71 17.84 -29.60
N PHE B 352 -1.33 16.84 -30.21
CA PHE B 352 -1.02 15.44 -29.92
C PHE B 352 -0.29 14.74 -31.04
N GLN B 353 -0.37 15.23 -32.27
CA GLN B 353 0.11 14.51 -33.45
C GLN B 353 1.62 14.37 -33.54
N GLN B 354 2.39 14.86 -32.58
CA GLN B 354 3.81 14.55 -32.51
C GLN B 354 4.11 13.54 -31.41
N MET B 355 3.10 13.03 -30.72
CA MET B 355 3.29 12.05 -29.67
C MET B 355 3.04 10.62 -30.15
N TRP B 356 2.65 10.43 -31.40
CA TRP B 356 2.47 9.10 -31.93
C TRP B 356 3.81 8.41 -32.13
N ILE B 357 3.81 7.09 -32.00
CA ILE B 357 4.99 6.29 -32.32
C ILE B 357 4.81 5.84 -33.77
N THR B 358 5.49 6.50 -34.69
CA THR B 358 5.29 6.16 -36.08
C THR B 358 6.06 4.89 -36.43
N LYS B 359 5.78 4.37 -37.63
CA LYS B 359 6.39 3.14 -38.10
C LYS B 359 7.88 3.32 -38.34
N GLN B 360 8.30 4.52 -38.75
CA GLN B 360 9.73 4.79 -38.93
C GLN B 360 10.46 4.84 -37.60
N GLU B 361 9.84 5.45 -36.60
CA GLU B 361 10.45 5.54 -35.27
C GLU B 361 10.52 4.18 -34.60
N TYR B 362 9.62 3.26 -34.95
CA TYR B 362 9.65 1.93 -34.39
C TYR B 362 10.80 1.10 -34.95
N ASP B 363 11.05 1.22 -36.26
CA ASP B 363 11.94 0.28 -36.94
C ASP B 363 13.40 0.47 -36.53
N GLU B 364 13.81 1.70 -36.24
CA GLU B 364 15.16 1.97 -35.82
C GLU B 364 15.34 1.91 -34.32
N ALA B 365 14.33 1.46 -33.58
CA ALA B 365 14.39 1.45 -32.13
C ALA B 365 13.91 0.15 -31.50
N GLY B 366 13.26 -0.74 -32.25
CA GLY B 366 12.77 -1.98 -31.71
C GLY B 366 11.52 -1.77 -30.87
N PRO B 367 11.10 -2.79 -30.13
CA PRO B 367 9.89 -2.66 -29.33
C PRO B 367 10.07 -1.90 -28.03
N SER B 368 11.29 -1.55 -27.66
CA SER B 368 11.53 -0.82 -26.43
C SER B 368 11.35 0.69 -26.57
N ILE B 369 10.87 1.16 -27.73
CA ILE B 369 10.62 2.58 -27.93
C ILE B 369 9.44 3.04 -27.08
N VAL B 370 8.53 2.13 -26.74
CA VAL B 370 7.25 2.49 -26.17
C VAL B 370 7.39 2.94 -24.72
N HIS B 371 8.51 2.63 -24.07
CA HIS B 371 8.67 3.05 -22.68
C HIS B 371 9.21 4.46 -22.57
N ARG B 372 10.15 4.84 -23.44
CA ARG B 372 10.73 6.17 -23.44
C ARG B 372 10.00 7.13 -24.36
N LYS B 373 8.80 6.79 -24.79
CA LYS B 373 8.01 7.68 -25.63
C LYS B 373 6.62 7.92 -25.09
N CYS B 374 5.97 6.90 -24.54
CA CYS B 374 4.61 7.04 -24.03
C CYS B 374 4.59 7.52 -22.59
N PHE B 375 5.18 6.75 -21.69
CA PHE B 375 5.18 7.10 -20.28
C PHE B 375 6.41 6.51 -19.60
N GLU C 4 24.07 -6.84 42.32
CA GLU C 4 23.66 -6.59 40.95
C GLU C 4 24.36 -7.53 39.98
N THR C 5 23.60 -8.11 39.06
CA THR C 5 24.21 -9.00 38.07
C THR C 5 24.80 -8.19 36.92
N THR C 6 23.93 -7.53 36.14
CA THR C 6 24.32 -6.84 34.91
C THR C 6 23.12 -6.00 34.45
N ALA C 7 23.30 -5.32 33.32
CA ALA C 7 22.28 -4.44 32.76
C ALA C 7 21.85 -4.94 31.39
N LEU C 8 20.62 -4.58 31.01
CA LEU C 8 20.02 -4.97 29.75
C LEU C 8 20.17 -3.86 28.72
N VAL C 9 20.43 -4.25 27.48
CA VAL C 9 20.54 -3.31 26.38
C VAL C 9 19.50 -3.73 25.35
N CYS C 10 18.38 -3.03 25.28
CA CYS C 10 17.29 -3.37 24.38
C CYS C 10 17.26 -2.34 23.26
N ASP C 11 17.87 -2.68 22.13
CA ASP C 11 17.84 -1.84 20.93
C ASP C 11 16.56 -2.14 20.16
N ASN C 12 15.52 -1.35 20.40
CA ASN C 12 14.29 -1.49 19.65
C ASN C 12 14.40 -0.71 18.36
N GLY C 13 14.41 -1.42 17.24
CA GLY C 13 14.41 -0.81 15.93
C GLY C 13 13.08 -0.94 15.23
N SER C 14 13.00 -0.30 14.07
CA SER C 14 11.80 -0.41 13.26
C SER C 14 11.67 -1.78 12.61
N GLY C 15 12.76 -2.50 12.42
CA GLY C 15 12.70 -3.78 11.75
C GLY C 15 13.12 -4.96 12.59
N LEU C 16 14.07 -4.76 13.49
CA LEU C 16 14.55 -5.82 14.34
C LEU C 16 14.62 -5.34 15.78
N VAL C 17 14.45 -6.26 16.71
CA VAL C 17 14.62 -5.98 18.12
C VAL C 17 15.90 -6.69 18.53
N LYS C 18 16.98 -5.93 18.68
CA LYS C 18 18.23 -6.46 19.20
C LYS C 18 18.21 -6.33 20.70
N ALA C 19 18.51 -7.43 21.40
CA ALA C 19 18.51 -7.37 22.85
C ALA C 19 19.55 -8.32 23.40
N GLY C 20 20.01 -8.02 24.61
CA GLY C 20 21.04 -8.82 25.22
C GLY C 20 21.45 -8.21 26.54
N PHE C 21 22.64 -8.57 26.98
CA PHE C 21 23.20 -8.06 28.21
C PHE C 21 24.40 -7.18 27.92
N ALA C 22 24.69 -6.27 28.84
CA ALA C 22 25.85 -5.43 28.71
C ALA C 22 27.12 -6.24 28.92
N GLY C 23 28.19 -5.83 28.26
CA GLY C 23 29.44 -6.54 28.34
C GLY C 23 29.59 -7.67 27.35
N ASP C 24 28.58 -7.97 26.57
CA ASP C 24 28.67 -8.99 25.54
C ASP C 24 29.11 -8.36 24.23
N ASP C 25 29.46 -9.22 23.28
CA ASP C 25 29.90 -8.77 21.96
C ASP C 25 28.89 -9.05 20.86
N ALA C 26 27.73 -9.62 21.20
CA ALA C 26 26.67 -9.89 20.24
C ALA C 26 25.37 -10.00 20.99
N PRO C 27 24.26 -9.56 20.42
CA PRO C 27 22.98 -9.68 21.11
C PRO C 27 22.49 -11.11 21.10
N ARG C 28 21.91 -11.53 22.23
CA ARG C 28 21.37 -12.87 22.37
C ARG C 28 19.96 -13.00 21.80
N ALA C 29 19.40 -11.91 21.32
CA ALA C 29 17.98 -11.85 20.95
C ALA C 29 17.84 -10.97 19.73
N VAL C 30 17.82 -11.57 18.55
CA VAL C 30 17.59 -10.84 17.31
C VAL C 30 16.38 -11.47 16.64
N PHE C 31 15.26 -10.76 16.67
CA PHE C 31 14.02 -11.22 16.08
C PHE C 31 13.31 -10.00 15.52
N PRO C 32 12.49 -10.15 14.48
CA PRO C 32 11.84 -8.99 13.88
C PRO C 32 10.75 -8.41 14.77
N SER C 33 10.51 -7.13 14.57
CA SER C 33 9.57 -6.37 15.38
C SER C 33 8.18 -6.42 14.75
N ILE C 34 7.62 -7.62 14.71
CA ILE C 34 6.36 -7.89 14.03
C ILE C 34 5.39 -8.51 15.04
N VAL C 35 4.18 -7.97 15.10
CA VAL C 35 3.09 -8.56 15.85
C VAL C 35 1.99 -8.93 14.87
N GLY C 36 1.70 -10.22 14.76
CA GLY C 36 0.73 -10.72 13.81
C GLY C 36 -0.51 -11.25 14.52
N ARG C 37 -1.67 -10.86 14.00
CA ARG C 37 -2.98 -11.40 14.32
C ARG C 37 -3.44 -12.33 13.21
N PRO C 38 -4.08 -13.44 13.54
CA PRO C 38 -4.63 -14.31 12.49
C PRO C 38 -5.85 -13.70 11.85
N ARG C 39 -6.01 -13.95 10.56
CA ARG C 39 -7.08 -13.32 9.80
C ARG C 39 -8.09 -14.28 9.20
N HIS C 40 -7.80 -15.58 9.19
CA HIS C 40 -8.74 -16.53 8.64
C HIS C 40 -9.65 -17.08 9.75
N GLN C 41 -10.35 -18.16 9.43
CA GLN C 41 -11.49 -18.61 10.25
C GLN C 41 -11.05 -19.28 11.54
N GLY C 42 -10.35 -20.40 11.43
CA GLY C 42 -9.95 -21.13 12.61
C GLY C 42 -10.94 -22.22 12.91
N VAL C 43 -10.58 -23.47 12.64
CA VAL C 43 -11.55 -24.55 12.69
C VAL C 43 -11.09 -25.74 13.51
N MET C 44 -9.80 -25.90 13.79
CA MET C 44 -9.35 -26.96 14.68
C MET C 44 -9.52 -26.53 16.12
N VAL C 45 -10.24 -27.32 16.89
CA VAL C 45 -10.57 -26.97 18.27
C VAL C 45 -9.36 -27.21 19.17
N GLY C 46 -8.99 -26.18 19.94
CA GLY C 46 -7.86 -26.30 20.85
C GLY C 46 -6.55 -26.28 20.08
N MET C 47 -5.68 -27.23 20.45
CA MET C 47 -4.34 -27.50 19.87
C MET C 47 -3.51 -26.23 19.64
N GLY C 48 -3.50 -25.35 20.64
CA GLY C 48 -2.54 -24.27 20.72
C GLY C 48 -2.69 -23.15 19.72
N GLN C 49 -3.77 -22.40 19.82
CA GLN C 49 -3.97 -21.20 19.00
C GLN C 49 -3.99 -19.99 19.92
N LYS C 50 -2.99 -19.12 19.78
CA LYS C 50 -2.94 -17.91 20.56
C LYS C 50 -3.66 -16.77 19.84
N ASP C 51 -3.93 -15.71 20.59
CA ASP C 51 -4.59 -14.55 20.01
C ASP C 51 -3.64 -13.71 19.18
N SER C 52 -2.34 -13.80 19.47
CA SER C 52 -1.35 -12.98 18.79
C SER C 52 -0.04 -13.75 18.70
N TYR C 53 0.74 -13.43 17.68
CA TYR C 53 2.04 -14.05 17.45
C TYR C 53 3.07 -12.95 17.25
N VAL C 54 4.19 -13.03 17.94
CA VAL C 54 5.17 -11.96 18.00
C VAL C 54 6.52 -12.50 17.54
N GLY C 55 7.14 -11.80 16.61
CA GLY C 55 8.55 -12.00 16.32
C GLY C 55 8.89 -13.18 15.44
N ASP C 56 9.70 -14.10 15.97
CA ASP C 56 10.13 -15.25 15.17
C ASP C 56 8.98 -16.23 14.95
N GLU C 57 8.00 -16.24 15.85
CA GLU C 57 6.86 -17.15 15.68
C GLU C 57 5.93 -16.64 14.59
N ALA C 58 5.67 -15.33 14.56
CA ALA C 58 4.84 -14.76 13.51
C ALA C 58 5.55 -14.75 12.16
N GLN C 59 6.88 -14.83 12.16
CA GLN C 59 7.61 -14.93 10.90
C GLN C 59 7.46 -16.31 10.30
N SER C 60 7.27 -17.33 11.14
CA SER C 60 7.10 -18.68 10.63
C SER C 60 5.67 -18.94 10.16
N LYS C 61 4.69 -18.45 10.92
CA LYS C 61 3.28 -18.67 10.62
C LYS C 61 2.67 -17.55 9.80
N ARG C 62 3.45 -16.88 8.96
CA ARG C 62 3.02 -15.61 8.40
C ARG C 62 2.02 -15.74 7.26
N GLY C 63 1.75 -16.94 6.77
CA GLY C 63 0.82 -17.08 5.66
C GLY C 63 -0.62 -16.84 6.04
N ILE C 64 -0.94 -16.93 7.32
CA ILE C 64 -2.29 -16.84 7.84
C ILE C 64 -2.47 -15.67 8.77
N LEU C 65 -1.51 -14.75 8.80
CA LEU C 65 -1.47 -13.66 9.75
C LEU C 65 -1.46 -12.31 9.04
N THR C 66 -2.08 -11.33 9.70
CA THR C 66 -2.00 -9.94 9.27
C THR C 66 -0.85 -9.31 10.04
N LEU C 67 0.33 -9.33 9.44
CA LEU C 67 1.51 -8.83 10.12
C LEU C 67 1.51 -7.31 10.08
N LYS C 68 1.96 -6.71 11.18
CA LYS C 68 2.09 -5.27 11.20
C LYS C 68 3.22 -4.90 12.15
N TYR C 69 3.82 -3.78 11.88
CA TYR C 69 4.92 -3.22 12.64
C TYR C 69 4.39 -2.18 13.61
N PRO C 70 4.69 -2.27 14.90
CA PRO C 70 4.27 -1.21 15.81
C PRO C 70 5.08 0.06 15.69
N ILE C 71 6.28 -0.01 15.12
CA ILE C 71 7.16 1.13 14.98
C ILE C 71 7.22 1.51 13.51
N GLU C 72 6.73 2.69 13.19
CA GLU C 72 6.87 3.21 11.84
C GLU C 72 7.63 4.52 11.86
N HIC C 73 8.76 4.54 11.15
CA HIC C 73 9.66 5.67 11.05
C HIC C 73 10.15 6.15 12.41
O HIC C 73 10.23 7.33 12.70
CB HIC C 73 9.10 6.94 10.38
CG HIC C 73 8.50 6.71 9.06
ND1 HIC C 73 9.10 5.96 8.05
CD2 HIC C 73 7.27 7.22 8.62
CE1 HIC C 73 8.24 6.00 7.02
NE2 HIC C 73 7.10 6.76 7.31
CZ HIC C 73 5.99 7.02 6.47
N GLY C 74 10.47 5.19 13.26
CA GLY C 74 10.97 5.52 14.58
C GLY C 74 9.90 5.76 15.63
N ILE C 75 8.79 6.38 15.21
CA ILE C 75 7.70 6.67 16.13
C ILE C 75 6.93 5.40 16.42
N ILE C 76 6.78 5.06 17.69
CA ILE C 76 5.93 3.95 18.09
C ILE C 76 4.48 4.39 18.00
N THR C 77 3.70 3.73 17.16
CA THR C 77 2.32 4.14 16.91
C THR C 77 1.28 3.23 17.55
N ASN C 78 1.67 2.08 18.07
CA ASN C 78 0.74 1.03 18.47
C ASN C 78 1.15 0.47 19.83
N TRP C 79 1.18 1.33 20.86
CA TRP C 79 1.70 1.03 22.19
C TRP C 79 1.17 -0.24 22.84
N ASP C 80 0.02 -0.77 22.41
CA ASP C 80 -0.38 -2.09 22.86
C ASP C 80 0.55 -3.17 22.31
N ASP C 81 0.88 -3.09 21.02
CA ASP C 81 1.76 -4.08 20.41
C ASP C 81 3.21 -3.90 20.84
N MET C 82 3.61 -2.70 21.22
CA MET C 82 5.00 -2.52 21.62
C MET C 82 5.23 -3.05 23.02
N GLU C 83 4.22 -2.96 23.88
CA GLU C 83 4.28 -3.61 25.18
C GLU C 83 4.22 -5.13 25.04
N LYS C 84 3.72 -5.62 23.90
CA LYS C 84 3.65 -7.05 23.63
C LYS C 84 4.99 -7.60 23.13
N ILE C 85 5.78 -6.77 22.43
CA ILE C 85 7.11 -7.18 22.01
C ILE C 85 8.08 -7.18 23.19
N TRP C 86 8.04 -6.13 24.00
CA TRP C 86 8.88 -6.05 25.19
C TRP C 86 8.58 -7.17 26.17
N HIS C 87 7.32 -7.58 26.27
CA HIS C 87 6.97 -8.72 27.09
C HIS C 87 7.53 -10.01 26.50
N HIS C 88 7.54 -10.12 25.17
CA HIS C 88 8.16 -11.25 24.51
C HIS C 88 9.67 -11.19 24.59
N THR C 89 10.23 -9.99 24.63
CA THR C 89 11.69 -9.85 24.60
C THR C 89 12.31 -10.27 25.93
N PHE C 90 11.71 -9.84 27.03
CA PHE C 90 12.29 -10.10 28.34
C PHE C 90 11.98 -11.52 28.81
N TYR C 91 10.71 -11.90 28.79
CA TYR C 91 10.32 -13.18 29.36
C TYR C 91 10.57 -14.34 28.40
N ASN C 92 9.99 -14.27 27.20
CA ASN C 92 10.06 -15.41 26.30
C ASN C 92 11.41 -15.55 25.61
N GLU C 93 12.21 -14.51 25.57
CA GLU C 93 13.39 -14.54 24.71
C GLU C 93 14.70 -14.37 25.47
N LEU C 94 14.77 -13.47 26.45
CA LEU C 94 15.95 -13.38 27.29
C LEU C 94 15.83 -14.20 28.57
N ARG C 95 14.59 -14.43 29.02
CA ARG C 95 14.26 -15.17 30.24
C ARG C 95 14.91 -14.52 31.47
N VAL C 96 14.52 -13.27 31.71
CA VAL C 96 15.03 -12.50 32.82
C VAL C 96 13.86 -12.07 33.69
N ALA C 97 14.18 -11.46 34.82
CA ALA C 97 13.20 -10.75 35.62
C ALA C 97 13.43 -9.26 35.42
N PRO C 98 12.46 -8.52 34.91
CA PRO C 98 12.69 -7.08 34.64
C PRO C 98 12.84 -6.24 35.88
N GLU C 99 12.48 -6.73 37.05
CA GLU C 99 12.60 -5.96 38.29
C GLU C 99 13.99 -6.04 38.89
N GLU C 100 15.00 -6.49 38.16
CA GLU C 100 16.32 -6.68 38.74
C GLU C 100 17.40 -6.05 37.87
N HIS C 101 17.12 -5.92 36.58
CA HIS C 101 18.12 -5.42 35.65
C HIS C 101 17.77 -4.03 35.16
N PRO C 102 18.72 -3.10 35.13
CA PRO C 102 18.47 -1.80 34.52
C PRO C 102 18.57 -1.87 33.01
N THR C 103 17.65 -1.18 32.33
CA THR C 103 17.41 -1.37 30.90
C THR C 103 17.87 -0.15 30.13
N LEU C 104 18.77 -0.36 29.18
CA LEU C 104 19.24 0.70 28.29
C LEU C 104 18.41 0.66 27.01
N LEU C 105 17.74 1.76 26.70
CA LEU C 105 16.91 1.85 25.51
C LEU C 105 17.53 2.82 24.51
N THR C 106 17.25 2.62 23.24
CA THR C 106 17.74 3.48 22.19
C THR C 106 16.56 4.06 21.41
N GLU C 107 16.74 5.26 20.88
CA GLU C 107 15.78 5.80 19.92
C GLU C 107 16.49 6.80 19.03
N ALA C 108 15.81 7.16 17.95
CA ALA C 108 16.34 8.04 16.93
C ALA C 108 16.34 9.49 17.40
N PRO C 109 17.26 10.30 16.89
CA PRO C 109 17.22 11.74 17.20
C PRO C 109 16.12 12.44 16.43
N LEU C 110 15.82 13.66 16.87
CA LEU C 110 14.71 14.48 16.38
C LEU C 110 13.39 13.71 16.38
N ASN C 111 13.02 13.24 17.56
CA ASN C 111 11.90 12.33 17.71
C ASN C 111 10.89 13.04 18.60
N PRO C 112 9.61 12.61 18.59
CA PRO C 112 8.63 13.25 19.47
C PRO C 112 8.94 13.12 20.96
N LYS C 113 8.48 14.12 21.72
CA LYS C 113 8.69 14.12 23.16
C LYS C 113 7.86 13.03 23.82
N ALA C 114 6.65 12.80 23.32
CA ALA C 114 5.76 11.80 23.88
C ALA C 114 6.21 10.40 23.58
N ASN C 115 7.10 10.21 22.60
CA ASN C 115 7.61 8.88 22.32
C ASN C 115 8.58 8.44 23.40
N ARG C 116 9.33 9.37 23.97
CA ARG C 116 10.31 9.03 24.99
C ARG C 116 9.70 9.00 26.39
N GLU C 117 8.68 9.82 26.63
CA GLU C 117 7.97 9.77 27.91
C GLU C 117 7.19 8.48 28.06
N LYS C 118 6.65 7.96 26.96
CA LYS C 118 5.81 6.78 27.05
C LYS C 118 6.64 5.51 27.14
N MET C 119 7.86 5.50 26.61
CA MET C 119 8.79 4.42 26.92
C MET C 119 9.13 4.41 28.40
N THR C 120 9.34 5.60 28.97
CA THR C 120 9.72 5.70 30.38
C THR C 120 8.57 5.29 31.28
N GLN C 121 7.34 5.63 30.91
CA GLN C 121 6.20 5.25 31.70
C GLN C 121 5.96 3.75 31.68
N ILE C 122 6.23 3.09 30.57
CA ILE C 122 6.03 1.63 30.49
C ILE C 122 7.10 0.89 31.28
N MET C 123 8.36 1.33 31.20
CA MET C 123 9.42 0.58 31.84
C MET C 123 9.39 0.68 33.36
N PHE C 124 8.68 1.64 33.92
CA PHE C 124 8.54 1.71 35.37
C PHE C 124 7.16 1.28 35.87
N GLU C 125 6.08 1.66 35.21
CA GLU C 125 4.77 1.33 35.74
C GLU C 125 4.30 -0.06 35.35
N THR C 126 4.93 -0.69 34.36
CA THR C 126 4.52 -2.01 33.91
C THR C 126 5.56 -3.07 34.20
N PHE C 127 6.83 -2.81 33.89
CA PHE C 127 7.88 -3.77 34.13
C PHE C 127 8.61 -3.55 35.45
N ASN C 128 8.58 -2.33 35.98
CA ASN C 128 9.14 -1.95 37.28
C ASN C 128 10.64 -2.24 37.34
N VAL C 129 11.37 -1.67 36.38
CA VAL C 129 12.82 -1.86 36.30
C VAL C 129 13.47 -1.02 37.39
N PRO C 130 14.69 -1.34 37.84
CA PRO C 130 15.33 -0.48 38.83
C PRO C 130 15.76 0.85 38.27
N ALA C 131 16.17 0.89 37.01
CA ALA C 131 16.73 2.08 36.40
C ALA C 131 16.61 1.96 34.90
N MET C 132 16.65 3.09 34.22
CA MET C 132 16.66 3.06 32.76
C MET C 132 17.39 4.28 32.25
N TYR C 133 17.66 4.27 30.94
CA TYR C 133 18.32 5.37 30.27
C TYR C 133 18.03 5.25 28.78
N VAL C 134 17.59 6.34 28.16
CA VAL C 134 17.33 6.37 26.74
C VAL C 134 18.51 7.05 26.06
N ALA C 135 19.15 6.36 25.14
CA ALA C 135 20.29 6.91 24.43
C ALA C 135 19.97 7.14 22.97
N ILE C 136 20.73 7.99 22.34
CA ILE C 136 20.58 8.29 20.92
C ILE C 136 21.43 7.29 20.15
N GLN C 137 20.87 6.76 19.06
CA GLN C 137 21.46 5.63 18.37
C GLN C 137 22.77 5.99 17.70
N ALA C 138 22.87 7.19 17.14
CA ALA C 138 24.10 7.56 16.45
C ALA C 138 25.21 7.98 17.41
N VAL C 139 24.88 8.23 18.68
CA VAL C 139 25.93 8.33 19.68
C VAL C 139 26.50 6.95 19.96
N LEU C 140 25.63 5.95 20.10
CA LEU C 140 26.05 4.59 20.40
C LEU C 140 26.73 3.91 19.23
N SER C 141 26.51 4.38 18.00
CA SER C 141 27.23 3.82 16.87
C SER C 141 28.70 4.22 16.85
N LEU C 142 29.09 5.16 17.70
CA LEU C 142 30.45 5.68 17.69
C LEU C 142 31.27 5.14 18.85
N TYR C 143 30.61 4.66 19.92
CA TYR C 143 31.30 3.83 20.90
C TYR C 143 31.76 2.51 20.30
N ALA C 144 30.98 1.97 19.35
CA ALA C 144 31.27 0.66 18.79
C ALA C 144 32.53 0.67 17.96
N SER C 145 32.81 1.79 17.28
CA SER C 145 34.08 1.98 16.61
C SER C 145 35.15 2.52 17.55
N GLY C 146 34.78 2.82 18.79
CA GLY C 146 35.73 3.25 19.81
C GLY C 146 36.32 4.62 19.53
N ARG C 147 35.48 5.61 19.30
CA ARG C 147 35.94 6.91 18.85
C ARG C 147 35.27 8.03 19.61
N THR C 148 35.71 9.24 19.29
CA THR C 148 35.11 10.48 19.75
C THR C 148 34.68 11.39 18.63
N THR C 149 35.29 11.27 17.46
CA THR C 149 35.09 12.21 16.36
C THR C 149 34.52 11.47 15.17
N GLY C 150 33.47 12.02 14.59
CA GLY C 150 32.96 11.49 13.34
C GLY C 150 31.51 11.78 13.10
N ILE C 151 31.12 11.93 11.87
CA ILE C 151 29.71 11.99 11.53
C ILE C 151 29.23 10.57 11.29
N VAL C 152 28.01 10.28 11.75
CA VAL C 152 27.49 8.92 11.76
C VAL C 152 26.30 8.86 10.83
N LEU C 153 26.41 8.05 9.79
CA LEU C 153 25.28 7.78 8.89
C LEU C 153 24.62 6.50 9.36
N ASP C 154 23.57 6.64 10.16
CA ASP C 154 22.87 5.49 10.73
C ASP C 154 21.59 5.31 9.95
N SER C 155 21.61 4.40 8.98
CA SER C 155 20.45 4.12 8.14
C SER C 155 19.92 2.75 8.52
N GLY C 156 18.73 2.72 9.10
CA GLY C 156 18.15 1.46 9.51
C GLY C 156 16.93 1.09 8.68
N ASP C 157 15.86 0.65 9.35
CA ASP C 157 14.65 0.24 8.65
C ASP C 157 13.54 1.29 8.73
N GLY C 158 13.69 2.31 9.57
CA GLY C 158 12.65 3.30 9.65
C GLY C 158 13.12 4.72 9.41
N VAL C 159 14.40 4.98 9.60
CA VAL C 159 14.90 6.34 9.65
C VAL C 159 16.38 6.33 9.31
N THR C 160 16.80 7.32 8.52
CA THR C 160 18.20 7.56 8.20
C THR C 160 18.59 8.91 8.78
N HIS C 161 19.63 8.96 9.58
CA HIS C 161 19.96 10.22 10.24
C HIS C 161 21.46 10.38 10.41
N ASN C 162 21.93 11.58 10.10
CA ASN C 162 23.30 12.00 10.34
C ASN C 162 23.40 12.73 11.68
N VAL C 163 24.39 12.36 12.49
CA VAL C 163 24.69 13.11 13.70
C VAL C 163 26.18 13.43 13.72
N PRO C 164 26.57 14.68 13.53
CA PRO C 164 27.99 15.03 13.63
C PRO C 164 28.40 15.12 15.08
N ILE C 165 29.49 14.43 15.42
CA ILE C 165 30.00 14.38 16.78
C ILE C 165 31.48 14.70 16.69
N TYR C 166 31.88 15.86 17.19
CA TYR C 166 33.29 16.19 17.36
C TYR C 166 33.68 15.69 18.75
N GLU C 167 34.81 16.13 19.31
CA GLU C 167 35.54 15.38 20.34
C GLU C 167 34.74 15.32 21.64
N GLY C 168 33.74 14.44 21.62
CA GLY C 168 32.83 14.26 22.72
C GLY C 168 31.59 15.12 22.67
N TYR C 169 31.55 16.13 21.81
CA TYR C 169 30.51 17.15 21.83
C TYR C 169 29.64 16.99 20.60
N ALA C 170 28.35 16.75 20.81
CA ALA C 170 27.41 16.63 19.71
C ALA C 170 26.96 18.02 19.27
N LEU C 171 26.68 18.14 17.97
CA LEU C 171 26.27 19.40 17.37
C LEU C 171 24.81 19.26 16.97
N PRO C 172 23.86 19.60 17.84
CA PRO C 172 22.46 19.23 17.58
C PRO C 172 21.79 20.06 16.51
N HIS C 173 22.41 21.11 16.02
CA HIS C 173 21.85 21.91 14.95
C HIS C 173 22.19 21.37 13.57
N ALA C 174 23.11 20.41 13.48
CA ALA C 174 23.49 19.81 12.21
C ALA C 174 22.95 18.40 12.05
N ILE C 175 22.10 17.96 12.96
CA ILE C 175 21.52 16.62 12.89
C ILE C 175 20.45 16.62 11.82
N MET C 176 20.70 15.90 10.74
CA MET C 176 19.70 15.66 9.70
C MET C 176 18.93 14.40 10.05
N ARG C 177 17.67 14.36 9.64
CA ARG C 177 16.83 13.18 9.81
C ARG C 177 16.03 12.98 8.53
N LEU C 178 16.29 11.86 7.86
CA LEU C 178 15.66 11.53 6.60
C LEU C 178 14.89 10.23 6.77
N ASP C 179 13.58 10.26 6.50
CA ASP C 179 12.72 9.12 6.76
C ASP C 179 12.67 8.15 5.58
N LEU C 180 13.69 8.14 4.74
CA LEU C 180 13.87 7.09 3.75
C LEU C 180 14.77 6.03 4.37
N ALA C 181 14.31 4.78 4.35
CA ALA C 181 15.07 3.73 4.99
C ALA C 181 14.79 2.42 4.27
N GLY C 182 15.09 1.30 4.94
CA GLY C 182 14.94 0.00 4.32
C GLY C 182 13.51 -0.39 4.05
N ARG C 183 12.56 0.08 4.87
CA ARG C 183 11.16 -0.25 4.62
C ARG C 183 10.63 0.50 3.41
N ASP C 184 11.19 1.65 3.08
CA ASP C 184 10.84 2.35 1.85
C ASP C 184 11.61 1.83 0.64
N LEU C 185 12.66 1.05 0.85
CA LEU C 185 13.31 0.40 -0.28
C LEU C 185 12.61 -0.89 -0.65
N THR C 186 11.99 -1.55 0.32
CA THR C 186 11.18 -2.72 0.03
C THR C 186 9.94 -2.34 -0.74
N ASP C 187 9.27 -1.26 -0.33
CA ASP C 187 8.04 -0.84 -0.97
C ASP C 187 8.27 -0.27 -2.35
N TYR C 188 9.46 0.24 -2.63
CA TYR C 188 9.79 0.57 -4.01
C TYR C 188 10.17 -0.67 -4.79
N LEU C 189 10.68 -1.70 -4.12
CA LEU C 189 11.04 -2.91 -4.82
C LEU C 189 9.81 -3.73 -5.17
N MET C 190 8.77 -3.70 -4.33
CA MET C 190 7.51 -4.34 -4.71
C MET C 190 6.83 -3.63 -5.86
N LYS C 191 7.13 -2.35 -6.09
CA LYS C 191 6.53 -1.63 -7.19
C LYS C 191 7.25 -1.89 -8.50
N ILE C 192 8.57 -2.11 -8.47
CA ILE C 192 9.32 -2.35 -9.69
C ILE C 192 9.58 -3.82 -9.96
N LEU C 193 9.15 -4.71 -9.08
CA LEU C 193 9.04 -6.11 -9.48
C LEU C 193 7.75 -6.38 -10.22
N THR C 194 6.79 -5.47 -10.14
CA THR C 194 5.55 -5.60 -10.90
C THR C 194 5.80 -5.49 -12.38
N GLU C 195 6.79 -4.70 -12.80
CA GLU C 195 7.06 -4.54 -14.22
C GLU C 195 7.76 -5.74 -14.83
N ARG C 196 8.29 -6.66 -14.01
CA ARG C 196 8.65 -7.98 -14.51
C ARG C 196 7.44 -8.89 -14.62
N GLY C 197 6.39 -8.61 -13.85
CA GLY C 197 5.20 -9.42 -13.88
C GLY C 197 4.81 -9.92 -12.51
N TYR C 198 5.77 -9.96 -11.60
CA TYR C 198 5.57 -10.60 -10.30
C TYR C 198 4.89 -9.63 -9.35
N SER C 199 3.73 -10.01 -8.85
CA SER C 199 2.89 -9.14 -8.03
C SER C 199 2.93 -9.61 -6.59
N PHE C 200 3.74 -8.95 -5.78
CA PHE C 200 3.76 -9.17 -4.34
C PHE C 200 2.97 -8.05 -3.69
N VAL C 201 1.86 -8.39 -3.04
CA VAL C 201 0.91 -7.39 -2.55
C VAL C 201 0.67 -7.50 -1.05
N THR C 202 0.32 -8.69 -0.56
CA THR C 202 -0.13 -8.81 0.81
C THR C 202 1.08 -8.80 1.75
N THR C 203 0.82 -8.72 3.06
CA THR C 203 1.90 -8.38 3.98
C THR C 203 2.85 -9.55 4.18
N ALA C 204 2.40 -10.77 3.88
CA ALA C 204 3.30 -11.91 3.97
C ALA C 204 4.28 -11.94 2.81
N GLU C 205 3.96 -11.31 1.68
CA GLU C 205 4.93 -11.17 0.60
C GLU C 205 5.85 -9.99 0.80
N ARG C 206 5.49 -9.08 1.69
CA ARG C 206 6.37 -7.97 2.04
C ARG C 206 7.62 -8.48 2.75
N GLU C 207 7.50 -9.60 3.46
CA GLU C 207 8.63 -10.25 4.10
C GLU C 207 9.41 -11.15 3.17
N ILE C 208 8.95 -11.31 1.94
CA ILE C 208 9.72 -12.03 0.92
C ILE C 208 10.56 -11.07 0.10
N VAL C 209 9.97 -9.94 -0.28
CA VAL C 209 10.68 -8.92 -1.03
C VAL C 209 11.76 -8.28 -0.16
N ARG C 210 11.55 -8.26 1.15
CA ARG C 210 12.62 -7.88 2.07
C ARG C 210 13.77 -8.86 2.00
N ASP C 211 13.46 -10.15 1.82
CA ASP C 211 14.49 -11.17 1.73
C ASP C 211 15.12 -11.24 0.35
N ILE C 212 14.42 -10.79 -0.69
CA ILE C 212 15.03 -10.62 -2.01
C ILE C 212 16.07 -9.50 -1.95
N LYS C 213 15.73 -8.42 -1.25
CA LYS C 213 16.57 -7.25 -1.18
C LYS C 213 17.85 -7.50 -0.40
N GLU C 214 17.79 -8.33 0.63
CA GLU C 214 18.96 -8.65 1.43
C GLU C 214 19.89 -9.65 0.78
N LYS C 215 19.54 -10.18 -0.38
CA LYS C 215 20.35 -11.21 -1.02
C LYS C 215 20.80 -10.87 -2.42
N LEU C 216 20.05 -10.07 -3.16
CA LEU C 216 20.34 -9.86 -4.56
C LEU C 216 20.57 -8.41 -4.94
N CYS C 217 20.36 -7.47 -4.03
CA CYS C 217 20.50 -6.06 -4.35
C CYS C 217 21.87 -5.56 -3.93
N TYR C 218 22.46 -4.72 -4.79
CA TYR C 218 23.74 -4.10 -4.53
C TYR C 218 23.64 -2.64 -4.96
N VAL C 219 24.71 -1.89 -4.78
CA VAL C 219 24.73 -0.47 -5.14
C VAL C 219 25.63 -0.30 -6.34
N ALA C 220 25.08 0.26 -7.41
CA ALA C 220 25.84 0.54 -8.60
C ALA C 220 26.81 1.68 -8.37
N LEU C 221 28.05 1.51 -8.81
CA LEU C 221 29.04 2.57 -8.62
C LEU C 221 28.80 3.73 -9.58
N ASP C 222 28.25 3.46 -10.77
CA ASP C 222 27.79 4.53 -11.66
C ASP C 222 26.47 4.06 -12.26
N PHE C 223 25.38 4.73 -11.89
CA PHE C 223 24.04 4.24 -12.18
C PHE C 223 23.72 4.32 -13.67
N GLU C 224 24.27 5.30 -14.38
CA GLU C 224 23.97 5.43 -15.79
C GLU C 224 24.75 4.45 -16.66
N ASN C 225 25.74 3.75 -16.09
CA ASN C 225 26.48 2.74 -16.84
C ASN C 225 25.99 1.33 -16.58
N GLU C 226 25.44 1.06 -15.40
CA GLU C 226 24.82 -0.24 -15.17
C GLU C 226 23.50 -0.36 -15.91
N MET C 227 22.82 0.76 -16.16
CA MET C 227 21.64 0.74 -17.01
C MET C 227 22.00 0.50 -18.47
N ALA C 228 23.24 0.81 -18.87
CA ALA C 228 23.71 0.41 -20.19
C ALA C 228 24.09 -1.06 -20.21
N THR C 229 24.48 -1.62 -19.07
CA THR C 229 24.79 -3.04 -18.97
C THR C 229 23.53 -3.89 -19.03
N ALA C 230 22.37 -3.31 -18.73
CA ALA C 230 21.09 -4.00 -18.87
C ALA C 230 20.71 -4.27 -20.32
N ALA C 231 21.43 -3.70 -21.29
CA ALA C 231 21.28 -4.12 -22.68
C ALA C 231 21.77 -5.55 -22.88
N SER C 232 22.99 -5.84 -22.41
CA SER C 232 23.50 -7.21 -22.41
C SER C 232 23.34 -7.82 -21.01
N SER C 233 22.09 -8.18 -20.70
CA SER C 233 21.76 -8.69 -19.38
C SER C 233 22.20 -10.15 -19.28
N SER C 234 23.51 -10.33 -19.04
CA SER C 234 24.10 -11.64 -18.95
C SER C 234 24.61 -11.94 -17.55
N SER C 235 25.50 -11.11 -17.03
CA SER C 235 25.95 -11.24 -15.65
C SER C 235 25.11 -10.40 -14.70
N LEU C 236 24.16 -9.64 -15.24
CA LEU C 236 23.36 -8.76 -14.40
C LEU C 236 22.23 -9.53 -13.71
N GLU C 237 21.56 -10.40 -14.44
CA GLU C 237 20.36 -11.06 -13.94
C GLU C 237 20.73 -12.20 -13.01
N LYS C 238 20.05 -12.29 -11.88
CA LYS C 238 20.15 -13.39 -10.96
C LYS C 238 18.78 -14.01 -10.75
N SER C 239 18.75 -15.14 -10.08
CA SER C 239 17.51 -15.86 -9.81
C SER C 239 17.30 -15.98 -8.31
N TYR C 240 16.06 -16.24 -7.93
CA TYR C 240 15.71 -16.38 -6.52
C TYR C 240 14.56 -17.36 -6.39
N GLU C 241 14.73 -18.35 -5.52
CA GLU C 241 13.70 -19.37 -5.30
C GLU C 241 12.73 -18.89 -4.23
N LEU C 242 11.49 -18.68 -4.63
CA LEU C 242 10.44 -18.26 -3.71
C LEU C 242 10.03 -19.42 -2.82
N PRO C 243 9.34 -19.16 -1.70
CA PRO C 243 8.88 -20.26 -0.84
C PRO C 243 7.74 -21.11 -1.40
N ASP C 244 7.26 -20.85 -2.61
CA ASP C 244 6.36 -21.80 -3.26
C ASP C 244 7.07 -22.64 -4.31
N GLY C 245 8.35 -22.41 -4.52
CA GLY C 245 9.12 -23.14 -5.50
C GLY C 245 9.34 -22.39 -6.79
N GLN C 246 8.66 -21.27 -7.00
CA GLN C 246 8.82 -20.51 -8.21
C GLN C 246 10.17 -19.78 -8.21
N VAL C 247 10.63 -19.43 -9.39
CA VAL C 247 11.84 -18.64 -9.53
C VAL C 247 11.49 -17.34 -10.22
N ILE C 248 12.22 -16.29 -9.86
CA ILE C 248 12.10 -14.99 -10.48
C ILE C 248 13.46 -14.57 -11.00
N THR C 249 13.50 -13.95 -12.17
CA THR C 249 14.75 -13.53 -12.78
C THR C 249 14.77 -12.00 -12.67
N ILE C 250 15.31 -11.52 -11.57
CA ILE C 250 15.42 -10.09 -11.32
C ILE C 250 16.64 -9.56 -12.06
N GLY C 251 16.45 -8.44 -12.75
CA GLY C 251 17.49 -7.94 -13.66
C GLY C 251 18.14 -6.66 -13.22
N ASN C 252 17.74 -5.54 -13.83
CA ASN C 252 18.27 -4.26 -13.38
C ASN C 252 17.66 -3.80 -12.07
N GLU C 253 16.61 -4.46 -11.58
CA GLU C 253 16.02 -4.14 -10.29
C GLU C 253 16.91 -4.52 -9.12
N ARG C 254 18.07 -5.13 -9.36
CA ARG C 254 19.02 -5.39 -8.29
C ARG C 254 19.66 -4.10 -7.80
N PHE C 255 20.28 -3.37 -8.72
CA PHE C 255 20.97 -2.14 -8.35
C PHE C 255 20.06 -0.94 -8.31
N ARG C 256 18.82 -1.06 -8.74
CA ARG C 256 18.04 0.14 -8.96
C ARG C 256 17.26 0.55 -7.73
N CYS C 257 16.89 -0.38 -6.87
CA CYS C 257 16.26 0.07 -5.62
C CYS C 257 17.22 0.66 -4.58
N PRO C 258 18.50 0.29 -4.44
CA PRO C 258 19.35 1.08 -3.52
C PRO C 258 19.79 2.42 -4.08
N GLU C 259 19.55 2.70 -5.36
CA GLU C 259 19.76 4.03 -5.91
C GLU C 259 18.76 5.04 -5.34
N THR C 260 17.66 4.57 -4.77
CA THR C 260 16.72 5.43 -4.08
C THR C 260 17.33 6.08 -2.85
N LEU C 261 18.33 5.43 -2.24
CA LEU C 261 19.11 6.06 -1.18
C LEU C 261 19.89 7.27 -1.71
N PHE C 262 20.26 7.26 -2.97
CA PHE C 262 21.05 8.32 -3.57
C PHE C 262 20.24 9.24 -4.48
N GLN C 263 19.08 8.80 -4.94
CA GLN C 263 18.13 9.67 -5.64
C GLN C 263 16.75 9.40 -5.09
N PRO C 264 16.35 10.10 -4.03
CA PRO C 264 15.03 9.85 -3.43
C PRO C 264 13.85 10.33 -4.26
N SER C 265 14.07 10.92 -5.43
CA SER C 265 12.97 11.28 -6.31
C SER C 265 12.33 10.07 -6.98
N PHE C 266 12.93 8.89 -6.87
CA PHE C 266 12.31 7.67 -7.38
C PHE C 266 11.06 7.31 -6.61
N ILE C 267 11.01 7.62 -5.33
CA ILE C 267 9.81 7.41 -4.54
C ILE C 267 9.09 8.73 -4.25
N GLY C 268 9.37 9.77 -5.04
CA GLY C 268 8.63 11.00 -4.94
C GLY C 268 8.96 11.88 -3.75
N MET C 269 10.13 11.72 -3.15
CA MET C 269 10.57 12.61 -2.10
C MET C 269 11.37 13.75 -2.69
N GLU C 270 11.10 14.97 -2.21
CA GLU C 270 11.80 16.15 -2.71
C GLU C 270 13.23 16.22 -2.18
N SER C 271 13.52 15.55 -1.07
CA SER C 271 14.77 15.71 -0.34
C SER C 271 15.94 15.09 -1.12
N ALA C 272 17.12 15.20 -0.53
CA ALA C 272 18.36 14.79 -1.17
C ALA C 272 18.79 13.40 -0.69
N GLY C 273 19.74 12.82 -1.40
CA GLY C 273 20.23 11.51 -1.08
C GLY C 273 21.10 11.51 0.16
N ILE C 274 21.57 10.31 0.51
CA ILE C 274 22.39 10.18 1.71
C ILE C 274 23.80 10.70 1.52
N HIS C 275 24.22 10.94 0.28
CA HIS C 275 25.51 11.57 0.05
C HIS C 275 25.43 13.08 0.17
N GLU C 276 24.25 13.66 -0.04
CA GLU C 276 24.06 15.10 0.11
C GLU C 276 23.44 15.49 1.44
N THR C 277 22.92 14.55 2.22
CA THR C 277 22.58 14.88 3.59
C THR C 277 23.75 14.68 4.52
N THR C 278 24.77 13.95 4.10
CA THR C 278 26.03 13.93 4.85
C THR C 278 26.80 15.21 4.61
N TYR C 279 26.84 15.65 3.35
CA TYR C 279 27.61 16.84 2.99
C TYR C 279 26.95 18.11 3.50
N ASN C 280 25.62 18.17 3.50
CA ASN C 280 24.96 19.35 4.02
C ASN C 280 24.98 19.38 5.53
N SER C 281 25.24 18.26 6.18
CA SER C 281 25.36 18.25 7.63
C SER C 281 26.77 18.55 8.09
N ILE C 282 27.77 18.29 7.26
CA ILE C 282 29.12 18.75 7.54
C ILE C 282 29.23 20.25 7.28
N MET C 283 28.62 20.72 6.21
CA MET C 283 28.62 22.15 5.89
C MET C 283 27.75 22.99 6.81
N LYS C 284 27.03 22.40 7.76
CA LYS C 284 26.40 23.17 8.82
C LYS C 284 27.22 23.14 10.11
N CYS C 285 28.39 22.54 10.09
CA CYS C 285 29.26 22.54 11.25
C CYS C 285 30.24 23.69 11.16
N ASP C 286 31.10 23.81 12.17
CA ASP C 286 32.11 24.85 12.16
C ASP C 286 33.22 24.48 11.19
N ILE C 287 33.86 25.50 10.64
CA ILE C 287 34.82 25.30 9.55
C ILE C 287 36.12 24.68 10.03
N ASP C 288 36.36 24.66 11.34
CA ASP C 288 37.58 24.08 11.87
C ASP C 288 37.46 22.59 12.17
N ILE C 289 36.26 22.03 12.13
CA ILE C 289 36.07 20.62 12.38
C ILE C 289 35.67 19.85 11.15
N ARG C 290 35.54 20.52 10.00
CA ARG C 290 35.12 19.83 8.78
C ARG C 290 36.20 18.92 8.24
N LYS C 291 37.46 19.14 8.61
CA LYS C 291 38.52 18.23 8.19
C LYS C 291 38.45 16.92 8.93
N ASP C 292 38.06 16.95 10.20
CA ASP C 292 37.97 15.72 10.97
C ASP C 292 36.68 14.97 10.74
N LEU C 293 35.65 15.62 10.21
CA LEU C 293 34.42 14.91 9.90
C LEU C 293 34.50 14.23 8.54
N TYR C 294 35.30 14.76 7.63
CA TYR C 294 35.55 14.08 6.37
C TYR C 294 36.29 12.78 6.59
N ALA C 295 37.27 12.76 7.48
CA ALA C 295 38.11 11.60 7.66
C ALA C 295 37.48 10.55 8.57
N ASN C 296 36.25 10.74 9.03
CA ASN C 296 35.57 9.80 9.91
C ASN C 296 34.09 9.79 9.53
N ASN C 297 33.72 8.91 8.61
CA ASN C 297 32.34 8.78 8.13
C ASN C 297 31.85 7.40 8.53
N VAL C 298 31.36 7.28 9.76
CA VAL C 298 30.99 5.98 10.29
C VAL C 298 29.61 5.60 9.78
N MET C 299 29.53 4.53 9.02
CA MET C 299 28.24 3.99 8.65
C MET C 299 27.81 2.93 9.65
N SER C 300 26.50 2.82 9.83
CA SER C 300 25.93 1.84 10.73
C SER C 300 24.53 1.51 10.23
N GLY C 301 23.88 0.59 10.92
CA GLY C 301 22.57 0.14 10.52
C GLY C 301 22.63 -0.86 9.37
N GLY C 302 21.51 -1.54 9.17
CA GLY C 302 21.49 -2.62 8.19
C GLY C 302 21.28 -2.18 6.77
N THR C 303 20.80 -0.95 6.55
CA THR C 303 20.63 -0.46 5.20
C THR C 303 21.97 -0.10 4.58
N THR C 304 23.00 0.09 5.40
CA THR C 304 24.35 0.30 4.92
C THR C 304 25.12 -0.99 4.73
N MET C 305 24.42 -2.10 4.52
CA MET C 305 25.04 -3.41 4.33
C MET C 305 25.02 -3.87 2.89
N TYR C 306 24.67 -3.00 1.94
CA TYR C 306 24.68 -3.42 0.55
C TYR C 306 26.11 -3.55 0.05
N PRO C 307 26.36 -4.48 -0.85
CA PRO C 307 27.67 -4.53 -1.51
C PRO C 307 27.92 -3.31 -2.38
N GLY C 308 28.89 -2.50 -1.99
CA GLY C 308 29.29 -1.35 -2.77
C GLY C 308 28.72 -0.03 -2.33
N ILE C 309 28.25 0.09 -1.08
CA ILE C 309 27.73 1.36 -0.63
C ILE C 309 28.82 2.22 -0.02
N ALA C 310 29.89 1.61 0.50
CA ALA C 310 31.03 2.39 0.95
C ALA C 310 31.84 2.90 -0.23
N ASP C 311 31.80 2.21 -1.35
CA ASP C 311 32.55 2.63 -2.53
C ASP C 311 31.86 3.77 -3.25
N ARG C 312 30.54 3.89 -3.13
CA ARG C 312 29.86 5.00 -3.77
C ARG C 312 29.77 6.23 -2.87
N MET C 313 29.68 6.03 -1.55
CA MET C 313 29.77 7.16 -0.63
C MET C 313 31.14 7.83 -0.70
N GLN C 314 32.20 7.03 -0.86
CA GLN C 314 33.52 7.62 -1.00
C GLN C 314 33.69 8.27 -2.35
N LYS C 315 32.94 7.81 -3.35
CA LYS C 315 33.03 8.40 -4.68
C LYS C 315 32.28 9.71 -4.76
N GLU C 316 31.15 9.80 -4.08
CA GLU C 316 30.19 10.85 -4.38
C GLU C 316 30.20 11.99 -3.35
N ILE C 317 30.79 11.78 -2.18
CA ILE C 317 31.13 12.90 -1.32
C ILE C 317 32.36 13.61 -1.88
N THR C 318 33.28 12.85 -2.47
CA THR C 318 34.49 13.41 -3.06
C THR C 318 34.17 14.35 -4.22
N ALA C 319 33.09 14.07 -4.95
CA ALA C 319 32.66 14.99 -5.99
C ALA C 319 32.02 16.26 -5.43
N LEU C 320 31.64 16.27 -4.15
CA LEU C 320 31.10 17.45 -3.50
C LEU C 320 32.13 18.20 -2.67
N ALA C 321 32.97 17.47 -1.94
CA ALA C 321 33.99 18.05 -1.10
C ALA C 321 35.07 18.71 -1.96
N PRO C 322 35.81 19.67 -1.41
CA PRO C 322 36.97 20.20 -2.14
C PRO C 322 38.05 19.14 -2.27
N SER C 323 38.78 19.24 -3.38
CA SER C 323 39.60 18.14 -3.88
C SER C 323 40.84 17.86 -3.02
N THR C 324 41.19 18.73 -2.09
CA THR C 324 42.35 18.55 -1.25
C THR C 324 42.02 17.91 0.09
N MET C 325 40.75 17.65 0.37
CA MET C 325 40.34 16.96 1.58
C MET C 325 40.14 15.47 1.30
N LYS C 326 40.72 14.64 2.16
CA LYS C 326 40.56 13.20 2.02
C LYS C 326 39.23 12.76 2.64
N ILE C 327 38.59 11.80 2.00
CA ILE C 327 37.33 11.25 2.47
C ILE C 327 37.58 9.79 2.81
N LYS C 328 37.12 9.37 3.98
CA LYS C 328 37.35 7.98 4.40
C LYS C 328 36.05 7.46 5.02
N ILE C 329 35.23 6.82 4.18
CA ILE C 329 34.04 6.13 4.65
C ILE C 329 34.46 4.89 5.42
N ILE C 330 33.96 4.75 6.64
CA ILE C 330 34.47 3.74 7.56
C ILE C 330 33.33 2.78 7.88
N ALA C 331 33.37 1.61 7.26
CA ALA C 331 32.34 0.60 7.40
C ALA C 331 32.93 -0.60 8.11
N PRO C 332 32.62 -0.82 9.39
CA PRO C 332 32.98 -2.10 10.01
C PRO C 332 32.15 -3.21 9.42
N PRO C 333 32.65 -4.45 9.44
CA PRO C 333 31.83 -5.56 8.97
C PRO C 333 30.68 -5.89 9.90
N GLU C 334 30.81 -5.60 11.20
CA GLU C 334 29.75 -5.85 12.17
C GLU C 334 28.80 -4.67 12.32
N ARG C 335 28.69 -3.81 11.30
CA ARG C 335 28.01 -2.52 11.43
C ARG C 335 26.50 -2.65 11.56
N LYS C 336 25.95 -3.84 11.35
CA LYS C 336 24.52 -4.05 11.56
C LYS C 336 24.15 -3.89 13.03
N TYR C 337 24.95 -4.45 13.93
CA TYR C 337 24.60 -4.46 15.33
C TYR C 337 25.30 -3.37 16.12
N SER C 338 25.93 -2.41 15.46
CA SER C 338 26.83 -1.49 16.13
C SER C 338 26.11 -0.52 17.05
N VAL C 339 24.81 -0.34 16.89
CA VAL C 339 24.06 0.41 17.88
C VAL C 339 23.94 -0.41 19.15
N TRP C 340 23.84 -1.73 19.03
CA TRP C 340 23.84 -2.55 20.22
C TRP C 340 25.25 -2.72 20.79
N ILE C 341 26.26 -2.75 19.92
CA ILE C 341 27.63 -2.94 20.38
C ILE C 341 28.08 -1.75 21.21
N GLY C 342 27.73 -0.54 20.78
CA GLY C 342 28.03 0.63 21.58
C GLY C 342 27.18 0.74 22.82
N GLY C 343 25.97 0.19 22.78
CA GLY C 343 25.16 0.17 23.98
C GLY C 343 25.66 -0.82 25.00
N SER C 344 26.34 -1.88 24.55
CA SER C 344 26.99 -2.79 25.47
C SER C 344 28.21 -2.16 26.10
N ILE C 345 28.88 -1.25 25.39
CA ILE C 345 30.04 -0.58 25.95
C ILE C 345 29.62 0.48 26.94
N LEU C 346 28.66 1.31 26.57
CA LEU C 346 28.22 2.41 27.41
C LEU C 346 27.56 1.95 28.70
N ALA C 347 26.86 0.82 28.68
CA ALA C 347 26.25 0.35 29.91
C ALA C 347 27.23 -0.34 30.84
N SER C 348 28.42 -0.68 30.35
CA SER C 348 29.44 -1.32 31.16
C SER C 348 30.56 -0.37 31.57
N LEU C 349 30.48 0.90 31.17
CA LEU C 349 31.47 1.87 31.63
C LEU C 349 31.25 2.18 33.11
N SER C 350 32.35 2.46 33.80
CA SER C 350 32.30 2.74 35.22
C SER C 350 31.85 4.17 35.51
N THR C 351 31.96 5.07 34.54
CA THR C 351 31.60 6.47 34.71
C THR C 351 30.14 6.73 34.39
N PHE C 352 29.33 5.67 34.27
CA PHE C 352 27.99 5.79 33.74
C PHE C 352 26.90 5.58 34.79
N GLN C 353 27.21 4.92 35.90
CA GLN C 353 26.22 4.47 36.87
C GLN C 353 25.56 5.59 37.66
N GLN C 354 25.88 6.85 37.42
CA GLN C 354 25.10 7.95 37.97
C GLN C 354 24.22 8.61 36.93
N MET C 355 24.21 8.10 35.70
CA MET C 355 23.37 8.64 34.65
C MET C 355 22.07 7.89 34.46
N TRP C 356 21.85 6.81 35.21
CA TRP C 356 20.60 6.09 35.13
C TRP C 356 19.47 6.90 35.75
N ILE C 357 18.26 6.71 35.23
CA ILE C 357 17.07 7.27 35.83
C ILE C 357 16.51 6.22 36.77
N THR C 358 16.75 6.37 38.06
CA THR C 358 16.29 5.35 38.97
C THR C 358 14.80 5.48 39.25
N LYS C 359 14.25 4.46 39.91
CA LYS C 359 12.83 4.43 40.22
C LYS C 359 12.44 5.51 41.22
N GLN C 360 13.35 5.86 42.13
CA GLN C 360 13.08 6.93 43.07
C GLN C 360 13.06 8.29 42.39
N GLU C 361 13.99 8.50 41.46
CA GLU C 361 14.06 9.76 40.73
C GLU C 361 12.87 9.92 39.79
N TYR C 362 12.28 8.82 39.34
CA TYR C 362 11.11 8.89 38.48
C TYR C 362 9.87 9.31 39.25
N ASP C 363 9.69 8.78 40.46
CA ASP C 363 8.42 8.90 41.17
C ASP C 363 8.15 10.33 41.63
N GLU C 364 9.20 11.07 41.99
CA GLU C 364 9.04 12.45 42.41
C GLU C 364 9.14 13.43 41.27
N ALA C 365 9.17 12.96 40.03
CA ALA C 365 9.35 13.84 38.88
C ALA C 365 8.40 13.55 37.72
N GLY C 366 7.69 12.43 37.73
CA GLY C 366 6.80 12.09 36.65
C GLY C 366 7.54 11.62 35.43
N PRO C 367 6.84 11.50 34.30
CA PRO C 367 7.51 11.02 33.08
C PRO C 367 8.34 12.07 32.36
N SER C 368 8.29 13.33 32.79
CA SER C 368 9.07 14.38 32.14
C SER C 368 10.50 14.47 32.64
N ILE C 369 10.93 13.51 33.48
CA ILE C 369 12.31 13.50 33.96
C ILE C 369 13.27 13.15 32.83
N VAL C 370 12.78 12.42 31.82
CA VAL C 370 13.65 11.82 30.82
C VAL C 370 14.23 12.86 29.86
N HIS C 371 13.65 14.05 29.80
CA HIS C 371 14.18 15.07 28.90
C HIS C 371 15.31 15.85 29.52
N ARG C 372 15.21 16.17 30.80
CA ARG C 372 16.25 16.91 31.51
C ARG C 372 17.25 15.99 32.19
N LYS C 373 17.29 14.73 31.83
CA LYS C 373 18.27 13.81 32.39
C LYS C 373 19.05 13.06 31.33
N CYS C 374 18.41 12.65 30.24
CA CYS C 374 19.09 11.90 29.20
C CYS C 374 19.75 12.81 28.18
N PHE C 375 18.95 13.64 27.50
CA PHE C 375 19.48 14.51 26.47
C PHE C 375 18.62 15.77 26.36
N GLU D 4 9.30 62.54 -18.98
CA GLU D 4 9.47 61.48 -17.99
C GLU D 4 8.21 61.29 -17.15
N THR D 5 7.79 60.03 -16.98
CA THR D 5 6.61 59.76 -16.16
C THR D 5 6.99 59.73 -14.68
N THR D 6 7.79 58.75 -14.28
CA THR D 6 8.12 58.49 -12.87
C THR D 6 9.23 57.45 -12.82
N ALA D 7 9.64 57.08 -11.61
CA ALA D 7 10.72 56.13 -11.40
C ALA D 7 10.21 54.90 -10.67
N LEU D 8 10.92 53.79 -10.87
CA LEU D 8 10.58 52.50 -10.28
C LEU D 8 11.40 52.27 -9.02
N VAL D 9 10.76 51.68 -8.00
CA VAL D 9 11.43 51.33 -6.77
C VAL D 9 11.25 49.83 -6.58
N CYS D 10 12.27 49.05 -6.87
CA CYS D 10 12.20 47.59 -6.79
C CYS D 10 13.01 47.13 -5.58
N ASP D 11 12.31 46.90 -4.48
CA ASP D 11 12.93 46.38 -3.25
C ASP D 11 12.97 44.86 -3.37
N ASN D 12 14.11 44.34 -3.83
CA ASN D 12 14.29 42.89 -3.89
C ASN D 12 14.77 42.41 -2.54
N GLY D 13 13.96 41.62 -1.86
CA GLY D 13 14.33 41.01 -0.60
C GLY D 13 14.56 39.52 -0.76
N SER D 14 15.01 38.92 0.34
CA SER D 14 15.20 37.48 0.36
C SER D 14 13.88 36.73 0.39
N GLY D 15 12.81 37.34 0.86
CA GLY D 15 11.56 36.64 0.97
C GLY D 15 10.44 37.21 0.13
N LEU D 16 10.42 38.53 -0.06
CA LEU D 16 9.40 39.18 -0.85
C LEU D 16 10.04 40.16 -1.81
N VAL D 17 9.38 40.36 -2.93
CA VAL D 17 9.78 41.36 -3.90
C VAL D 17 8.74 42.48 -3.82
N LYS D 18 9.10 43.56 -3.17
CA LYS D 18 8.25 44.75 -3.12
C LYS D 18 8.60 45.62 -4.31
N ALA D 19 7.58 46.03 -5.05
CA ALA D 19 7.85 46.87 -6.21
C ALA D 19 6.70 47.82 -6.43
N GLY D 20 6.99 48.93 -7.08
CA GLY D 20 5.99 49.94 -7.31
C GLY D 20 6.60 51.14 -7.98
N PHE D 21 5.92 52.26 -7.85
CA PHE D 21 6.38 53.52 -8.41
C PHE D 21 6.74 54.49 -7.31
N ALA D 22 7.61 55.43 -7.62
CA ALA D 22 7.98 56.46 -6.66
C ALA D 22 6.81 57.41 -6.45
N GLY D 23 6.73 57.96 -5.25
CA GLY D 23 5.65 58.86 -4.92
C GLY D 23 4.41 58.19 -4.40
N ASP D 24 4.36 56.87 -4.37
CA ASP D 24 3.23 56.15 -3.82
C ASP D 24 3.47 55.87 -2.34
N ASP D 25 2.42 55.43 -1.67
CA ASP D 25 2.49 55.12 -0.25
C ASP D 25 2.41 53.63 0.05
N ALA D 26 2.33 52.79 -0.98
CA ALA D 26 2.31 51.34 -0.82
C ALA D 26 2.76 50.71 -2.11
N PRO D 27 3.48 49.60 -2.07
CA PRO D 27 3.91 48.94 -3.30
C PRO D 27 2.74 48.26 -3.99
N ARG D 28 2.74 48.36 -5.32
CA ARG D 28 1.70 47.73 -6.13
C ARG D 28 1.97 46.27 -6.40
N ALA D 29 3.12 45.76 -5.96
CA ALA D 29 3.60 44.45 -6.36
C ALA D 29 4.29 43.81 -5.16
N VAL D 30 3.56 43.00 -4.41
CA VAL D 30 4.14 42.25 -3.29
C VAL D 30 3.87 40.79 -3.56
N PHE D 31 4.92 40.05 -3.92
CA PHE D 31 4.85 38.64 -4.21
C PHE D 31 6.13 38.01 -3.72
N PRO D 32 6.12 36.73 -3.34
CA PRO D 32 7.34 36.11 -2.81
C PRO D 32 8.37 35.88 -3.90
N SER D 33 9.62 35.83 -3.44
CA SER D 33 10.77 35.70 -4.34
C SER D 33 11.10 34.23 -4.53
N ILE D 34 10.19 33.52 -5.17
CA ILE D 34 10.27 32.07 -5.34
C ILE D 34 10.18 31.75 -6.81
N VAL D 35 11.11 30.93 -7.30
CA VAL D 35 11.04 30.37 -8.64
C VAL D 35 10.94 28.87 -8.51
N GLY D 36 9.83 28.31 -8.98
CA GLY D 36 9.56 26.89 -8.87
C GLY D 36 9.60 26.20 -10.22
N ARG D 37 10.28 25.06 -10.26
CA ARG D 37 10.29 24.09 -11.33
C ARG D 37 9.42 22.90 -10.96
N PRO D 38 8.65 22.35 -11.90
CA PRO D 38 7.88 21.15 -11.61
C PRO D 38 8.79 19.93 -11.50
N ARG D 39 8.42 19.01 -10.63
CA ARG D 39 9.26 17.87 -10.35
C ARG D 39 8.62 16.53 -10.67
N HIS D 40 7.32 16.47 -10.93
CA HIS D 40 6.69 15.21 -11.26
C HIS D 40 6.65 15.01 -12.77
N GLN D 41 5.84 14.05 -13.22
CA GLN D 41 5.95 13.53 -14.58
C GLN D 41 5.37 14.48 -15.60
N GLY D 42 4.06 14.75 -15.53
CA GLY D 42 3.43 15.59 -16.51
C GLY D 42 2.80 14.75 -17.59
N VAL D 43 1.48 14.62 -17.58
CA VAL D 43 0.82 13.66 -18.44
C VAL D 43 -0.32 14.26 -19.26
N MET D 44 -0.87 15.40 -18.89
CA MET D 44 -1.88 16.05 -19.70
C MET D 44 -1.20 16.83 -20.82
N VAL D 45 -1.58 16.53 -22.07
CA VAL D 45 -0.93 17.14 -23.22
C VAL D 45 -1.44 18.56 -23.42
N GLY D 46 -0.51 19.50 -23.53
CA GLY D 46 -0.88 20.89 -23.73
C GLY D 46 -1.41 21.51 -22.46
N MET D 47 -2.55 22.22 -22.61
CA MET D 47 -3.34 22.88 -21.57
C MET D 47 -2.49 23.69 -20.56
N GLY D 48 -1.53 24.44 -21.09
CA GLY D 48 -0.85 25.47 -20.34
C GLY D 48 0.09 25.01 -19.24
N GLN D 49 1.19 24.36 -19.63
CA GLN D 49 2.25 23.97 -18.70
C GLN D 49 3.50 24.74 -19.07
N LYS D 50 3.94 25.63 -18.18
CA LYS D 50 5.17 26.37 -18.40
C LYS D 50 6.35 25.60 -17.83
N ASP D 51 7.55 26.04 -18.22
CA ASP D 51 8.77 25.42 -17.73
C ASP D 51 9.09 25.88 -16.32
N SER D 52 8.61 27.06 -15.93
CA SER D 52 8.91 27.63 -14.62
C SER D 52 7.74 28.46 -14.14
N TYR D 53 7.61 28.56 -12.82
CA TYR D 53 6.56 29.32 -12.19
C TYR D 53 7.20 30.25 -11.17
N VAL D 54 6.83 31.52 -11.20
CA VAL D 54 7.49 32.56 -10.41
C VAL D 54 6.47 33.26 -9.54
N GLY D 55 6.76 33.36 -8.25
CA GLY D 55 6.04 34.27 -7.38
C GLY D 55 4.71 33.80 -6.87
N ASP D 56 3.64 34.55 -7.18
CA ASP D 56 2.32 34.20 -6.70
C ASP D 56 1.76 32.97 -7.39
N GLU D 57 2.22 32.70 -8.62
CA GLU D 57 1.77 31.51 -9.32
C GLU D 57 2.38 30.25 -8.75
N ALA D 58 3.68 30.29 -8.45
CA ALA D 58 4.35 29.16 -7.83
C ALA D 58 3.91 28.96 -6.39
N GLN D 59 3.39 29.99 -5.74
CA GLN D 59 2.85 29.83 -4.40
C GLN D 59 1.54 29.07 -4.42
N SER D 60 0.78 29.19 -5.51
CA SER D 60 -0.49 28.49 -5.62
C SER D 60 -0.30 27.04 -6.03
N LYS D 61 0.59 26.79 -6.98
CA LYS D 61 0.83 25.46 -7.52
C LYS D 61 1.96 24.73 -6.80
N ARG D 62 2.19 25.01 -5.53
CA ARG D 62 3.44 24.61 -4.89
C ARG D 62 3.49 23.14 -4.51
N GLY D 63 2.40 22.39 -4.63
CA GLY D 63 2.43 21.01 -4.24
C GLY D 63 3.20 20.12 -5.19
N ILE D 64 3.42 20.58 -6.42
CA ILE D 64 4.05 19.82 -7.48
C ILE D 64 5.34 20.46 -7.95
N LEU D 65 5.86 21.42 -7.20
CA LEU D 65 7.00 22.23 -7.61
C LEU D 65 8.13 22.10 -6.61
N THR D 66 9.36 22.17 -7.13
CA THR D 66 10.55 22.29 -6.31
C THR D 66 10.85 23.77 -6.16
N LEU D 67 10.33 24.36 -5.10
CA LEU D 67 10.50 25.78 -4.89
C LEU D 67 11.90 26.08 -4.39
N LYS D 68 12.47 27.18 -4.86
CA LYS D 68 13.75 27.60 -4.35
C LYS D 68 13.85 29.12 -4.44
N TYR D 69 14.63 29.67 -3.57
CA TYR D 69 14.89 31.09 -3.46
C TYR D 69 16.17 31.43 -4.17
N PRO D 70 16.18 32.39 -5.09
CA PRO D 70 17.44 32.80 -5.71
C PRO D 70 18.33 33.64 -4.81
N ILE D 71 17.76 34.24 -3.77
CA ILE D 71 18.50 35.10 -2.85
C ILE D 71 18.60 34.38 -1.53
N GLU D 72 19.83 34.05 -1.13
CA GLU D 72 20.06 33.50 0.19
C GLU D 72 21.01 34.38 0.96
N HIC D 73 20.54 34.88 2.11
CA HIC D 73 21.26 35.76 3.00
C HIC D 73 21.73 37.03 2.30
O HIC D 73 22.83 37.51 2.46
CB HIC D 73 22.53 35.20 3.65
CG HIC D 73 22.32 33.92 4.35
ND1 HIC D 73 21.27 33.66 5.23
CD2 HIC D 73 23.16 32.79 4.24
CE1 HIC D 73 21.46 32.39 5.65
NE2 HIC D 73 22.60 31.83 5.07
CZ HIC D 73 23.10 30.52 5.28
N GLY D 74 20.86 37.58 1.47
CA GLY D 74 21.19 38.80 0.75
C GLY D 74 21.94 38.59 -0.55
N ILE D 75 22.82 37.61 -0.57
CA ILE D 75 23.61 37.33 -1.77
C ILE D 75 22.73 36.61 -2.79
N ILE D 76 22.67 37.15 -3.99
CA ILE D 76 21.98 36.47 -5.09
C ILE D 76 22.88 35.37 -5.61
N THR D 77 22.42 34.13 -5.52
CA THR D 77 23.24 32.98 -5.89
C THR D 77 22.85 32.33 -7.21
N ASN D 78 21.72 32.71 -7.79
CA ASN D 78 21.13 31.98 -8.91
C ASN D 78 20.67 32.96 -9.99
N TRP D 79 21.61 33.74 -10.53
CA TRP D 79 21.35 34.86 -11.44
C TRP D 79 20.45 34.55 -12.63
N ASP D 80 20.30 33.29 -13.01
CA ASP D 80 19.27 32.95 -13.99
C ASP D 80 17.88 33.16 -13.43
N ASP D 81 17.64 32.70 -12.20
CA ASP D 81 16.33 32.85 -11.58
C ASP D 81 16.05 34.28 -11.15
N MET D 82 17.08 35.07 -10.87
CA MET D 82 16.83 36.43 -10.44
C MET D 82 16.47 37.31 -11.63
N GLU D 83 17.03 37.02 -12.80
CA GLU D 83 16.59 37.66 -14.03
C GLU D 83 15.18 37.23 -14.41
N LYS D 84 14.74 36.09 -13.91
CA LYS D 84 13.40 35.58 -14.17
C LYS D 84 12.36 36.25 -13.27
N ILE D 85 12.75 36.64 -12.05
CA ILE D 85 11.85 37.37 -11.17
C ILE D 85 11.69 38.81 -11.63
N TRP D 86 12.78 39.47 -11.98
CA TRP D 86 12.75 40.83 -12.50
C TRP D 86 11.96 40.92 -13.79
N HIS D 87 12.04 39.90 -14.62
CA HIS D 87 11.21 39.85 -15.82
C HIS D 87 9.74 39.69 -15.47
N HIS D 88 9.45 38.93 -14.43
CA HIS D 88 8.08 38.81 -13.95
C HIS D 88 7.62 40.06 -13.24
N THR D 89 8.54 40.78 -12.61
CA THR D 89 8.17 41.95 -11.82
C THR D 89 7.77 43.11 -12.71
N PHE D 90 8.53 43.35 -13.77
CA PHE D 90 8.28 44.51 -14.61
C PHE D 90 7.15 44.24 -15.58
N TYR D 91 7.22 43.14 -16.32
CA TYR D 91 6.26 42.89 -17.39
C TYR D 91 4.97 42.31 -16.85
N ASN D 92 5.04 41.18 -16.15
CA ASN D 92 3.83 40.49 -15.75
C ASN D 92 3.13 41.12 -14.56
N GLU D 93 3.82 41.95 -13.80
CA GLU D 93 3.25 42.41 -12.53
C GLU D 93 3.06 43.90 -12.44
N LEU D 94 4.02 44.70 -12.90
CA LEU D 94 3.82 46.15 -12.97
C LEU D 94 3.31 46.61 -14.31
N ARG D 95 3.57 45.83 -15.37
CA ARG D 95 3.18 46.12 -16.76
C ARG D 95 3.74 47.47 -17.21
N VAL D 96 5.07 47.56 -17.20
CA VAL D 96 5.77 48.76 -17.61
C VAL D 96 6.71 48.40 -18.76
N ALA D 97 7.32 49.44 -19.33
CA ALA D 97 8.44 49.26 -20.23
C ALA D 97 9.70 49.64 -19.49
N PRO D 98 10.67 48.73 -19.33
CA PRO D 98 11.86 49.04 -18.54
C PRO D 98 12.78 50.05 -19.19
N GLU D 99 12.63 50.33 -20.49
CA GLU D 99 13.48 51.29 -21.18
C GLU D 99 13.02 52.73 -20.99
N GLU D 100 12.14 53.02 -20.03
CA GLU D 100 11.60 54.36 -19.91
C GLU D 100 11.68 54.85 -18.47
N HIS D 101 11.70 53.92 -17.52
CA HIS D 101 11.68 54.28 -16.12
C HIS D 101 13.02 54.00 -15.46
N PRO D 102 13.55 54.94 -14.67
CA PRO D 102 14.75 54.66 -13.89
C PRO D 102 14.43 53.85 -12.65
N THR D 103 15.29 52.88 -12.34
CA THR D 103 14.98 51.83 -11.37
C THR D 103 15.84 52.01 -10.12
N LEU D 104 15.20 52.13 -8.97
CA LEU D 104 15.88 52.21 -7.69
C LEU D 104 15.94 50.81 -7.08
N LEU D 105 17.14 50.33 -6.83
CA LEU D 105 17.34 49.01 -6.25
C LEU D 105 17.88 49.14 -4.83
N THR D 106 17.60 48.13 -4.01
CA THR D 106 18.08 48.10 -2.64
C THR D 106 18.90 46.84 -2.43
N GLU D 107 19.88 46.93 -1.52
CA GLU D 107 20.56 45.74 -1.06
C GLU D 107 21.12 45.98 0.33
N ALA D 108 21.52 44.91 0.97
CA ALA D 108 22.00 44.92 2.34
C ALA D 108 23.42 45.50 2.41
N PRO D 109 23.78 46.10 3.54
CA PRO D 109 25.17 46.53 3.72
C PRO D 109 26.08 45.35 4.02
N LEU D 110 27.38 45.62 3.89
CA LEU D 110 28.46 44.64 3.99
C LEU D 110 28.20 43.43 3.09
N ASN D 111 28.07 43.72 1.81
CA ASN D 111 27.64 42.72 0.84
C ASN D 111 28.77 42.56 -0.16
N PRO D 112 28.81 41.47 -0.93
CA PRO D 112 29.88 41.32 -1.93
C PRO D 112 29.86 42.38 -3.02
N LYS D 113 31.06 42.66 -3.54
CA LYS D 113 31.21 43.66 -4.61
C LYS D 113 30.58 43.16 -5.89
N ALA D 114 30.71 41.86 -6.16
CA ALA D 114 30.18 41.27 -7.37
C ALA D 114 28.67 41.16 -7.35
N ASN D 115 28.05 41.26 -6.18
CA ASN D 115 26.60 41.25 -6.12
C ASN D 115 26.00 42.54 -6.64
N ARG D 116 26.70 43.65 -6.44
CA ARG D 116 26.20 44.94 -6.88
C ARG D 116 26.59 45.25 -8.32
N GLU D 117 27.75 44.76 -8.77
CA GLU D 117 28.12 44.91 -10.17
C GLU D 117 27.22 44.11 -11.08
N LYS D 118 26.76 42.95 -10.62
CA LYS D 118 25.98 42.08 -11.49
C LYS D 118 24.52 42.54 -11.55
N MET D 119 24.01 43.20 -10.51
CA MET D 119 22.74 43.90 -10.64
C MET D 119 22.83 45.02 -11.66
N THR D 120 23.94 45.75 -11.65
CA THR D 120 24.12 46.87 -12.56
C THR D 120 24.26 46.40 -13.99
N GLN D 121 24.94 45.28 -14.19
CA GLN D 121 25.11 44.73 -15.54
C GLN D 121 23.80 44.24 -16.12
N ILE D 122 22.92 43.67 -15.28
CA ILE D 122 21.64 43.18 -15.77
C ILE D 122 20.70 44.33 -16.12
N MET D 123 20.66 45.37 -15.29
CA MET D 123 19.68 46.42 -15.50
C MET D 123 20.02 47.29 -16.71
N PHE D 124 21.24 47.25 -17.22
CA PHE D 124 21.56 47.97 -18.44
C PHE D 124 21.71 47.09 -19.66
N GLU D 125 22.34 45.92 -19.54
CA GLU D 125 22.57 45.11 -20.73
C GLU D 125 21.39 44.23 -21.09
N THR D 126 20.44 44.05 -20.18
CA THR D 126 19.29 43.18 -20.45
C THR D 126 17.98 43.96 -20.49
N PHE D 127 17.75 44.84 -19.52
CA PHE D 127 16.53 45.62 -19.50
C PHE D 127 16.67 47.00 -20.13
N ASN D 128 17.89 47.53 -20.17
CA ASN D 128 18.23 48.80 -20.83
C ASN D 128 17.46 49.96 -20.21
N VAL D 129 17.60 50.12 -18.90
CA VAL D 129 16.91 51.17 -18.18
C VAL D 129 17.62 52.48 -18.46
N PRO D 130 16.97 53.64 -18.32
CA PRO D 130 17.69 54.90 -18.52
C PRO D 130 18.70 55.19 -17.44
N ALA D 131 18.41 54.80 -16.20
CA ALA D 131 19.22 55.15 -15.06
C ALA D 131 18.92 54.17 -13.95
N MET D 132 19.86 54.04 -13.01
CA MET D 132 19.63 53.21 -11.85
C MET D 132 20.42 53.74 -10.67
N TYR D 133 20.13 53.21 -9.50
CA TYR D 133 20.82 53.57 -8.27
C TYR D 133 20.58 52.47 -7.26
N VAL D 134 21.65 51.99 -6.65
CA VAL D 134 21.56 50.97 -5.61
C VAL D 134 21.69 51.66 -4.26
N ALA D 135 20.69 51.50 -3.41
CA ALA D 135 20.70 52.12 -2.09
C ALA D 135 20.80 51.07 -1.01
N ILE D 136 21.24 51.50 0.16
CA ILE D 136 21.36 50.62 1.30
C ILE D 136 20.03 50.65 2.04
N GLN D 137 19.57 49.47 2.48
CA GLN D 137 18.22 49.31 2.98
C GLN D 137 18.00 50.05 4.29
N ALA D 138 18.99 50.06 5.16
CA ALA D 138 18.81 50.71 6.45
C ALA D 138 18.95 52.22 6.36
N VAL D 139 19.49 52.73 5.26
CA VAL D 139 19.36 54.17 5.00
C VAL D 139 17.93 54.50 4.62
N LEU D 140 17.32 53.67 3.77
CA LEU D 140 15.96 53.91 3.30
C LEU D 140 14.94 53.65 4.38
N SER D 141 15.26 52.86 5.40
CA SER D 141 14.33 52.67 6.50
C SER D 141 14.19 53.90 7.37
N LEU D 142 15.05 54.89 7.19
CA LEU D 142 15.05 56.08 8.03
C LEU D 142 14.44 57.29 7.33
N TYR D 143 14.38 57.27 6.00
CA TYR D 143 13.52 58.21 5.29
C TYR D 143 12.06 57.95 5.57
N ALA D 144 11.69 56.68 5.79
CA ALA D 144 10.29 56.33 5.96
C ALA D 144 9.74 56.86 7.28
N SER D 145 10.57 56.91 8.31
CA SER D 145 10.22 57.58 9.55
C SER D 145 10.48 59.08 9.50
N GLY D 146 11.07 59.57 8.41
CA GLY D 146 11.30 60.98 8.19
C GLY D 146 12.31 61.58 9.14
N ARG D 147 13.49 60.97 9.22
CA ARG D 147 14.47 61.35 10.23
C ARG D 147 15.85 61.48 9.64
N THR D 148 16.77 61.90 10.49
CA THR D 148 18.19 61.94 10.21
C THR D 148 19.02 61.13 11.19
N THR D 149 18.53 60.93 12.40
CA THR D 149 19.30 60.34 13.48
C THR D 149 18.64 59.05 13.92
N GLY D 150 19.42 57.99 14.04
CA GLY D 150 18.92 56.77 14.63
C GLY D 150 19.67 55.54 14.17
N ILE D 151 19.75 54.55 15.03
CA ILE D 151 20.26 53.26 14.61
C ILE D 151 19.07 52.44 14.12
N VAL D 152 19.28 51.68 13.06
CA VAL D 152 18.21 51.00 12.34
C VAL D 152 18.42 49.51 12.49
N LEU D 153 17.48 48.83 13.13
CA LEU D 153 17.50 47.38 13.21
C LEU D 153 16.60 46.85 12.09
N ASP D 154 17.21 46.51 10.97
CA ASP D 154 16.47 46.03 9.80
C ASP D 154 16.63 44.53 9.73
N SER D 155 15.65 43.80 10.24
CA SER D 155 15.66 42.35 10.24
C SER D 155 14.62 41.87 9.24
N GLY D 156 15.09 41.25 8.17
CA GLY D 156 14.19 40.76 7.16
C GLY D 156 14.15 39.25 7.09
N ASP D 157 14.21 38.69 5.88
CA ASP D 157 14.14 37.25 5.71
C ASP D 157 15.51 36.63 5.43
N GLY D 158 16.52 37.43 5.14
CA GLY D 158 17.82 36.85 4.88
C GLY D 158 18.94 37.38 5.75
N VAL D 159 18.76 38.57 6.32
CA VAL D 159 19.86 39.27 6.96
C VAL D 159 19.28 40.25 7.97
N THR D 160 19.93 40.32 9.13
CA THR D 160 19.63 41.31 10.15
C THR D 160 20.84 42.22 10.31
N HIS D 161 20.64 43.53 10.19
CA HIS D 161 21.79 44.41 10.22
C HIS D 161 21.45 45.74 10.89
N ASN D 162 22.35 46.18 11.76
CA ASN D 162 22.30 47.50 12.38
C ASN D 162 23.13 48.48 11.58
N VAL D 163 22.57 49.65 11.30
CA VAL D 163 23.34 50.74 10.71
C VAL D 163 23.12 52.00 11.55
N PRO D 164 24.13 52.46 12.29
CA PRO D 164 23.97 53.72 13.03
C PRO D 164 24.13 54.90 12.08
N ILE D 165 23.16 55.81 12.13
CA ILE D 165 23.15 56.98 11.28
C ILE D 165 22.91 58.17 12.19
N TYR D 166 23.92 59.02 12.35
CA TYR D 166 23.76 60.30 13.03
C TYR D 166 23.37 61.31 11.94
N GLU D 167 23.48 62.61 12.19
CA GLU D 167 22.68 63.62 11.50
C GLU D 167 23.08 63.72 10.02
N GLY D 168 22.61 62.73 9.26
CA GLY D 168 22.93 62.60 7.86
C GLY D 168 24.15 61.77 7.56
N TYR D 169 24.97 61.45 8.55
CA TYR D 169 26.27 60.85 8.34
C TYR D 169 26.25 59.41 8.85
N ALA D 170 26.50 58.47 7.96
CA ALA D 170 26.56 57.08 8.33
C ALA D 170 27.92 56.73 8.90
N LEU D 171 27.94 55.81 9.84
CA LEU D 171 29.16 55.39 10.52
C LEU D 171 29.47 53.97 10.07
N PRO D 172 30.25 53.78 9.00
CA PRO D 172 30.37 52.45 8.39
C PRO D 172 31.20 51.46 9.19
N HIS D 173 31.88 51.90 10.23
CA HIS D 173 32.66 51.01 11.06
C HIS D 173 31.84 50.37 12.17
N ALA D 174 30.62 50.86 12.40
CA ALA D 174 29.75 50.32 13.43
C ALA D 174 28.61 49.50 12.85
N ILE D 175 28.62 49.26 11.53
CA ILE D 175 27.57 48.48 10.87
C ILE D 175 27.77 47.01 11.21
N MET D 176 26.87 46.45 11.99
CA MET D 176 26.84 45.02 12.24
C MET D 176 25.99 44.34 11.18
N ARG D 177 26.33 43.10 10.88
CA ARG D 177 25.55 42.29 9.94
C ARG D 177 25.46 40.89 10.51
N LEU D 178 24.23 40.48 10.83
CA LEU D 178 23.96 39.18 11.43
C LEU D 178 23.04 38.40 10.50
N ASP D 179 23.49 37.23 10.06
CA ASP D 179 22.76 36.45 9.08
C ASP D 179 21.70 35.54 9.68
N LEU D 180 21.22 35.87 10.87
CA LEU D 180 20.04 35.22 11.43
C LEU D 180 18.84 36.07 11.04
N ALA D 181 17.84 35.44 10.44
CA ALA D 181 16.68 36.21 9.98
C ALA D 181 15.46 35.30 10.00
N GLY D 182 14.43 35.69 9.26
CA GLY D 182 13.19 34.94 9.28
C GLY D 182 13.27 33.57 8.65
N ARG D 183 14.16 33.39 7.67
CA ARG D 183 14.30 32.06 7.07
C ARG D 183 15.00 31.10 8.02
N ASP D 184 15.82 31.60 8.93
CA ASP D 184 16.41 30.76 9.96
C ASP D 184 15.49 30.58 11.15
N LEU D 185 14.42 31.36 11.27
CA LEU D 185 13.43 31.09 12.30
C LEU D 185 12.43 30.06 11.84
N THR D 186 12.18 29.99 10.54
CA THR D 186 11.32 28.95 10.00
C THR D 186 12.00 27.59 10.13
N ASP D 187 13.29 27.53 9.80
CA ASP D 187 14.01 26.27 9.83
C ASP D 187 14.25 25.78 11.24
N TYR D 188 14.27 26.66 12.22
CA TYR D 188 14.26 26.22 13.61
C TYR D 188 12.86 25.81 14.03
N LEU D 189 11.84 26.39 13.42
CA LEU D 189 10.48 26.02 13.78
C LEU D 189 10.10 24.67 13.20
N MET D 190 10.61 24.33 12.00
CA MET D 190 10.40 22.99 11.48
C MET D 190 11.12 21.93 12.30
N LYS D 191 12.16 22.31 13.02
CA LYS D 191 12.88 21.36 13.85
C LYS D 191 12.18 21.12 15.18
N ILE D 192 11.54 22.14 15.74
CA ILE D 192 10.88 21.99 17.03
C ILE D 192 9.40 21.73 16.92
N LEU D 193 8.85 21.71 15.71
CA LEU D 193 7.52 21.11 15.53
C LEU D 193 7.60 19.62 15.41
N THR D 194 8.79 19.08 15.15
CA THR D 194 9.00 17.64 15.10
C THR D 194 8.78 17.00 16.46
N GLU D 195 9.12 17.71 17.53
CA GLU D 195 8.97 17.15 18.86
C GLU D 195 7.52 17.10 19.32
N ARG D 196 6.61 17.80 18.65
CA ARG D 196 5.19 17.53 18.82
C ARG D 196 4.74 16.34 18.01
N GLY D 197 5.47 16.00 16.96
CA GLY D 197 5.13 14.86 16.13
C GLY D 197 4.99 15.24 14.67
N TYR D 198 4.77 16.52 14.40
CA TYR D 198 4.44 16.96 13.06
C TYR D 198 5.72 17.16 12.26
N SER D 199 5.83 16.46 11.14
CA SER D 199 7.06 16.44 10.35
C SER D 199 6.82 17.20 9.05
N PHE D 200 7.27 18.44 9.01
CA PHE D 200 7.26 19.24 7.79
C PHE D 200 8.68 19.21 7.22
N VAL D 201 8.84 18.63 6.04
CA VAL D 201 10.16 18.35 5.48
C VAL D 201 10.37 19.01 4.11
N THR D 202 9.47 18.76 3.17
CA THR D 202 9.71 19.16 1.80
C THR D 202 9.44 20.66 1.65
N THR D 203 9.80 21.22 0.49
CA THR D 203 9.87 22.68 0.40
C THR D 203 8.49 23.31 0.34
N ALA D 204 7.48 22.54 -0.04
CA ALA D 204 6.12 23.05 -0.01
C ALA D 204 5.58 23.16 1.40
N GLU D 205 6.11 22.39 2.36
CA GLU D 205 5.73 22.58 3.75
C GLU D 205 6.54 23.66 4.43
N ARG D 206 7.65 24.08 3.82
CA ARG D 206 8.42 25.20 4.33
C ARG D 206 7.62 26.50 4.22
N GLU D 207 6.73 26.58 3.23
CA GLU D 207 5.83 27.72 3.07
C GLU D 207 4.59 27.61 3.94
N ILE D 208 4.41 26.50 4.65
CA ILE D 208 3.34 26.39 5.62
C ILE D 208 3.81 26.78 7.00
N VAL D 209 5.01 26.32 7.37
CA VAL D 209 5.60 26.67 8.66
C VAL D 209 5.94 28.16 8.70
N ARG D 210 6.24 28.75 7.54
CA ARG D 210 6.35 30.20 7.45
C ARG D 210 5.03 30.87 7.77
N ASP D 211 3.92 30.26 7.35
CA ASP D 211 2.61 30.82 7.63
C ASP D 211 2.12 30.52 9.04
N ILE D 212 2.62 29.45 9.66
CA ILE D 212 2.37 29.22 11.09
C ILE D 212 3.06 30.30 11.91
N LYS D 213 4.27 30.66 11.51
CA LYS D 213 5.10 31.61 12.25
C LYS D 213 4.53 33.02 12.18
N GLU D 214 3.93 33.39 11.05
CA GLU D 214 3.36 34.71 10.90
C GLU D 214 2.01 34.87 11.57
N LYS D 215 1.46 33.83 12.17
CA LYS D 215 0.13 33.89 12.75
C LYS D 215 0.08 33.52 14.22
N LEU D 216 0.97 32.66 14.69
CA LEU D 216 0.87 32.13 16.03
C LEU D 216 2.08 32.39 16.91
N CYS D 217 3.15 32.94 16.37
CA CYS D 217 4.37 33.16 17.14
C CYS D 217 4.42 34.59 17.65
N TYR D 218 4.86 34.74 18.90
CA TYR D 218 5.03 36.03 19.53
C TYR D 218 6.36 36.00 20.27
N VAL D 219 6.72 37.10 20.91
CA VAL D 219 7.96 37.21 21.64
C VAL D 219 7.64 37.28 23.13
N ALA D 220 8.19 36.34 23.89
CA ALA D 220 8.00 36.33 25.33
C ALA D 220 8.77 37.46 25.98
N LEU D 221 8.12 38.16 26.90
CA LEU D 221 8.78 39.26 27.58
C LEU D 221 9.80 38.76 28.59
N ASP D 222 9.56 37.60 29.20
CA ASP D 222 10.58 36.94 30.01
C ASP D 222 10.51 35.45 29.69
N PHE D 223 11.56 34.94 29.07
CA PHE D 223 11.52 33.61 28.48
C PHE D 223 11.50 32.51 29.54
N GLU D 224 12.11 32.74 30.70
CA GLU D 224 12.12 31.73 31.74
C GLU D 224 10.82 31.66 32.51
N ASN D 225 9.91 32.61 32.32
CA ASN D 225 8.61 32.57 32.98
C ASN D 225 7.51 32.03 32.08
N GLU D 226 7.62 32.23 30.76
CA GLU D 226 6.67 31.59 29.86
C GLU D 226 6.90 30.10 29.76
N MET D 227 8.14 29.65 29.98
CA MET D 227 8.40 28.21 30.08
C MET D 227 7.83 27.62 31.35
N ALA D 228 7.64 28.43 32.39
CA ALA D 228 6.91 27.97 33.56
C ALA D 228 5.41 27.97 33.31
N THR D 229 4.93 28.82 32.40
CA THR D 229 3.52 28.83 32.04
C THR D 229 3.16 27.61 31.18
N ALA D 230 4.15 26.98 30.54
CA ALA D 230 3.93 25.74 29.81
C ALA D 230 3.59 24.56 30.70
N ALA D 231 3.73 24.69 32.02
CA ALA D 231 3.19 23.68 32.94
C ALA D 231 1.66 23.68 32.88
N SER D 232 1.04 24.85 33.02
CA SER D 232 -0.40 24.97 32.85
C SER D 232 -0.71 25.51 31.46
N SER D 233 -0.56 24.64 30.46
CA SER D 233 -0.73 25.02 29.05
C SER D 233 -2.22 25.13 28.75
N SER D 234 -2.79 26.26 29.16
CA SER D 234 -4.21 26.52 28.97
C SER D 234 -4.45 27.66 28.00
N SER D 235 -3.91 28.84 28.28
CA SER D 235 -3.98 29.95 27.34
C SER D 235 -2.78 30.00 26.43
N LEU D 236 -1.82 29.11 26.62
CA LEU D 236 -0.61 29.12 25.83
C LEU D 236 -0.82 28.47 24.47
N GLU D 237 -1.52 27.34 24.45
CA GLU D 237 -1.63 26.55 23.24
C GLU D 237 -2.69 27.12 22.31
N LYS D 238 -2.36 27.21 21.03
CA LYS D 238 -3.29 27.60 19.99
C LYS D 238 -3.34 26.49 18.94
N SER D 239 -4.30 26.62 18.03
CA SER D 239 -4.49 25.65 16.96
C SER D 239 -4.32 26.32 15.61
N TYR D 240 -4.06 25.49 14.60
CA TYR D 240 -3.87 26.00 13.25
C TYR D 240 -4.36 24.96 12.26
N GLU D 241 -5.20 25.38 11.33
CA GLU D 241 -5.77 24.49 10.32
C GLU D 241 -4.83 24.43 9.12
N LEU D 242 -4.26 23.25 8.89
CA LEU D 242 -3.37 23.03 7.76
C LEU D 242 -4.17 22.98 6.46
N PRO D 243 -3.52 23.12 5.30
CA PRO D 243 -4.25 23.03 4.03
C PRO D 243 -4.74 21.63 3.65
N ASP D 244 -4.51 20.60 4.47
CA ASP D 244 -5.18 19.32 4.24
C ASP D 244 -6.35 19.11 5.18
N GLY D 245 -6.62 20.06 6.06
CA GLY D 245 -7.70 19.96 7.00
C GLY D 245 -7.27 19.55 8.39
N GLN D 246 -6.03 19.12 8.56
CA GLN D 246 -5.56 18.71 9.88
C GLN D 246 -5.35 19.93 10.77
N VAL D 247 -5.36 19.69 12.07
CA VAL D 247 -5.07 20.74 13.03
C VAL D 247 -3.85 20.33 13.83
N ILE D 248 -3.07 21.33 14.23
CA ILE D 248 -1.90 21.14 15.08
C ILE D 248 -2.07 22.02 16.31
N THR D 249 -1.69 21.50 17.46
CA THR D 249 -1.81 22.24 18.72
C THR D 249 -0.39 22.63 19.13
N ILE D 250 0.04 23.79 18.65
CA ILE D 250 1.36 24.31 18.96
C ILE D 250 1.33 24.96 20.34
N GLY D 251 2.32 24.65 21.15
CA GLY D 251 2.29 25.05 22.55
C GLY D 251 3.32 26.09 22.93
N ASN D 252 4.40 25.65 23.57
CA ASN D 252 5.48 26.59 23.88
C ASN D 252 6.31 26.95 22.67
N GLU D 253 6.13 26.27 21.54
CA GLU D 253 6.81 26.60 20.30
C GLU D 253 6.33 27.90 19.68
N ARG D 254 5.33 28.55 20.26
CA ARG D 254 4.92 29.87 19.79
C ARG D 254 5.96 30.91 20.12
N PHE D 255 6.29 31.04 21.40
CA PHE D 255 7.24 32.05 21.83
C PHE D 255 8.68 31.59 21.73
N ARG D 256 8.92 30.34 21.43
CA ARG D 256 10.28 29.83 21.59
C ARG D 256 11.11 30.01 20.33
N CYS D 257 10.50 30.01 19.16
CA CYS D 257 11.32 30.33 17.99
C CYS D 257 11.70 31.80 17.80
N PRO D 258 10.92 32.83 18.22
CA PRO D 258 11.50 34.18 18.15
C PRO D 258 12.51 34.49 19.24
N GLU D 259 12.66 33.62 20.24
CA GLU D 259 13.74 33.75 21.20
C GLU D 259 15.10 33.50 20.58
N THR D 260 15.13 32.84 19.41
CA THR D 260 16.36 32.67 18.66
C THR D 260 16.93 34.00 18.17
N LEU D 261 16.07 35.00 17.97
CA LEU D 261 16.54 36.36 17.72
C LEU D 261 17.32 36.92 18.90
N PHE D 262 16.99 36.49 20.11
CA PHE D 262 17.61 36.99 21.32
C PHE D 262 18.61 36.02 21.94
N GLN D 263 18.54 34.74 21.59
CA GLN D 263 19.57 33.77 21.96
C GLN D 263 19.88 32.93 20.73
N PRO D 264 20.82 33.37 19.90
CA PRO D 264 21.14 32.61 18.68
C PRO D 264 21.86 31.30 18.91
N SER D 265 22.16 30.91 20.14
CA SER D 265 22.74 29.61 20.42
C SER D 265 21.76 28.47 20.26
N PHE D 266 20.47 28.78 20.10
CA PHE D 266 19.47 27.74 19.82
C PHE D 266 19.69 27.11 18.46
N ILE D 267 20.17 27.87 17.49
CA ILE D 267 20.52 27.32 16.19
C ILE D 267 22.02 27.19 16.02
N GLY D 268 22.77 27.18 17.12
CA GLY D 268 24.19 26.89 17.06
C GLY D 268 25.06 28.01 16.54
N MET D 269 24.60 29.26 16.60
CA MET D 269 25.43 30.39 16.23
C MET D 269 26.12 30.92 17.48
N GLU D 270 27.41 31.24 17.34
CA GLU D 270 28.18 31.75 18.46
C GLU D 270 27.85 33.20 18.78
N SER D 271 27.28 33.92 17.81
CA SER D 271 27.10 35.36 17.90
C SER D 271 26.02 35.73 18.91
N ALA D 272 25.80 37.02 19.06
CA ALA D 272 24.89 37.55 20.07
C ALA D 272 23.53 37.88 19.46
N GLY D 273 22.56 38.12 20.34
CA GLY D 273 21.22 38.42 19.90
C GLY D 273 21.10 39.82 19.34
N ILE D 274 19.88 40.15 18.91
CA ILE D 274 19.66 41.45 18.31
C ILE D 274 19.62 42.57 19.34
N HIS D 275 19.51 42.25 20.62
CA HIS D 275 19.62 43.27 21.64
C HIS D 275 21.06 43.59 21.99
N GLU D 276 21.98 42.64 21.76
CA GLU D 276 23.40 42.88 21.99
C GLU D 276 24.17 43.23 20.73
N THR D 277 23.59 43.06 19.55
CA THR D 277 24.22 43.64 18.37
C THR D 277 23.77 45.07 18.14
N THR D 278 22.67 45.49 18.76
CA THR D 278 22.34 46.91 18.78
C THR D 278 23.22 47.64 19.76
N TYR D 279 23.43 47.06 20.94
CA TYR D 279 24.21 47.70 21.99
C TYR D 279 25.69 47.73 21.64
N ASN D 280 26.20 46.69 21.01
CA ASN D 280 27.61 46.70 20.61
C ASN D 280 27.85 47.58 19.41
N SER D 281 26.82 47.93 18.68
CA SER D 281 26.98 48.85 17.56
C SER D 281 26.83 50.30 17.99
N ILE D 282 26.13 50.57 19.09
CA ILE D 282 26.14 51.90 19.67
C ILE D 282 27.44 52.15 20.40
N MET D 283 27.94 51.14 21.11
CA MET D 283 29.20 51.26 21.83
C MET D 283 30.43 51.26 20.91
N LYS D 284 30.27 51.11 19.60
CA LYS D 284 31.35 51.38 18.67
C LYS D 284 31.24 52.75 18.03
N CYS D 285 30.26 53.55 18.45
CA CYS D 285 30.14 54.90 17.94
C CYS D 285 30.85 55.87 18.88
N ASP D 286 30.81 57.15 18.52
CA ASP D 286 31.43 58.17 19.36
C ASP D 286 30.56 58.41 20.58
N ILE D 287 31.20 58.82 21.68
CA ILE D 287 30.53 58.92 22.96
C ILE D 287 29.57 60.10 23.02
N ASP D 288 29.65 61.03 22.08
CA ASP D 288 28.78 62.19 22.08
C ASP D 288 27.49 61.96 21.31
N ILE D 289 27.38 60.87 20.57
CA ILE D 289 26.17 60.57 19.82
C ILE D 289 25.41 59.38 20.38
N ARG D 290 25.92 58.75 21.45
CA ARG D 290 25.24 57.60 22.01
C ARG D 290 23.94 57.96 22.70
N LYS D 291 23.77 59.22 23.09
CA LYS D 291 22.49 59.62 23.69
C LYS D 291 21.41 59.72 22.63
N ASP D 292 21.76 60.14 21.43
CA ASP D 292 20.77 60.27 20.37
C ASP D 292 20.49 58.95 19.68
N LEU D 293 21.37 57.97 19.79
CA LEU D 293 21.09 56.67 19.21
C LEU D 293 20.23 55.81 20.13
N TYR D 294 20.31 56.04 21.43
CA TYR D 294 19.41 55.38 22.36
C TYR D 294 17.97 55.82 22.14
N ALA D 295 17.76 57.10 21.91
CA ALA D 295 16.41 57.63 21.81
C ALA D 295 15.79 57.43 20.44
N ASN D 296 16.47 56.77 19.52
CA ASN D 296 15.96 56.54 18.16
C ASN D 296 16.41 55.14 17.74
N ASN D 297 15.58 54.14 18.01
CA ASN D 297 15.87 52.74 17.67
C ASN D 297 14.82 52.29 16.66
N VAL D 298 15.06 52.58 15.39
CA VAL D 298 14.06 52.34 14.37
C VAL D 298 14.11 50.87 13.97
N MET D 299 13.02 50.15 14.20
CA MET D 299 12.93 48.80 13.68
C MET D 299 12.24 48.82 12.33
N SER D 300 12.61 47.86 11.50
CA SER D 300 12.03 47.71 10.18
C SER D 300 12.13 46.26 9.78
N GLY D 301 11.62 45.94 8.60
CA GLY D 301 11.60 44.58 8.14
C GLY D 301 10.48 43.76 8.78
N GLY D 302 10.20 42.62 8.17
CA GLY D 302 9.07 41.82 8.59
C GLY D 302 9.34 40.93 9.78
N THR D 303 10.60 40.68 10.10
CA THR D 303 10.91 39.87 11.27
C THR D 303 10.71 40.65 12.55
N THR D 304 10.64 41.98 12.46
CA THR D 304 10.30 42.82 13.59
C THR D 304 8.80 43.07 13.71
N MET D 305 7.98 42.16 13.18
CA MET D 305 6.53 42.28 13.24
C MET D 305 5.90 41.33 14.25
N TYR D 306 6.69 40.69 15.11
CA TYR D 306 6.09 39.82 16.11
C TYR D 306 5.40 40.65 17.18
N PRO D 307 4.32 40.14 17.75
CA PRO D 307 3.72 40.79 18.92
C PRO D 307 4.63 40.75 20.13
N GLY D 308 5.11 41.90 20.55
CA GLY D 308 5.92 42.00 21.74
C GLY D 308 7.41 42.08 21.51
N ILE D 309 7.86 42.44 20.32
CA ILE D 309 9.29 42.55 20.09
C ILE D 309 9.80 43.95 20.41
N ALA D 310 8.94 44.97 20.33
CA ALA D 310 9.34 46.29 20.79
C ALA D 310 9.36 46.36 22.31
N ASP D 311 8.56 45.53 22.97
CA ASP D 311 8.52 45.54 24.42
C ASP D 311 9.71 44.82 25.03
N ARG D 312 10.30 43.88 24.31
CA ARG D 312 11.47 43.18 24.83
C ARG D 312 12.76 43.89 24.45
N MET D 313 12.81 44.53 23.29
CA MET D 313 13.96 45.36 22.94
C MET D 313 14.09 46.54 23.88
N GLN D 314 12.97 47.13 24.30
CA GLN D 314 13.04 48.22 25.25
C GLN D 314 13.37 47.71 26.64
N LYS D 315 13.07 46.46 26.93
CA LYS D 315 13.38 45.89 28.22
C LYS D 315 14.85 45.51 28.32
N GLU D 316 15.42 45.02 27.23
CA GLU D 316 16.69 44.30 27.34
C GLU D 316 17.87 45.13 26.87
N ILE D 317 17.65 46.23 26.15
CA ILE D 317 18.71 47.22 25.99
C ILE D 317 18.87 48.02 27.28
N THR D 318 17.75 48.26 27.97
CA THR D 318 17.75 49.00 29.23
C THR D 318 18.57 48.27 30.30
N ALA D 319 18.58 46.95 30.26
CA ALA D 319 19.43 46.19 31.18
C ALA D 319 20.90 46.27 30.81
N LEU D 320 21.24 46.69 29.59
CA LEU D 320 22.62 46.88 29.16
C LEU D 320 23.07 48.34 29.24
N ALA D 321 22.21 49.27 28.84
CA ALA D 321 22.52 50.68 28.86
C ALA D 321 22.64 51.18 30.30
N PRO D 322 23.35 52.28 30.53
CA PRO D 322 23.33 52.90 31.85
C PRO D 322 21.96 53.45 32.18
N SER D 323 21.63 53.43 33.47
CA SER D 323 20.25 53.57 33.93
C SER D 323 19.69 54.97 33.78
N THR D 324 20.53 55.96 33.48
CA THR D 324 20.07 57.33 33.31
C THR D 324 19.79 57.70 31.87
N MET D 325 20.03 56.80 30.92
CA MET D 325 19.71 57.03 29.52
C MET D 325 18.36 56.41 29.19
N LYS D 326 17.52 57.18 28.52
CA LYS D 326 16.21 56.68 28.09
C LYS D 326 16.35 55.90 26.79
N ILE D 327 15.60 54.82 26.68
CA ILE D 327 15.58 53.97 25.50
C ILE D 327 14.20 54.07 24.90
N LYS D 328 14.14 54.29 23.59
CA LYS D 328 12.84 54.42 22.92
C LYS D 328 12.89 53.63 21.62
N ILE D 329 12.46 52.37 21.68
CA ILE D 329 12.31 51.56 20.48
C ILE D 329 11.13 52.09 19.68
N ILE D 330 11.34 52.35 18.40
CA ILE D 330 10.38 53.08 17.59
C ILE D 330 9.93 52.15 16.47
N ALA D 331 8.74 51.58 16.63
CA ALA D 331 8.17 50.65 15.68
C ALA D 331 6.96 51.28 15.02
N PRO D 332 7.05 51.72 13.76
CA PRO D 332 5.84 52.10 13.04
C PRO D 332 5.01 50.87 12.75
N PRO D 333 3.70 51.02 12.60
CA PRO D 333 2.88 49.87 12.22
C PRO D 333 3.10 49.43 10.78
N GLU D 334 3.52 50.33 9.90
CA GLU D 334 3.80 50.00 8.50
C GLU D 334 5.25 49.56 8.28
N ARG D 335 5.93 49.07 9.32
CA ARG D 335 7.37 48.88 9.28
C ARG D 335 7.79 47.72 8.39
N LYS D 336 6.86 46.91 7.90
CA LYS D 336 7.18 45.87 6.95
C LYS D 336 7.68 46.44 5.63
N TYR D 337 7.02 47.47 5.13
CA TYR D 337 7.32 48.01 3.81
C TYR D 337 8.22 49.23 3.86
N SER D 338 8.79 49.55 5.03
CA SER D 338 9.44 50.85 5.22
C SER D 338 10.71 50.99 4.42
N VAL D 339 11.31 49.91 3.96
CA VAL D 339 12.41 50.03 3.02
C VAL D 339 11.88 50.49 1.68
N TRP D 340 10.67 50.08 1.32
CA TRP D 340 10.08 50.59 0.09
C TRP D 340 9.54 51.99 0.28
N ILE D 341 9.02 52.30 1.49
CA ILE D 341 8.43 53.61 1.74
C ILE D 341 9.50 54.69 1.67
N GLY D 342 10.69 54.41 2.22
CA GLY D 342 11.78 55.35 2.09
C GLY D 342 12.37 55.41 0.70
N GLY D 343 12.27 54.31 -0.04
CA GLY D 343 12.71 54.34 -1.43
C GLY D 343 11.76 55.13 -2.31
N SER D 344 10.48 55.18 -1.95
CA SER D 344 9.55 56.03 -2.65
C SER D 344 9.80 57.50 -2.34
N ILE D 345 10.31 57.81 -1.16
CA ILE D 345 10.61 59.19 -0.81
C ILE D 345 11.89 59.65 -1.49
N LEU D 346 12.94 58.84 -1.41
CA LEU D 346 14.24 59.20 -1.96
C LEU D 346 14.23 59.31 -3.48
N ALA D 347 13.41 58.52 -4.16
CA ALA D 347 13.38 58.64 -5.60
C ALA D 347 12.53 59.81 -6.07
N SER D 348 11.73 60.40 -5.20
CA SER D 348 10.91 61.55 -5.55
C SER D 348 11.46 62.86 -5.02
N LEU D 349 12.60 62.83 -4.34
CA LEU D 349 13.23 64.08 -3.91
C LEU D 349 13.81 64.81 -5.10
N SER D 350 13.80 66.14 -5.02
CA SER D 350 14.28 66.97 -6.11
C SER D 350 15.80 67.07 -6.13
N THR D 351 16.45 66.80 -4.99
CA THR D 351 17.90 66.88 -4.88
C THR D 351 18.60 65.60 -5.27
N PHE D 352 17.89 64.67 -5.90
CA PHE D 352 18.38 63.33 -6.12
C PHE D 352 18.72 63.02 -7.57
N GLN D 353 18.15 63.77 -8.52
CA GLN D 353 18.23 63.45 -9.94
C GLN D 353 19.61 63.58 -10.55
N GLN D 354 20.63 63.97 -9.81
CA GLN D 354 22.00 63.90 -10.29
C GLN D 354 22.77 62.74 -9.69
N MET D 355 22.12 61.92 -8.86
CA MET D 355 22.75 60.76 -8.25
C MET D 355 22.47 59.47 -9.00
N TRP D 356 21.66 59.50 -10.05
CA TRP D 356 21.41 58.32 -10.84
C TRP D 356 22.65 57.94 -11.65
N ILE D 357 22.81 56.64 -11.90
CA ILE D 357 23.84 56.15 -12.80
C ILE D 357 23.19 56.03 -14.16
N THR D 358 23.44 56.99 -15.04
CA THR D 358 22.78 56.95 -16.32
C THR D 358 23.46 55.94 -17.25
N LYS D 359 22.81 55.68 -18.38
CA LYS D 359 23.31 54.72 -19.35
C LYS D 359 24.60 55.20 -20.00
N GLN D 360 24.74 56.51 -20.17
CA GLN D 360 25.96 57.06 -20.74
C GLN D 360 27.12 56.93 -19.76
N GLU D 361 26.87 57.18 -18.48
CA GLU D 361 27.90 57.07 -17.46
C GLU D 361 28.32 55.62 -17.25
N TYR D 362 27.43 54.67 -17.53
CA TYR D 362 27.78 53.26 -17.39
C TYR D 362 28.71 52.80 -18.51
N ASP D 363 28.46 53.26 -19.75
CA ASP D 363 29.13 52.67 -20.91
C ASP D 363 30.60 53.02 -20.97
N GLU D 364 30.98 54.20 -20.50
CA GLU D 364 32.37 54.61 -20.49
C GLU D 364 33.09 54.24 -19.21
N ALA D 365 32.45 53.45 -18.33
CA ALA D 365 33.04 53.11 -17.04
C ALA D 365 32.93 51.65 -16.68
N GLY D 366 32.13 50.85 -17.40
CA GLY D 366 31.97 49.45 -17.07
C GLY D 366 31.10 49.25 -15.86
N PRO D 367 31.06 48.02 -15.34
CA PRO D 367 30.22 47.75 -14.17
C PRO D 367 30.79 48.22 -12.85
N SER D 368 32.03 48.69 -12.82
CA SER D 368 32.65 49.14 -11.58
C SER D 368 32.30 50.58 -11.24
N ILE D 369 31.39 51.21 -12.00
CA ILE D 369 30.98 52.58 -11.70
C ILE D 369 30.15 52.63 -10.43
N VAL D 370 29.50 51.51 -10.08
CA VAL D 370 28.48 51.51 -9.03
C VAL D 370 29.11 51.63 -7.64
N HIS D 371 30.41 51.37 -7.50
CA HIS D 371 31.03 51.49 -6.19
C HIS D 371 31.46 52.91 -5.88
N ARG D 372 31.98 53.63 -6.87
CA ARG D 372 32.41 55.00 -6.69
C ARG D 372 31.31 56.01 -7.02
N LYS D 373 30.07 55.58 -7.11
CA LYS D 373 28.97 56.49 -7.36
C LYS D 373 27.84 56.35 -6.35
N CYS D 374 27.53 55.12 -5.92
CA CYS D 374 26.44 54.90 -4.97
C CYS D 374 26.91 55.04 -3.53
N PHE D 375 27.85 54.20 -3.13
CA PHE D 375 28.33 54.20 -1.76
C PHE D 375 29.77 53.71 -1.70
MG MG E . -18.32 -38.83 3.24
PG ANP F . -19.87 -38.45 1.22
O1G ANP F . -20.33 -37.31 0.35
O2G ANP F . -20.25 -38.17 2.72
O3G ANP F . -18.30 -38.56 1.18
PB ANP F . -19.90 -41.16 1.43
O1B ANP F . -20.79 -41.77 2.44
O2B ANP F . -18.60 -40.67 2.14
N3B ANP F . -20.60 -39.87 0.66
PA ANP F . -18.14 -42.95 0.67
O1A ANP F . -17.01 -42.01 0.75
O2A ANP F . -18.36 -43.79 1.93
O3A ANP F . -19.49 -42.23 0.40
O5' ANP F . -17.94 -43.84 -0.59
C5' ANP F . -19.10 -44.44 -1.18
C4' ANP F . -18.86 -44.65 -2.64
O4' ANP F . -17.47 -44.91 -2.86
C3' ANP F . -19.58 -45.85 -3.23
O3' ANP F . -20.89 -45.51 -3.67
C2' ANP F . -18.70 -46.22 -4.42
O2' ANP F . -19.06 -45.47 -5.56
C1' ANP F . -17.31 -45.81 -3.94
N9 ANP F . -16.48 -46.92 -3.49
C8 ANP F . -16.66 -47.69 -2.39
N7 ANP F . -15.76 -48.62 -2.23
C5 ANP F . -14.90 -48.43 -3.29
C6 ANP F . -13.73 -49.09 -3.71
N6 ANP F . -13.19 -50.12 -3.05
N1 ANP F . -13.12 -48.66 -4.83
C2 ANP F . -13.66 -47.63 -5.50
N3 ANP F . -14.76 -46.93 -5.21
C4 ANP F . -15.33 -47.38 -4.10
MG MG G . -11.67 0.09 -18.40
PG ANP H . -10.82 -3.09 -17.71
O1G ANP H . -10.69 -2.71 -16.27
O2G ANP H . -10.83 -1.79 -18.59
O3G ANP H . -9.58 -4.00 -18.09
PB ANP H . -13.39 -2.95 -18.67
O1B ANP H . -13.36 -3.04 -20.15
O2B ANP H . -13.12 -1.48 -18.26
N3B ANP H . -12.26 -3.95 -17.97
PA ANP H . -15.80 -2.20 -17.85
O1A ANP H . -15.16 -1.11 -17.10
O2A ANP H . -16.45 -1.79 -19.16
O3A ANP H . -14.80 -3.35 -18.19
O5' ANP H . -16.80 -2.93 -16.91
C5' ANP H . -17.11 -4.28 -17.21
C4' ANP H . -17.60 -4.96 -15.97
O4' ANP H . -18.38 -4.03 -15.20
C3' ANP H . -18.53 -6.14 -16.22
O3' ANP H . -17.80 -7.34 -16.37
C2' ANP H . -19.36 -6.19 -14.94
O2' ANP H . -18.70 -6.95 -13.94
C1' ANP H . -19.41 -4.71 -14.52
N9 ANP H . -20.67 -4.05 -14.83
C8 ANP H . -21.16 -3.73 -16.07
N7 ANP H . -22.33 -3.13 -16.05
C5 ANP H . -22.62 -3.06 -14.69
C6 ANP H . -23.72 -2.53 -13.99
N6 ANP H . -24.77 -1.95 -14.58
N1 ANP H . -23.70 -2.61 -12.64
C2 ANP H . -22.66 -3.18 -12.04
N3 ANP H . -21.56 -3.72 -12.60
C4 ANP H . -21.61 -3.62 -13.93
MG MG I . 19.24 0.91 14.25
PG ANP J . 16.13 1.72 13.29
O1G ANP J . 16.74 2.62 12.27
O2G ANP J . 17.21 1.36 14.39
O3G ANP J . 14.92 2.46 13.98
PB ANP J . 16.65 -0.94 12.66
O1B ANP J . 16.11 -2.07 13.44
O2B ANP J . 17.98 -0.47 13.32
N3B ANP J . 15.56 0.32 12.53
PA ANP J . 18.11 -2.51 11.21
O1A ANP J . 19.31 -1.98 10.55
O2A ANP J . 18.30 -2.95 12.66
O3A ANP J . 16.98 -1.46 11.25
O5' ANP J . 17.53 -3.64 10.32
C5' ANP J . 18.17 -3.94 9.09
C4' ANP J . 17.28 -3.55 7.95
O4' ANP J . 18.11 -3.25 6.81
C3' ANP J . 16.30 -4.64 7.53
O3' ANP J . 14.99 -4.37 7.98
C2' ANP J . 16.38 -4.64 6.00
O2' ANP J . 15.41 -3.78 5.42
C1' ANP J . 17.79 -4.11 5.73
N9 ANP J . 18.84 -5.11 5.59
C8 ANP J . 19.18 -6.12 6.47
N7 ANP J . 20.18 -6.87 6.06
C5 ANP J . 20.52 -6.31 4.84
C6 ANP J . 21.51 -6.63 3.89
N6 ANP J . 22.38 -7.65 4.04
N1 ANP J . 21.59 -5.88 2.78
C2 ANP J . 20.73 -4.87 2.63
N3 ANP J . 19.76 -4.46 3.45
C4 ANP J . 19.71 -5.23 4.54
MG MG K . 13.97 44.12 3.77
PG ANP L . 15.38 41.10 3.13
O1G ANP L . 16.02 41.08 4.47
O2G ANP L . 14.93 42.57 2.78
O3G ANP L . 16.46 40.61 2.08
PB ANP L . 12.62 40.93 3.12
O1B ANP L . 12.06 41.06 1.76
O2B ANP L . 12.86 42.33 3.72
N3B ANP L . 14.05 40.06 3.10
PA ANP L . 10.58 41.01 4.83
O1A ANP L . 11.23 41.99 5.72
O2A ANP L . 9.60 41.62 3.83
O3A ANP L . 11.61 40.18 4.00
O5' ANP L . 9.91 39.92 5.70
C5' ANP L . 9.80 38.60 5.15
C4' ANP L . 9.81 37.58 6.26
O4' ANP L . 9.30 38.17 7.46
C3' ANP L . 8.92 36.37 6.01
O3' ANP L . 9.61 35.35 5.31
C2' ANP L . 8.60 35.90 7.43
O2' ANP L . 9.61 35.01 7.91
C1' ANP L . 8.63 37.20 8.23
N9 ANP L . 7.31 37.71 8.56
C8 ANP L . 6.40 38.27 7.69
N7 ANP L . 5.29 38.66 8.26
C5 ANP L . 5.48 38.34 9.60
C6 ANP L . 4.66 38.48 10.73
N6 ANP L . 3.44 39.02 10.70
N1 ANP L . 5.14 38.05 11.91
C2 ANP L . 6.35 37.50 11.95
N3 ANP L . 7.21 37.31 10.95
C4 ANP L . 6.71 37.75 9.79
#